data_5S97
# 
_entry.id   5S97 
# 
_audit_conform.dict_name       mmcif_pdbx.dic 
_audit_conform.dict_version    5.387 
_audit_conform.dict_location   http://mmcif.pdb.org/dictionaries/ascii/mmcif_pdbx.dic 
# 
loop_
_database_2.database_id 
_database_2.database_code 
_database_2.pdbx_database_accession 
_database_2.pdbx_DOI 
PDB   5S97         pdb_00005s97 10.2210/pdb5s97/pdb 
WWPDB D_1001404216 ?            ?                   
# 
loop_
_pdbx_audit_revision_history.ordinal 
_pdbx_audit_revision_history.data_content_type 
_pdbx_audit_revision_history.major_revision 
_pdbx_audit_revision_history.minor_revision 
_pdbx_audit_revision_history.revision_date 
1 'Structure model' 1 0 2021-02-17 
2 'Structure model' 1 1 2024-03-06 
# 
_pdbx_audit_revision_details.ordinal             1 
_pdbx_audit_revision_details.revision_ordinal    1 
_pdbx_audit_revision_details.data_content_type   'Structure model' 
_pdbx_audit_revision_details.provider            repository 
_pdbx_audit_revision_details.type                'Initial release' 
_pdbx_audit_revision_details.description         ? 
_pdbx_audit_revision_details.details             ? 
# 
loop_
_pdbx_audit_revision_group.ordinal 
_pdbx_audit_revision_group.revision_ordinal 
_pdbx_audit_revision_group.data_content_type 
_pdbx_audit_revision_group.group 
1 2 'Structure model' 'Data collection'     
2 2 'Structure model' 'Database references' 
# 
loop_
_pdbx_audit_revision_category.ordinal 
_pdbx_audit_revision_category.revision_ordinal 
_pdbx_audit_revision_category.data_content_type 
_pdbx_audit_revision_category.category 
1 2 'Structure model' chem_comp_atom 
2 2 'Structure model' chem_comp_bond 
3 2 'Structure model' database_2     
# 
loop_
_pdbx_audit_revision_item.ordinal 
_pdbx_audit_revision_item.revision_ordinal 
_pdbx_audit_revision_item.data_content_type 
_pdbx_audit_revision_item.item 
1 2 'Structure model' '_database_2.pdbx_DOI'                
2 2 'Structure model' '_database_2.pdbx_database_accession' 
# 
_pdbx_database_status.entry_id                        5S97 
_pdbx_database_status.status_code                     REL 
_pdbx_database_status.status_code_sf                  REL 
_pdbx_database_status.status_code_mr                  ? 
_pdbx_database_status.status_code_cs                  ? 
_pdbx_database_status.recvd_initial_deposition_date   2021-01-22 
_pdbx_database_status.status_code_nmr_data            ? 
_pdbx_database_status.deposit_site                    RCSB 
_pdbx_database_status.process_site                    RCSB 
_pdbx_database_status.SG_entry                        ? 
_pdbx_database_status.pdb_format_compatible           Y 
_pdbx_database_status.methods_development_category    ? 
# 
loop_
_audit_author.name 
_audit_author.pdbx_ordinal 
_audit_author.identifier_ORCID 
'Grosjean, H.'     1  ? 
'Aimon, A.'        2  ? 
'Hassel-Hart , S.' 3  ? 
'Krojer, T.'       4  ? 
'Talon, R.'        5  ? 
'Douangamath, A.'  6  ? 
'Koekemoer, L.'    7  ? 
'Biggin, P.C.'     8  ? 
'Spencer, J.'      9  ? 
'von Delft, F.'    10 ? 
# 
_citation.id                        primary 
_citation.title                     
;Crystal Structures of the second bromodomain of Pleckstrin homology domain interacting protein (PHIP) in space group C2 soaked with crude reaction mixtures
;
_citation.journal_abbrev            'To Be Published' 
_citation.journal_volume            ? 
_citation.page_first                ? 
_citation.page_last                 ? 
_citation.year                      ? 
_citation.journal_id_ASTM           ? 
_citation.country                   ? 
_citation.journal_id_ISSN           ? 
_citation.journal_id_CSD            0353 
_citation.book_publisher            ? 
_citation.pdbx_database_id_PubMed   ? 
_citation.pdbx_database_id_DOI      ? 
# 
loop_
_citation_author.citation_id 
_citation_author.name 
_citation_author.identifier_ORCID 
_citation_author.ordinal 
primary 'Grosjean, H.'    ? 1  
primary 'Aimon, A.'       ? 2  
primary 'Hart , S.'       ? 3  
primary 'Krojer, T.'      ? 4  
primary 'Talon, R.'       ? 5  
primary 'Douangamath, A.' ? 6  
primary 'Koekemoer, L.'   ? 7  
primary 'Biggin, P.C.'    ? 8  
primary 'Spencer, J.'     ? 9  
primary 'von Delft, F.'   ? 10 
# 
loop_
_entity.id 
_entity.type 
_entity.src_method 
_entity.pdbx_description 
_entity.formula_weight 
_entity.pdbx_number_of_molecules 
_entity.pdbx_ec 
_entity.pdbx_mutation 
_entity.pdbx_fragment 
_entity.details 
1 polymer     man 'PH-interacting protein'                                                        17627.859 1   ? ? ? ? 
2 non-polymer syn '4-(5-methylfuran-2-carbonyl)-N-(2,2,2-trifluoroethyl)piperazine-1-carboxamide' 319.280   1   ? ? ? ? 
3 water       nat water                                                                           18.015    196 ? ? ? ? 
# 
_entity_name_com.entity_id   1 
_entity_name_com.name        
'PHIP,DDB1- and CUL4-associated factor 14,IRS-1 PH domain-binding protein,WD repeat-containing protein 11' 
# 
_entity_poly.entity_id                      1 
_entity_poly.type                           'polypeptide(L)' 
_entity_poly.nstd_linkage                   no 
_entity_poly.nstd_monomer                   no 
_entity_poly.pdbx_seq_one_letter_code       
;MHHHHHHSSGVDLGTENLYFQSMSYDIQAWKKQCEELLNLIFQCEDSEPFRQPVDLLEYPDYRDIIDTPMDFATVRETLE
AGNYESPMELCKDVRLIFSNSKAYTPSKRSRIYSMSLRLSAFFEEHISSVLSDYKSALRFHKRNTITKR
;
_entity_poly.pdbx_seq_one_letter_code_can   
;MHHHHHHSSGVDLGTENLYFQSMSYDIQAWKKQCEELLNLIFQCEDSEPFRQPVDLLEYPDYRDIIDTPMDFATVRETLE
AGNYESPMELCKDVRLIFSNSKAYTPSKRSRIYSMSLRLSAFFEEHISSVLSDYKSALRFHKRNTITKR
;
_entity_poly.pdbx_strand_id                 A 
_entity_poly.pdbx_target_identifier         ? 
# 
loop_
_pdbx_entity_nonpoly.entity_id 
_pdbx_entity_nonpoly.name 
_pdbx_entity_nonpoly.comp_id 
2 '4-(5-methylfuran-2-carbonyl)-N-(2,2,2-trifluoroethyl)piperazine-1-carboxamide' Y2V 
3 water                                                                           HOH 
# 
loop_
_entity_poly_seq.entity_id 
_entity_poly_seq.num 
_entity_poly_seq.mon_id 
_entity_poly_seq.hetero 
1 1   MET n 
1 2   HIS n 
1 3   HIS n 
1 4   HIS n 
1 5   HIS n 
1 6   HIS n 
1 7   HIS n 
1 8   SER n 
1 9   SER n 
1 10  GLY n 
1 11  VAL n 
1 12  ASP n 
1 13  LEU n 
1 14  GLY n 
1 15  THR n 
1 16  GLU n 
1 17  ASN n 
1 18  LEU n 
1 19  TYR n 
1 20  PHE n 
1 21  GLN n 
1 22  SER n 
1 23  MET n 
1 24  SER n 
1 25  TYR n 
1 26  ASP n 
1 27  ILE n 
1 28  GLN n 
1 29  ALA n 
1 30  TRP n 
1 31  LYS n 
1 32  LYS n 
1 33  GLN n 
1 34  CYS n 
1 35  GLU n 
1 36  GLU n 
1 37  LEU n 
1 38  LEU n 
1 39  ASN n 
1 40  LEU n 
1 41  ILE n 
1 42  PHE n 
1 43  GLN n 
1 44  CYS n 
1 45  GLU n 
1 46  ASP n 
1 47  SER n 
1 48  GLU n 
1 49  PRO n 
1 50  PHE n 
1 51  ARG n 
1 52  GLN n 
1 53  PRO n 
1 54  VAL n 
1 55  ASP n 
1 56  LEU n 
1 57  LEU n 
1 58  GLU n 
1 59  TYR n 
1 60  PRO n 
1 61  ASP n 
1 62  TYR n 
1 63  ARG n 
1 64  ASP n 
1 65  ILE n 
1 66  ILE n 
1 67  ASP n 
1 68  THR n 
1 69  PRO n 
1 70  MET n 
1 71  ASP n 
1 72  PHE n 
1 73  ALA n 
1 74  THR n 
1 75  VAL n 
1 76  ARG n 
1 77  GLU n 
1 78  THR n 
1 79  LEU n 
1 80  GLU n 
1 81  ALA n 
1 82  GLY n 
1 83  ASN n 
1 84  TYR n 
1 85  GLU n 
1 86  SER n 
1 87  PRO n 
1 88  MET n 
1 89  GLU n 
1 90  LEU n 
1 91  CYS n 
1 92  LYS n 
1 93  ASP n 
1 94  VAL n 
1 95  ARG n 
1 96  LEU n 
1 97  ILE n 
1 98  PHE n 
1 99  SER n 
1 100 ASN n 
1 101 SER n 
1 102 LYS n 
1 103 ALA n 
1 104 TYR n 
1 105 THR n 
1 106 PRO n 
1 107 SER n 
1 108 LYS n 
1 109 ARG n 
1 110 SER n 
1 111 ARG n 
1 112 ILE n 
1 113 TYR n 
1 114 SER n 
1 115 MET n 
1 116 SER n 
1 117 LEU n 
1 118 ARG n 
1 119 LEU n 
1 120 SER n 
1 121 ALA n 
1 122 PHE n 
1 123 PHE n 
1 124 GLU n 
1 125 GLU n 
1 126 HIS n 
1 127 ILE n 
1 128 SER n 
1 129 SER n 
1 130 VAL n 
1 131 LEU n 
1 132 SER n 
1 133 ASP n 
1 134 TYR n 
1 135 LYS n 
1 136 SER n 
1 137 ALA n 
1 138 LEU n 
1 139 ARG n 
1 140 PHE n 
1 141 HIS n 
1 142 LYS n 
1 143 ARG n 
1 144 ASN n 
1 145 THR n 
1 146 ILE n 
1 147 THR n 
1 148 LYS n 
1 149 ARG n 
# 
_entity_src_gen.entity_id                          1 
_entity_src_gen.pdbx_src_id                        1 
_entity_src_gen.pdbx_alt_source_flag               sample 
_entity_src_gen.pdbx_seq_type                      'Biological sequence' 
_entity_src_gen.pdbx_beg_seq_num                   1 
_entity_src_gen.pdbx_end_seq_num                   149 
_entity_src_gen.gene_src_common_name               Human 
_entity_src_gen.gene_src_genus                     ? 
_entity_src_gen.pdbx_gene_src_gene                 'PHIP, DCAF14, WDR11' 
_entity_src_gen.gene_src_species                   ? 
_entity_src_gen.gene_src_strain                    ? 
_entity_src_gen.gene_src_tissue                    ? 
_entity_src_gen.gene_src_tissue_fraction           ? 
_entity_src_gen.gene_src_details                   ? 
_entity_src_gen.pdbx_gene_src_fragment             ? 
_entity_src_gen.pdbx_gene_src_scientific_name      'Homo sapiens' 
_entity_src_gen.pdbx_gene_src_ncbi_taxonomy_id     9606 
_entity_src_gen.pdbx_gene_src_variant              ? 
_entity_src_gen.pdbx_gene_src_cell_line            ? 
_entity_src_gen.pdbx_gene_src_atcc                 ? 
_entity_src_gen.pdbx_gene_src_organ                ? 
_entity_src_gen.pdbx_gene_src_organelle            ? 
_entity_src_gen.pdbx_gene_src_cell                 ? 
_entity_src_gen.pdbx_gene_src_cellular_location    ? 
_entity_src_gen.host_org_common_name               ? 
_entity_src_gen.pdbx_host_org_scientific_name      'Escherichia coli' 
_entity_src_gen.pdbx_host_org_ncbi_taxonomy_id     562 
_entity_src_gen.host_org_genus                     ? 
_entity_src_gen.pdbx_host_org_gene                 ? 
_entity_src_gen.pdbx_host_org_organ                ? 
_entity_src_gen.host_org_species                   ? 
_entity_src_gen.pdbx_host_org_tissue               ? 
_entity_src_gen.pdbx_host_org_tissue_fraction      ? 
_entity_src_gen.pdbx_host_org_strain               ? 
_entity_src_gen.pdbx_host_org_variant              ? 
_entity_src_gen.pdbx_host_org_cell_line            ? 
_entity_src_gen.pdbx_host_org_atcc                 ? 
_entity_src_gen.pdbx_host_org_culture_collection   ? 
_entity_src_gen.pdbx_host_org_cell                 ? 
_entity_src_gen.pdbx_host_org_organelle            ? 
_entity_src_gen.pdbx_host_org_cellular_location    ? 
_entity_src_gen.pdbx_host_org_vector_type          ? 
_entity_src_gen.pdbx_host_org_vector               ? 
_entity_src_gen.host_org_details                   ? 
_entity_src_gen.expression_system_id               ? 
_entity_src_gen.plasmid_name                       ? 
_entity_src_gen.plasmid_details                    ? 
_entity_src_gen.pdbx_description                   ? 
# 
loop_
_chem_comp.id 
_chem_comp.type 
_chem_comp.mon_nstd_flag 
_chem_comp.name 
_chem_comp.pdbx_synonyms 
_chem_comp.formula 
_chem_comp.formula_weight 
ALA 'L-peptide linking' y ALANINE                                                                         ? 'C3 H7 N O2'       
89.093  
ARG 'L-peptide linking' y ARGININE                                                                        ? 'C6 H15 N4 O2 1'   
175.209 
ASN 'L-peptide linking' y ASPARAGINE                                                                      ? 'C4 H8 N2 O3'      
132.118 
ASP 'L-peptide linking' y 'ASPARTIC ACID'                                                                 ? 'C4 H7 N O4'       
133.103 
CYS 'L-peptide linking' y CYSTEINE                                                                        ? 'C3 H7 N O2 S'     
121.158 
GLN 'L-peptide linking' y GLUTAMINE                                                                       ? 'C5 H10 N2 O3'     
146.144 
GLU 'L-peptide linking' y 'GLUTAMIC ACID'                                                                 ? 'C5 H9 N O4'       
147.129 
GLY 'peptide linking'   y GLYCINE                                                                         ? 'C2 H5 N O2'       
75.067  
HIS 'L-peptide linking' y HISTIDINE                                                                       ? 'C6 H10 N3 O2 1'   
156.162 
HOH non-polymer         . WATER                                                                           ? 'H2 O'             
18.015  
ILE 'L-peptide linking' y ISOLEUCINE                                                                      ? 'C6 H13 N O2'      
131.173 
LEU 'L-peptide linking' y LEUCINE                                                                         ? 'C6 H13 N O2'      
131.173 
LYS 'L-peptide linking' y LYSINE                                                                          ? 'C6 H15 N2 O2 1'   
147.195 
MET 'L-peptide linking' y METHIONINE                                                                      ? 'C5 H11 N O2 S'    
149.211 
PHE 'L-peptide linking' y PHENYLALANINE                                                                   ? 'C9 H11 N O2'      
165.189 
PRO 'L-peptide linking' y PROLINE                                                                         ? 'C5 H9 N O2'       
115.130 
SER 'L-peptide linking' y SERINE                                                                          ? 'C3 H7 N O3'       
105.093 
THR 'L-peptide linking' y THREONINE                                                                       ? 'C4 H9 N O3'       
119.119 
TRP 'L-peptide linking' y TRYPTOPHAN                                                                      ? 'C11 H12 N2 O2'    
204.225 
TYR 'L-peptide linking' y TYROSINE                                                                        ? 'C9 H11 N O3'      
181.189 
VAL 'L-peptide linking' y VALINE                                                                          ? 'C5 H11 N O2'      
117.146 
Y2V non-polymer         . '4-(5-methylfuran-2-carbonyl)-N-(2,2,2-trifluoroethyl)piperazine-1-carboxamide' ? 'C13 H16 F3 N3 O3' 
319.280 
# 
loop_
_pdbx_poly_seq_scheme.asym_id 
_pdbx_poly_seq_scheme.entity_id 
_pdbx_poly_seq_scheme.seq_id 
_pdbx_poly_seq_scheme.mon_id 
_pdbx_poly_seq_scheme.ndb_seq_num 
_pdbx_poly_seq_scheme.pdb_seq_num 
_pdbx_poly_seq_scheme.auth_seq_num 
_pdbx_poly_seq_scheme.pdb_mon_id 
_pdbx_poly_seq_scheme.auth_mon_id 
_pdbx_poly_seq_scheme.pdb_strand_id 
_pdbx_poly_seq_scheme.pdb_ins_code 
_pdbx_poly_seq_scheme.hetero 
A 1 1   MET 1   1292 ?    ?   ?   A . n 
A 1 2   HIS 2   1293 ?    ?   ?   A . n 
A 1 3   HIS 3   1294 ?    ?   ?   A . n 
A 1 4   HIS 4   1295 ?    ?   ?   A . n 
A 1 5   HIS 5   1296 ?    ?   ?   A . n 
A 1 6   HIS 6   1297 ?    ?   ?   A . n 
A 1 7   HIS 7   1298 ?    ?   ?   A . n 
A 1 8   SER 8   1299 ?    ?   ?   A . n 
A 1 9   SER 9   1300 ?    ?   ?   A . n 
A 1 10  GLY 10  1301 ?    ?   ?   A . n 
A 1 11  VAL 11  1302 ?    ?   ?   A . n 
A 1 12  ASP 12  1303 ?    ?   ?   A . n 
A 1 13  LEU 13  1304 ?    ?   ?   A . n 
A 1 14  GLY 14  1305 ?    ?   ?   A . n 
A 1 15  THR 15  1306 ?    ?   ?   A . n 
A 1 16  GLU 16  1307 ?    ?   ?   A . n 
A 1 17  ASN 17  1308 ?    ?   ?   A . n 
A 1 18  LEU 18  1309 ?    ?   ?   A . n 
A 1 19  TYR 19  1310 ?    ?   ?   A . n 
A 1 20  PHE 20  1311 ?    ?   ?   A . n 
A 1 21  GLN 21  1312 ?    ?   ?   A . n 
A 1 22  SER 22  1313 ?    ?   ?   A . n 
A 1 23  MET 23  1314 ?    ?   ?   A . n 
A 1 24  SER 24  1315 ?    ?   ?   A . n 
A 1 25  TYR 25  1316 1316 TYR TYR A . n 
A 1 26  ASP 26  1317 1317 ASP ASP A . n 
A 1 27  ILE 27  1318 1318 ILE ILE A . n 
A 1 28  GLN 28  1319 1319 GLN GLN A . n 
A 1 29  ALA 29  1320 1320 ALA ALA A . n 
A 1 30  TRP 30  1321 1321 TRP TRP A . n 
A 1 31  LYS 31  1322 1322 LYS LYS A . n 
A 1 32  LYS 32  1323 1323 LYS LYS A . n 
A 1 33  GLN 33  1324 1324 GLN GLN A . n 
A 1 34  CYS 34  1325 1325 CYS CYS A . n 
A 1 35  GLU 35  1326 1326 GLU GLU A . n 
A 1 36  GLU 36  1327 1327 GLU GLU A . n 
A 1 37  LEU 37  1328 1328 LEU LEU A . n 
A 1 38  LEU 38  1329 1329 LEU LEU A . n 
A 1 39  ASN 39  1330 1330 ASN ASN A . n 
A 1 40  LEU 40  1331 1331 LEU LEU A . n 
A 1 41  ILE 41  1332 1332 ILE ILE A . n 
A 1 42  PHE 42  1333 1333 PHE PHE A . n 
A 1 43  GLN 43  1334 1334 GLN GLN A . n 
A 1 44  CYS 44  1335 1335 CYS CYS A . n 
A 1 45  GLU 45  1336 1336 GLU GLU A . n 
A 1 46  ASP 46  1337 1337 ASP ASP A . n 
A 1 47  SER 47  1338 1338 SER SER A . n 
A 1 48  GLU 48  1339 1339 GLU GLU A . n 
A 1 49  PRO 49  1340 1340 PRO PRO A . n 
A 1 50  PHE 50  1341 1341 PHE PHE A . n 
A 1 51  ARG 51  1342 1342 ARG ARG A . n 
A 1 52  GLN 52  1343 1343 GLN GLN A . n 
A 1 53  PRO 53  1344 1344 PRO PRO A . n 
A 1 54  VAL 54  1345 1345 VAL VAL A . n 
A 1 55  ASP 55  1346 1346 ASP ASP A . n 
A 1 56  LEU 56  1347 1347 LEU LEU A . n 
A 1 57  LEU 57  1348 1348 LEU LEU A . n 
A 1 58  GLU 58  1349 1349 GLU GLU A . n 
A 1 59  TYR 59  1350 1350 TYR TYR A . n 
A 1 60  PRO 60  1351 1351 PRO PRO A . n 
A 1 61  ASP 61  1352 1352 ASP ASP A . n 
A 1 62  TYR 62  1353 1353 TYR TYR A . n 
A 1 63  ARG 63  1354 1354 ARG ARG A . n 
A 1 64  ASP 64  1355 1355 ASP ASP A . n 
A 1 65  ILE 65  1356 1356 ILE ILE A . n 
A 1 66  ILE 66  1357 1357 ILE ILE A . n 
A 1 67  ASP 67  1358 1358 ASP ASP A . n 
A 1 68  THR 68  1359 1359 THR THR A . n 
A 1 69  PRO 69  1360 1360 PRO PRO A . n 
A 1 70  MET 70  1361 1361 MET MET A . n 
A 1 71  ASP 71  1362 1362 ASP ASP A . n 
A 1 72  PHE 72  1363 1363 PHE PHE A . n 
A 1 73  ALA 73  1364 1364 ALA ALA A . n 
A 1 74  THR 74  1365 1365 THR THR A . n 
A 1 75  VAL 75  1366 1366 VAL VAL A . n 
A 1 76  ARG 76  1367 1367 ARG ARG A . n 
A 1 77  GLU 77  1368 1368 GLU GLU A . n 
A 1 78  THR 78  1369 1369 THR THR A . n 
A 1 79  LEU 79  1370 1370 LEU LEU A . n 
A 1 80  GLU 80  1371 1371 GLU GLU A . n 
A 1 81  ALA 81  1372 1372 ALA ALA A . n 
A 1 82  GLY 82  1373 1373 GLY GLY A . n 
A 1 83  ASN 83  1374 1374 ASN ASN A . n 
A 1 84  TYR 84  1375 1375 TYR TYR A . n 
A 1 85  GLU 85  1376 1376 GLU GLU A . n 
A 1 86  SER 86  1377 1377 SER SER A . n 
A 1 87  PRO 87  1378 1378 PRO PRO A . n 
A 1 88  MET 88  1379 1379 MET MET A . n 
A 1 89  GLU 89  1380 1380 GLU GLU A . n 
A 1 90  LEU 90  1381 1381 LEU LEU A . n 
A 1 91  CYS 91  1382 1382 CYS CYS A . n 
A 1 92  LYS 92  1383 1383 LYS LYS A . n 
A 1 93  ASP 93  1384 1384 ASP ASP A . n 
A 1 94  VAL 94  1385 1385 VAL VAL A . n 
A 1 95  ARG 95  1386 1386 ARG ARG A . n 
A 1 96  LEU 96  1387 1387 LEU LEU A . n 
A 1 97  ILE 97  1388 1388 ILE ILE A . n 
A 1 98  PHE 98  1389 1389 PHE PHE A . n 
A 1 99  SER 99  1390 1390 SER SER A . n 
A 1 100 ASN 100 1391 1391 ASN ASN A . n 
A 1 101 SER 101 1392 1392 SER SER A . n 
A 1 102 LYS 102 1393 1393 LYS LYS A . n 
A 1 103 ALA 103 1394 1394 ALA ALA A . n 
A 1 104 TYR 104 1395 1395 TYR TYR A . n 
A 1 105 THR 105 1396 1396 THR THR A . n 
A 1 106 PRO 106 1397 1397 PRO PRO A . n 
A 1 107 SER 107 1398 1398 SER SER A . n 
A 1 108 LYS 108 1399 1399 LYS LYS A . n 
A 1 109 ARG 109 1400 1400 ARG ARG A . n 
A 1 110 SER 110 1401 1401 SER SER A . n 
A 1 111 ARG 111 1402 1402 ARG ARG A . n 
A 1 112 ILE 112 1403 1403 ILE ILE A . n 
A 1 113 TYR 113 1404 1404 TYR TYR A . n 
A 1 114 SER 114 1405 1405 SER SER A . n 
A 1 115 MET 115 1406 1406 MET MET A . n 
A 1 116 SER 116 1407 1407 SER SER A . n 
A 1 117 LEU 117 1408 1408 LEU LEU A . n 
A 1 118 ARG 118 1409 1409 ARG ARG A . n 
A 1 119 LEU 119 1410 1410 LEU LEU A . n 
A 1 120 SER 120 1411 1411 SER SER A . n 
A 1 121 ALA 121 1412 1412 ALA ALA A . n 
A 1 122 PHE 122 1413 1413 PHE PHE A . n 
A 1 123 PHE 123 1414 1414 PHE PHE A . n 
A 1 124 GLU 124 1415 1415 GLU GLU A . n 
A 1 125 GLU 125 1416 1416 GLU GLU A . n 
A 1 126 HIS 126 1417 1417 HIS HIS A . n 
A 1 127 ILE 127 1418 1418 ILE ILE A . n 
A 1 128 SER 128 1419 1419 SER SER A . n 
A 1 129 SER 129 1420 1420 SER SER A . n 
A 1 130 VAL 130 1421 1421 VAL VAL A . n 
A 1 131 LEU 131 1422 1422 LEU LEU A . n 
A 1 132 SER 132 1423 1423 SER SER A . n 
A 1 133 ASP 133 1424 1424 ASP ASP A . n 
A 1 134 TYR 134 1425 1425 TYR TYR A . n 
A 1 135 LYS 135 1426 1426 LYS LYS A . n 
A 1 136 SER 136 1427 1427 SER SER A . n 
A 1 137 ALA 137 1428 1428 ALA ALA A . n 
A 1 138 LEU 138 1429 1429 LEU LEU A . n 
A 1 139 ARG 139 1430 1430 ARG ARG A . n 
A 1 140 PHE 140 1431 1431 PHE PHE A . n 
A 1 141 HIS 141 1432 1432 HIS HIS A . n 
A 1 142 LYS 142 1433 1433 LYS LYS A . n 
A 1 143 ARG 143 1434 1434 ARG ARG A . n 
A 1 144 ASN 144 1435 ?    ?   ?   A . n 
A 1 145 THR 145 1436 ?    ?   ?   A . n 
A 1 146 ILE 146 1437 ?    ?   ?   A . n 
A 1 147 THR 147 1438 ?    ?   ?   A . n 
A 1 148 LYS 148 1439 ?    ?   ?   A . n 
A 1 149 ARG 149 1440 ?    ?   ?   A . n 
# 
loop_
_pdbx_nonpoly_scheme.asym_id 
_pdbx_nonpoly_scheme.entity_id 
_pdbx_nonpoly_scheme.mon_id 
_pdbx_nonpoly_scheme.ndb_seq_num 
_pdbx_nonpoly_scheme.pdb_seq_num 
_pdbx_nonpoly_scheme.auth_seq_num 
_pdbx_nonpoly_scheme.pdb_mon_id 
_pdbx_nonpoly_scheme.auth_mon_id 
_pdbx_nonpoly_scheme.pdb_strand_id 
_pdbx_nonpoly_scheme.pdb_ins_code 
B 2 Y2V 1   1501 1501 Y2V LIG A . 
C 3 HOH 1   1601 154  HOH HOH A . 
C 3 HOH 2   1602 151  HOH HOH A . 
C 3 HOH 3   1603 197  HOH HOH A . 
C 3 HOH 4   1604 160  HOH HOH A . 
C 3 HOH 5   1605 98   HOH HOH A . 
C 3 HOH 6   1606 85   HOH HOH A . 
C 3 HOH 7   1607 89   HOH HOH A . 
C 3 HOH 8   1608 26   HOH HOH A . 
C 3 HOH 9   1609 184  HOH HOH A . 
C 3 HOH 10  1610 100  HOH HOH A . 
C 3 HOH 11  1611 65   HOH HOH A . 
C 3 HOH 12  1612 124  HOH HOH A . 
C 3 HOH 13  1613 55   HOH HOH A . 
C 3 HOH 14  1614 121  HOH HOH A . 
C 3 HOH 15  1615 7    HOH HOH A . 
C 3 HOH 16  1616 173  HOH HOH A . 
C 3 HOH 17  1617 162  HOH HOH A . 
C 3 HOH 18  1618 128  HOH HOH A . 
C 3 HOH 19  1619 133  HOH HOH A . 
C 3 HOH 20  1620 92   HOH HOH A . 
C 3 HOH 21  1621 159  HOH HOH A . 
C 3 HOH 22  1622 20   HOH HOH A . 
C 3 HOH 23  1623 70   HOH HOH A . 
C 3 HOH 24  1624 187  HOH HOH A . 
C 3 HOH 25  1625 204  HOH HOH A . 
C 3 HOH 26  1626 10   HOH HOH A . 
C 3 HOH 27  1627 74   HOH HOH A . 
C 3 HOH 28  1628 83   HOH HOH A . 
C 3 HOH 29  1629 180  HOH HOH A . 
C 3 HOH 30  1630 31   HOH HOH A . 
C 3 HOH 31  1631 25   HOH HOH A . 
C 3 HOH 32  1632 139  HOH HOH A . 
C 3 HOH 33  1633 9    HOH HOH A . 
C 3 HOH 34  1634 182  HOH HOH A . 
C 3 HOH 35  1635 17   HOH HOH A . 
C 3 HOH 36  1636 52   HOH HOH A . 
C 3 HOH 37  1637 14   HOH HOH A . 
C 3 HOH 38  1638 41   HOH HOH A . 
C 3 HOH 39  1639 131  HOH HOH A . 
C 3 HOH 40  1640 161  HOH HOH A . 
C 3 HOH 41  1641 33   HOH HOH A . 
C 3 HOH 42  1642 76   HOH HOH A . 
C 3 HOH 43  1643 171  HOH HOH A . 
C 3 HOH 44  1644 142  HOH HOH A . 
C 3 HOH 45  1645 16   HOH HOH A . 
C 3 HOH 46  1646 141  HOH HOH A . 
C 3 HOH 47  1647 1    HOH HOH A . 
C 3 HOH 48  1648 150  HOH HOH A . 
C 3 HOH 49  1649 54   HOH HOH A . 
C 3 HOH 50  1650 176  HOH HOH A . 
C 3 HOH 51  1651 27   HOH HOH A . 
C 3 HOH 52  1652 130  HOH HOH A . 
C 3 HOH 53  1653 21   HOH HOH A . 
C 3 HOH 54  1654 50   HOH HOH A . 
C 3 HOH 55  1655 28   HOH HOH A . 
C 3 HOH 56  1656 140  HOH HOH A . 
C 3 HOH 57  1657 3    HOH HOH A . 
C 3 HOH 58  1658 75   HOH HOH A . 
C 3 HOH 59  1659 5    HOH HOH A . 
C 3 HOH 60  1660 4    HOH HOH A . 
C 3 HOH 61  1661 35   HOH HOH A . 
C 3 HOH 62  1662 39   HOH HOH A . 
C 3 HOH 63  1663 183  HOH HOH A . 
C 3 HOH 64  1664 77   HOH HOH A . 
C 3 HOH 65  1665 82   HOH HOH A . 
C 3 HOH 66  1666 122  HOH HOH A . 
C 3 HOH 67  1667 69   HOH HOH A . 
C 3 HOH 68  1668 106  HOH HOH A . 
C 3 HOH 69  1669 56   HOH HOH A . 
C 3 HOH 70  1670 62   HOH HOH A . 
C 3 HOH 71  1671 11   HOH HOH A . 
C 3 HOH 72  1672 143  HOH HOH A . 
C 3 HOH 73  1673 152  HOH HOH A . 
C 3 HOH 74  1674 45   HOH HOH A . 
C 3 HOH 75  1675 80   HOH HOH A . 
C 3 HOH 76  1676 63   HOH HOH A . 
C 3 HOH 77  1677 64   HOH HOH A . 
C 3 HOH 78  1678 127  HOH HOH A . 
C 3 HOH 79  1679 138  HOH HOH A . 
C 3 HOH 80  1680 179  HOH HOH A . 
C 3 HOH 81  1681 120  HOH HOH A . 
C 3 HOH 82  1682 6    HOH HOH A . 
C 3 HOH 83  1683 178  HOH HOH A . 
C 3 HOH 84  1684 42   HOH HOH A . 
C 3 HOH 85  1685 96   HOH HOH A . 
C 3 HOH 86  1686 84   HOH HOH A . 
C 3 HOH 87  1687 59   HOH HOH A . 
C 3 HOH 88  1688 23   HOH HOH A . 
C 3 HOH 89  1689 108  HOH HOH A . 
C 3 HOH 90  1690 145  HOH HOH A . 
C 3 HOH 91  1691 174  HOH HOH A . 
C 3 HOH 92  1692 181  HOH HOH A . 
C 3 HOH 93  1693 19   HOH HOH A . 
C 3 HOH 94  1694 123  HOH HOH A . 
C 3 HOH 95  1695 91   HOH HOH A . 
C 3 HOH 96  1696 157  HOH HOH A . 
C 3 HOH 97  1697 191  HOH HOH A . 
C 3 HOH 98  1698 36   HOH HOH A . 
C 3 HOH 99  1699 60   HOH HOH A . 
C 3 HOH 100 1700 71   HOH HOH A . 
C 3 HOH 101 1701 29   HOH HOH A . 
C 3 HOH 102 1702 146  HOH HOH A . 
C 3 HOH 103 1703 113  HOH HOH A . 
C 3 HOH 104 1704 38   HOH HOH A . 
C 3 HOH 105 1705 2    HOH HOH A . 
C 3 HOH 106 1706 40   HOH HOH A . 
C 3 HOH 107 1707 86   HOH HOH A . 
C 3 HOH 108 1708 101  HOH HOH A . 
C 3 HOH 109 1709 177  HOH HOH A . 
C 3 HOH 110 1710 88   HOH HOH A . 
C 3 HOH 111 1711 116  HOH HOH A . 
C 3 HOH 112 1712 117  HOH HOH A . 
C 3 HOH 113 1713 67   HOH HOH A . 
C 3 HOH 114 1714 105  HOH HOH A . 
C 3 HOH 115 1715 15   HOH HOH A . 
C 3 HOH 116 1716 119  HOH HOH A . 
C 3 HOH 117 1717 94   HOH HOH A . 
C 3 HOH 118 1718 158  HOH HOH A . 
C 3 HOH 119 1719 167  HOH HOH A . 
C 3 HOH 120 1720 48   HOH HOH A . 
C 3 HOH 121 1721 72   HOH HOH A . 
C 3 HOH 122 1722 95   HOH HOH A . 
C 3 HOH 123 1723 134  HOH HOH A . 
C 3 HOH 124 1724 90   HOH HOH A . 
C 3 HOH 125 1725 12   HOH HOH A . 
C 3 HOH 126 1726 22   HOH HOH A . 
C 3 HOH 127 1727 49   HOH HOH A . 
C 3 HOH 128 1728 135  HOH HOH A . 
C 3 HOH 129 1729 206  HOH HOH A . 
C 3 HOH 130 1730 34   HOH HOH A . 
C 3 HOH 131 1731 44   HOH HOH A . 
C 3 HOH 132 1732 13   HOH HOH A . 
C 3 HOH 133 1733 205  HOH HOH A . 
C 3 HOH 134 1734 57   HOH HOH A . 
C 3 HOH 135 1735 125  HOH HOH A . 
C 3 HOH 136 1736 136  HOH HOH A . 
C 3 HOH 137 1737 194  HOH HOH A . 
C 3 HOH 138 1738 165  HOH HOH A . 
C 3 HOH 139 1739 53   HOH HOH A . 
C 3 HOH 140 1740 118  HOH HOH A . 
C 3 HOH 141 1741 153  HOH HOH A . 
C 3 HOH 142 1742 109  HOH HOH A . 
C 3 HOH 143 1743 137  HOH HOH A . 
C 3 HOH 144 1744 81   HOH HOH A . 
C 3 HOH 145 1745 126  HOH HOH A . 
C 3 HOH 146 1746 172  HOH HOH A . 
C 3 HOH 147 1747 166  HOH HOH A . 
C 3 HOH 148 1748 202  HOH HOH A . 
C 3 HOH 149 1749 129  HOH HOH A . 
C 3 HOH 150 1750 175  HOH HOH A . 
C 3 HOH 151 1751 99   HOH HOH A . 
C 3 HOH 152 1752 185  HOH HOH A . 
C 3 HOH 153 1753 66   HOH HOH A . 
C 3 HOH 154 1754 114  HOH HOH A . 
C 3 HOH 155 1755 163  HOH HOH A . 
C 3 HOH 156 1756 37   HOH HOH A . 
C 3 HOH 157 1757 8    HOH HOH A . 
C 3 HOH 158 1758 198  HOH HOH A . 
C 3 HOH 159 1759 186  HOH HOH A . 
C 3 HOH 160 1760 30   HOH HOH A . 
C 3 HOH 161 1761 104  HOH HOH A . 
C 3 HOH 162 1762 115  HOH HOH A . 
C 3 HOH 163 1763 156  HOH HOH A . 
C 3 HOH 164 1764 107  HOH HOH A . 
C 3 HOH 165 1765 164  HOH HOH A . 
C 3 HOH 166 1766 199  HOH HOH A . 
C 3 HOH 167 1767 61   HOH HOH A . 
C 3 HOH 168 1768 110  HOH HOH A . 
C 3 HOH 169 1769 193  HOH HOH A . 
C 3 HOH 170 1770 190  HOH HOH A . 
C 3 HOH 171 1771 132  HOH HOH A . 
C 3 HOH 172 1772 51   HOH HOH A . 
C 3 HOH 173 1773 188  HOH HOH A . 
C 3 HOH 174 1774 112  HOH HOH A . 
C 3 HOH 175 1775 148  HOH HOH A . 
C 3 HOH 176 1776 93   HOH HOH A . 
C 3 HOH 177 1777 68   HOH HOH A . 
C 3 HOH 178 1778 102  HOH HOH A . 
C 3 HOH 179 1779 46   HOH HOH A . 
C 3 HOH 180 1780 201  HOH HOH A . 
C 3 HOH 181 1781 168  HOH HOH A . 
C 3 HOH 182 1782 170  HOH HOH A . 
C 3 HOH 183 1783 73   HOH HOH A . 
C 3 HOH 184 1784 78   HOH HOH A . 
C 3 HOH 185 1785 196  HOH HOH A . 
C 3 HOH 186 1786 195  HOH HOH A . 
C 3 HOH 187 1787 103  HOH HOH A . 
C 3 HOH 188 1788 192  HOH HOH A . 
C 3 HOH 189 1789 87   HOH HOH A . 
C 3 HOH 190 1790 149  HOH HOH A . 
C 3 HOH 191 1791 200  HOH HOH A . 
C 3 HOH 192 1792 111  HOH HOH A . 
C 3 HOH 193 1793 97   HOH HOH A . 
C 3 HOH 194 1794 189  HOH HOH A . 
C 3 HOH 195 1795 203  HOH HOH A . 
C 3 HOH 196 1796 79   HOH HOH A . 
# 
loop_
_pdbx_unobs_or_zero_occ_atoms.id 
_pdbx_unobs_or_zero_occ_atoms.PDB_model_num 
_pdbx_unobs_or_zero_occ_atoms.polymer_flag 
_pdbx_unobs_or_zero_occ_atoms.occupancy_flag 
_pdbx_unobs_or_zero_occ_atoms.auth_asym_id 
_pdbx_unobs_or_zero_occ_atoms.auth_comp_id 
_pdbx_unobs_or_zero_occ_atoms.auth_seq_id 
_pdbx_unobs_or_zero_occ_atoms.PDB_ins_code 
_pdbx_unobs_or_zero_occ_atoms.auth_atom_id 
_pdbx_unobs_or_zero_occ_atoms.label_alt_id 
_pdbx_unobs_or_zero_occ_atoms.label_asym_id 
_pdbx_unobs_or_zero_occ_atoms.label_comp_id 
_pdbx_unobs_or_zero_occ_atoms.label_seq_id 
_pdbx_unobs_or_zero_occ_atoms.label_atom_id 
1 1 Y 1 A LYS 1323 ? CE ? A LYS 32 CE 
2 1 Y 1 A LYS 1323 ? NZ ? A LYS 32 NZ 
# 
loop_
_software.pdbx_ordinal 
_software.name 
_software.version 
_software.date 
_software.type 
_software.contact_author 
_software.contact_author_email 
_software.classification 
_software.location 
_software.language 
_software.citation_id 
1 REFMAC      5.8.0267 ?               program 'Garib N. Murshudov' garib@ysbl.york.ac.uk    refinement        
http://www.ccp4.ac.uk/dist/html/refmac5.html        Fortran_77 ? 
2 Aimless     0.7.4    13/12/18        program 'Phil Evans'         ?                        'data scaling'    
http://www.mrc-lmb.cam.ac.uk/harry/pre/aimless.html ?          ? 
3 PDB_EXTRACT 3.23     'SEP. 23, 2016' package PDB                  deposit@deposit.rcsb.org 'data extraction' 
http://sw-tools.pdb.org/apps/PDB_EXTRACT/           C++        ? 
4 XDS         .        ?               program ?                    ?                        'data reduction'  ? ?          ? 
5 REFMAC      .        ?               program ?                    ?                        phasing           ? ?          ? 
# 
_cell.entry_id           5S97 
_cell.length_a           81.425 
_cell.length_b           27.154 
_cell.length_c           55.903 
_cell.angle_alpha        90.000 
_cell.angle_beta         100.370 
_cell.angle_gamma        90.000 
_cell.Z_PDB              4 
_cell.pdbx_unique_axis   ? 
# 
_symmetry.entry_id                         5S97 
_symmetry.space_group_name_H-M             'C 1 2 1' 
_symmetry.pdbx_full_space_group_name_H-M   ? 
_symmetry.cell_setting                     ? 
_symmetry.Int_Tables_number                5 
# 
_exptl.crystals_number   1 
_exptl.entry_id          5S97 
_exptl.method            'X-RAY DIFFRACTION' 
# 
_exptl_crystal.id                    1 
_exptl_crystal.pdbx_mosaicity        0.000 
_exptl_crystal.pdbx_mosaicity_esd    ? 
_exptl_crystal.density_Matthews      1.72 
_exptl_crystal.density_diffrn        ? 
_exptl_crystal.density_meas          ? 
_exptl_crystal.density_meas_temp     ? 
_exptl_crystal.density_percent_sol   28.67 
_exptl_crystal.size_max              ? 
_exptl_crystal.size_mid              ? 
_exptl_crystal.size_min              ? 
_exptl_crystal.size_rad              ? 
_exptl_crystal.description           ? 
_exptl_crystal.preparation           ? 
# 
_exptl_crystal_grow.crystal_id      1 
_exptl_crystal_grow.method          'VAPOR DIFFUSION, SITTING DROP' 
_exptl_crystal_grow.pH              5.6 
_exptl_crystal_grow.temp            277 
_exptl_crystal_grow.pdbx_details    '20% PEG 8000, 0.04M POTASSIUM PHOSPHATE' 
_exptl_crystal_grow.temp_details    ? 
_exptl_crystal_grow.pdbx_pH_range   ? 
# 
_diffrn.id                               1 
_diffrn.ambient_temp                     100 
_diffrn.crystal_id                       1 
_diffrn.ambient_temp_details             ? 
_diffrn.pdbx_serial_crystal_experiment   ? 
# 
_diffrn_detector.detector               PIXEL 
_diffrn_detector.type                   'DECTRIS PILATUS 6M' 
_diffrn_detector.pdbx_collection_date   2020-08-10 
_diffrn_detector.diffrn_id              1 
_diffrn_detector.details                ? 
# 
_diffrn_radiation.diffrn_id                        1 
_diffrn_radiation.wavelength_id                    1 
_diffrn_radiation.pdbx_diffrn_protocol             'SINGLE WAVELENGTH' 
_diffrn_radiation.pdbx_monochromatic_or_laue_m_l   ? 
_diffrn_radiation.monochromator                    ? 
_diffrn_radiation.pdbx_scattering_type             x-ray 
# 
_diffrn_radiation_wavelength.id           1 
_diffrn_radiation_wavelength.wavelength   0.9126 
_diffrn_radiation_wavelength.wt           1.0 
# 
_diffrn_source.diffrn_id                   1 
_diffrn_source.source                      SYNCHROTRON 
_diffrn_source.type                        'DIAMOND BEAMLINE I04-1' 
_diffrn_source.pdbx_wavelength_list        0.9126 
_diffrn_source.pdbx_synchrotron_site       Diamond 
_diffrn_source.pdbx_synchrotron_beamline   I04-1 
_diffrn_source.pdbx_wavelength             ? 
# 
_reflns.entry_id                     5S97 
_reflns.pdbx_diffrn_id               1 
_reflns.pdbx_ordinal                 1 
_reflns.observed_criterion_sigma_I   ? 
_reflns.observed_criterion_sigma_F   ? 
_reflns.d_resolution_low             54.990 
_reflns.d_resolution_high            1.150 
_reflns.number_obs                   37258 
_reflns.number_all                   ? 
_reflns.percent_possible_obs         86.300 
_reflns.pdbx_Rmerge_I_obs            0.065 
_reflns.pdbx_Rsym_value              ? 
_reflns.pdbx_netI_over_sigmaI        7.100 
_reflns.B_iso_Wilson_estimate        ? 
_reflns.pdbx_redundancy              2.500 
_reflns.pdbx_Rrim_I_all              0.079 
_reflns.pdbx_Rpim_I_all              0.044 
_reflns.pdbx_CC_half                 0.994 
_reflns.pdbx_netI_over_av_sigmaI     ? 
_reflns.pdbx_number_measured_all     92996 
_reflns.pdbx_scaling_rejects         32 
_reflns.pdbx_chi_squared             ? 
_reflns.Rmerge_F_all                 ? 
_reflns.Rmerge_F_obs                 ? 
_reflns.observed_criterion_F_max     ? 
_reflns.observed_criterion_F_min     ? 
_reflns.observed_criterion_I_max     ? 
_reflns.observed_criterion_I_min     ? 
_reflns.pdbx_d_res_high_opt          ? 
_reflns.pdbx_d_res_low_opt           ? 
_reflns.details                      ? 
_reflns.pdbx_CC_star                 ? 
# 
loop_
_reflns_shell.pdbx_diffrn_id 
_reflns_shell.pdbx_ordinal 
_reflns_shell.d_res_high 
_reflns_shell.d_res_low 
_reflns_shell.number_measured_obs 
_reflns_shell.number_measured_all 
_reflns_shell.number_unique_obs 
_reflns_shell.pdbx_rejects 
_reflns_shell.Rmerge_I_obs 
_reflns_shell.meanI_over_sigI_obs 
_reflns_shell.pdbx_Rsym_value 
_reflns_shell.pdbx_chi_squared 
_reflns_shell.pdbx_redundancy 
_reflns_shell.percent_possible_obs 
_reflns_shell.pdbx_netI_over_sigmaI_obs 
_reflns_shell.number_possible 
_reflns_shell.number_unique_all 
_reflns_shell.Rmerge_F_all 
_reflns_shell.Rmerge_F_obs 
_reflns_shell.Rmerge_I_all 
_reflns_shell.meanI_over_sigI_all 
_reflns_shell.percent_possible_all 
_reflns_shell.pdbx_Rrim_I_all 
_reflns_shell.pdbx_Rpim_I_all 
_reflns_shell.pdbx_CC_half 
_reflns_shell.pdbx_CC_star 
1 1 1.150 1.170  ? 630 ? ? 0.512 ? ? ? 1.000 ? 0.600  ? 613 ? ? ? ? 29.300 0.724 0.512 0.717 ? 
1 2 6.300 54.990 ? 874 ? ? 0.067 ? ? ? 2.900 ? 17.100 ? 298 ? ? ? ? 99.800 0.082 0.046 0.990 ? 
# 
_refine.entry_id                                 5S97 
_refine.pdbx_refine_id                           'X-RAY DIFFRACTION' 
_refine.ls_d_res_high                            1.1500 
_refine.ls_d_res_low                             54.9900 
_refine.pdbx_ls_sigma_F                          0.000 
_refine.pdbx_data_cutoff_high_absF               ? 
_refine.pdbx_data_cutoff_low_absF                ? 
_refine.ls_percent_reflns_obs                    85.3100 
_refine.ls_number_reflns_obs                     35054 
_refine.ls_number_reflns_all                     ? 
_refine.pdbx_ls_cross_valid_method               THROUGHOUT 
_refine.ls_matrix_type                           ? 
_refine.pdbx_R_Free_selection_details            RANDOM 
_refine.details                                  
'HYDROGENS HAVE BEEN ADDED IN THE RIDING POSITIONS U VALUES      : REFINED INDIVIDUALLY' 
_refine.ls_R_factor_all                          ? 
_refine.ls_R_factor_obs                          0.1787 
_refine.ls_R_factor_R_work                       0.1772 
_refine.ls_wR_factor_R_work                      ? 
_refine.ls_R_factor_R_free                       0.2059 
_refine.ls_wR_factor_R_free                      ? 
_refine.ls_percent_reflns_R_free                 5.0000 
_refine.ls_number_reflns_R_free                  1843 
_refine.ls_number_reflns_R_work                  ? 
_refine.ls_R_factor_R_free_error                 ? 
_refine.B_iso_mean                               15.5710 
_refine.solvent_model_param_bsol                 ? 
_refine.solvent_model_param_ksol                 ? 
_refine.pdbx_isotropic_thermal_model             ? 
_refine.aniso_B[1][1]                            -0.0400 
_refine.aniso_B[2][2]                            0.7700 
_refine.aniso_B[3][3]                            -0.7700 
_refine.aniso_B[1][2]                            0.0000 
_refine.aniso_B[1][3]                            0.2500 
_refine.aniso_B[2][3]                            -0.0000 
_refine.correlation_coeff_Fo_to_Fc               0.9730 
_refine.correlation_coeff_Fo_to_Fc_free          0.9640 
_refine.overall_SU_R_Cruickshank_DPI             ? 
_refine.pdbx_overall_SU_R_free_Cruickshank_DPI   ? 
_refine.pdbx_overall_SU_R_Blow_DPI               ? 
_refine.pdbx_overall_SU_R_free_Blow_DPI          ? 
_refine.overall_SU_R_free                        ? 
_refine.pdbx_overall_ESU_R                       0.0590 
_refine.pdbx_overall_ESU_R_Free                  0.0610 
_refine.overall_SU_ML                            0.0540 
_refine.overall_SU_B                             1.2900 
_refine.solvent_model_details                    MASK 
_refine.pdbx_solvent_vdw_probe_radii             1.2000 
_refine.pdbx_solvent_ion_probe_radii             0.8000 
_refine.pdbx_solvent_shrinkage_radii             0.8000 
_refine.ls_number_parameters                     ? 
_refine.ls_number_restraints                     ? 
_refine.pdbx_starting_model                      5RJI 
_refine.pdbx_method_to_determine_struct          'FOURIER SYNTHESIS' 
_refine.pdbx_stereochemistry_target_values       'MAXIMUM LIKELIHOOD' 
_refine.pdbx_stereochem_target_val_spec_case     ? 
_refine.overall_FOM_work_R_set                   ? 
_refine.B_iso_max                                66.080 
_refine.B_iso_min                                8.820 
_refine.pdbx_overall_phase_error                 ? 
_refine.occupancy_max                            ? 
_refine.occupancy_min                            ? 
_refine.pdbx_diffrn_id                           1 
_refine.pdbx_TLS_residual_ADP_flag               ? 
_refine.pdbx_ls_sigma_I                          ? 
_refine.pdbx_data_cutoff_high_rms_absF           ? 
_refine.ls_R_factor_R_free_error_details         ? 
# 
_refine_hist.cycle_id                         final 
_refine_hist.pdbx_refine_id                   'X-RAY DIFFRACTION' 
_refine_hist.d_res_high                       1.1500 
_refine_hist.d_res_low                        54.9900 
_refine_hist.pdbx_number_atoms_ligand         22 
_refine_hist.number_atoms_solvent             196 
_refine_hist.number_atoms_total               1208 
_refine_hist.pdbx_number_residues_total       119 
_refine_hist.pdbx_B_iso_mean_ligand           11.98 
_refine_hist.pdbx_B_iso_mean_solvent          27.53 
_refine_hist.pdbx_number_atoms_protein        990 
_refine_hist.pdbx_number_atoms_nucleic_acid   0 
# 
loop_
_refine_ls_restr.pdbx_refine_id 
_refine_ls_restr.type 
_refine_ls_restr.number 
_refine_ls_restr.dev_ideal 
_refine_ls_restr.dev_ideal_target 
_refine_ls_restr.weight 
_refine_ls_restr.pdbx_restraint_function 
'X-RAY DIFFRACTION' r_bond_refined_d       2388 0.010  0.014  ? ? 
'X-RAY DIFFRACTION' r_bond_other_d         1637 0.001  0.017  ? ? 
'X-RAY DIFFRACTION' r_angle_refined_deg    2556 1.657  1.658  ? ? 
'X-RAY DIFFRACTION' r_angle_other_deg      3841 1.526  1.609  ? ? 
'X-RAY DIFFRACTION' r_dihedral_angle_1_deg 241  5.648  5.000  ? ? 
'X-RAY DIFFRACTION' r_dihedral_angle_2_deg 107  25.699 21.963 ? ? 
'X-RAY DIFFRACTION' r_dihedral_angle_3_deg 312  12.910 15.000 ? ? 
'X-RAY DIFFRACTION' r_dihedral_angle_4_deg 15   10.488 15.000 ? ? 
'X-RAY DIFFRACTION' r_chiral_restr         227  0.094  0.200  ? ? 
'X-RAY DIFFRACTION' r_gen_planes_refined   2298 0.009  0.020  ? ? 
'X-RAY DIFFRACTION' r_gen_planes_other     436  0.002  0.020  ? ? 
'X-RAY DIFFRACTION' r_mcbond_it            1124 0.875  1.428  ? ? 
'X-RAY DIFFRACTION' r_mcbond_other         1107 0.882  1.414  ? ? 
'X-RAY DIFFRACTION' r_mcangle_it           1137 1.489  2.094  ? ? 
# 
_refine_ls_shell.d_res_high                       1.1500 
_refine_ls_shell.d_res_low                        1.1790 
_refine_ls_shell.pdbx_total_number_of_bins_used   20 
_refine_ls_shell.percent_reflns_obs               27.6900 
_refine_ls_shell.number_reflns_R_work             841 
_refine_ls_shell.R_factor_all                     ? 
_refine_ls_shell.R_factor_R_work                  0.4640 
_refine_ls_shell.R_factor_R_free                  0.5170 
_refine_ls_shell.percent_reflns_R_free            ? 
_refine_ls_shell.number_reflns_R_free             38 
_refine_ls_shell.R_factor_R_free_error            ? 
_refine_ls_shell.number_reflns_all                879 
_refine_ls_shell.number_reflns_obs                ? 
_refine_ls_shell.pdbx_refine_id                   'X-RAY DIFFRACTION' 
_refine_ls_shell.R_factor_obs                     ? 
# 
_struct.entry_id                  5S97 
_struct.title                     
'PanDDA analysis group deposition -- Crystal Structure of PHIP in complex with Z198194396 synthetic derivative' 
_struct.pdbx_model_details        ? 
_struct.pdbx_CASP_flag            ? 
_struct.pdbx_model_type_details   ? 
# 
_struct_keywords.entry_id        5S97 
_struct_keywords.text            
;SGC - Diamond I04-1 fragment screening, PanDDA, XChemExplorer, Robotic chemistry, Crystal soaking, Reaction crudes, SIGNALING PROTEIN
;
_struct_keywords.pdbx_keywords   'SIGNALING PROTEIN' 
# 
loop_
_struct_asym.id 
_struct_asym.pdbx_blank_PDB_chainid_flag 
_struct_asym.pdbx_modified 
_struct_asym.entity_id 
_struct_asym.details 
A N N 1 ? 
B N N 2 ? 
C N N 3 ? 
# 
_struct_ref.id                         1 
_struct_ref.db_name                    UNP 
_struct_ref.db_code                    PHIP_HUMAN 
_struct_ref.pdbx_db_accession          Q8WWQ0 
_struct_ref.pdbx_db_isoform            ? 
_struct_ref.entity_id                  1 
_struct_ref.pdbx_seq_one_letter_code   
;SYDIQAWKKQCEELLNLIFQCEDSEPFRQPVDLLEYPDYRDIIDTPMDFATVRETLEAGNYESPMELCKDVRLIFSNSKA
YTPSKRSRIYSMSLRLSAFFEEHISSVLSDYKSALRFHKRNTITKR
;
_struct_ref.pdbx_align_begin           1315 
# 
_struct_ref_seq.align_id                      1 
_struct_ref_seq.ref_id                        1 
_struct_ref_seq.pdbx_PDB_id_code              5S97 
_struct_ref_seq.pdbx_strand_id                A 
_struct_ref_seq.seq_align_beg                 24 
_struct_ref_seq.pdbx_seq_align_beg_ins_code   ? 
_struct_ref_seq.seq_align_end                 149 
_struct_ref_seq.pdbx_seq_align_end_ins_code   ? 
_struct_ref_seq.pdbx_db_accession             Q8WWQ0 
_struct_ref_seq.db_align_beg                  1315 
_struct_ref_seq.pdbx_db_align_beg_ins_code    ? 
_struct_ref_seq.db_align_end                  1440 
_struct_ref_seq.pdbx_db_align_end_ins_code    ? 
_struct_ref_seq.pdbx_auth_seq_align_beg       1315 
_struct_ref_seq.pdbx_auth_seq_align_end       1440 
# 
loop_
_struct_ref_seq_dif.align_id 
_struct_ref_seq_dif.pdbx_pdb_id_code 
_struct_ref_seq_dif.mon_id 
_struct_ref_seq_dif.pdbx_pdb_strand_id 
_struct_ref_seq_dif.seq_num 
_struct_ref_seq_dif.pdbx_pdb_ins_code 
_struct_ref_seq_dif.pdbx_seq_db_name 
_struct_ref_seq_dif.pdbx_seq_db_accession_code 
_struct_ref_seq_dif.db_mon_id 
_struct_ref_seq_dif.pdbx_seq_db_seq_num 
_struct_ref_seq_dif.details 
_struct_ref_seq_dif.pdbx_auth_seq_num 
_struct_ref_seq_dif.pdbx_ordinal 
1 5S97 MET A 1  ? UNP Q8WWQ0 ? ? 'initiating methionine' 1292 1  
1 5S97 HIS A 2  ? UNP Q8WWQ0 ? ? 'expression tag'        1293 2  
1 5S97 HIS A 3  ? UNP Q8WWQ0 ? ? 'expression tag'        1294 3  
1 5S97 HIS A 4  ? UNP Q8WWQ0 ? ? 'expression tag'        1295 4  
1 5S97 HIS A 5  ? UNP Q8WWQ0 ? ? 'expression tag'        1296 5  
1 5S97 HIS A 6  ? UNP Q8WWQ0 ? ? 'expression tag'        1297 6  
1 5S97 HIS A 7  ? UNP Q8WWQ0 ? ? 'expression tag'        1298 7  
1 5S97 SER A 8  ? UNP Q8WWQ0 ? ? 'expression tag'        1299 8  
1 5S97 SER A 9  ? UNP Q8WWQ0 ? ? 'expression tag'        1300 9  
1 5S97 GLY A 10 ? UNP Q8WWQ0 ? ? 'expression tag'        1301 10 
1 5S97 VAL A 11 ? UNP Q8WWQ0 ? ? 'expression tag'        1302 11 
1 5S97 ASP A 12 ? UNP Q8WWQ0 ? ? 'expression tag'        1303 12 
1 5S97 LEU A 13 ? UNP Q8WWQ0 ? ? 'expression tag'        1304 13 
1 5S97 GLY A 14 ? UNP Q8WWQ0 ? ? 'expression tag'        1305 14 
1 5S97 THR A 15 ? UNP Q8WWQ0 ? ? 'expression tag'        1306 15 
1 5S97 GLU A 16 ? UNP Q8WWQ0 ? ? 'expression tag'        1307 16 
1 5S97 ASN A 17 ? UNP Q8WWQ0 ? ? 'expression tag'        1308 17 
1 5S97 LEU A 18 ? UNP Q8WWQ0 ? ? 'expression tag'        1309 18 
1 5S97 TYR A 19 ? UNP Q8WWQ0 ? ? 'expression tag'        1310 19 
1 5S97 PHE A 20 ? UNP Q8WWQ0 ? ? 'expression tag'        1311 20 
1 5S97 GLN A 21 ? UNP Q8WWQ0 ? ? 'expression tag'        1312 21 
1 5S97 SER A 22 ? UNP Q8WWQ0 ? ? 'expression tag'        1313 22 
1 5S97 MET A 23 ? UNP Q8WWQ0 ? ? 'expression tag'        1314 23 
# 
_pdbx_struct_assembly.id                   1 
_pdbx_struct_assembly.details              author_and_software_defined_assembly 
_pdbx_struct_assembly.method_details       PISA 
_pdbx_struct_assembly.oligomeric_details   monomeric 
_pdbx_struct_assembly.oligomeric_count     1 
# 
_pdbx_struct_assembly_gen.assembly_id       1 
_pdbx_struct_assembly_gen.oper_expression   1 
_pdbx_struct_assembly_gen.asym_id_list      A,B,C 
# 
_pdbx_struct_oper_list.id                   1 
_pdbx_struct_oper_list.type                 'identity operation' 
_pdbx_struct_oper_list.name                 1_555 
_pdbx_struct_oper_list.symmetry_operation   x,y,z 
_pdbx_struct_oper_list.matrix[1][1]         1.0000000000 
_pdbx_struct_oper_list.matrix[1][2]         0.0000000000 
_pdbx_struct_oper_list.matrix[1][3]         0.0000000000 
_pdbx_struct_oper_list.vector[1]            0.0000000000 
_pdbx_struct_oper_list.matrix[2][1]         0.0000000000 
_pdbx_struct_oper_list.matrix[2][2]         1.0000000000 
_pdbx_struct_oper_list.matrix[2][3]         0.0000000000 
_pdbx_struct_oper_list.vector[2]            0.0000000000 
_pdbx_struct_oper_list.matrix[3][1]         0.0000000000 
_pdbx_struct_oper_list.matrix[3][2]         0.0000000000 
_pdbx_struct_oper_list.matrix[3][3]         1.0000000000 
_pdbx_struct_oper_list.vector[3]            0.0000000000 
# 
loop_
_struct_conf.conf_type_id 
_struct_conf.id 
_struct_conf.pdbx_PDB_helix_id 
_struct_conf.beg_label_comp_id 
_struct_conf.beg_label_asym_id 
_struct_conf.beg_label_seq_id 
_struct_conf.pdbx_beg_PDB_ins_code 
_struct_conf.end_label_comp_id 
_struct_conf.end_label_asym_id 
_struct_conf.end_label_seq_id 
_struct_conf.pdbx_end_PDB_ins_code 
_struct_conf.beg_auth_comp_id 
_struct_conf.beg_auth_asym_id 
_struct_conf.beg_auth_seq_id 
_struct_conf.end_auth_comp_id 
_struct_conf.end_auth_asym_id 
_struct_conf.end_auth_seq_id 
_struct_conf.pdbx_PDB_helix_class 
_struct_conf.details 
_struct_conf.pdbx_PDB_helix_length 
HELX_P HELX_P1 AA1 ALA A 29  ? CYS A 44  ? ALA A 1320 CYS A 1335 1 ? 16 
HELX_P HELX_P2 AA2 GLU A 45  ? ARG A 51  ? GLU A 1336 ARG A 1342 5 ? 7  
HELX_P HELX_P3 AA3 ASP A 61  ? ILE A 66  ? ASP A 1352 ILE A 1357 1 ? 6  
HELX_P HELX_P4 AA4 ASP A 71  ? ALA A 81  ? ASP A 1362 ALA A 1372 1 ? 11 
HELX_P HELX_P5 AA5 SER A 86  ? THR A 105 ? SER A 1377 THR A 1396 1 ? 20 
HELX_P HELX_P6 AA6 SER A 110 ? LYS A 142 ? SER A 1401 LYS A 1433 1 ? 33 
# 
_struct_conf_type.id          HELX_P 
_struct_conf_type.criteria    ? 
_struct_conf_type.reference   ? 
# 
_struct_site.id                   AC1 
_struct_site.pdbx_evidence_code   Software 
_struct_site.pdbx_auth_asym_id    A 
_struct_site.pdbx_auth_comp_id    Y2V 
_struct_site.pdbx_auth_seq_id     1501 
_struct_site.pdbx_auth_ins_code   ? 
_struct_site.pdbx_num_residues    15 
_struct_site.details              'binding site for residue Y2V A 1501' 
# 
loop_
_struct_site_gen.id 
_struct_site_gen.site_id 
_struct_site_gen.pdbx_num_res 
_struct_site_gen.label_comp_id 
_struct_site_gen.label_asym_id 
_struct_site_gen.label_seq_id 
_struct_site_gen.pdbx_auth_ins_code 
_struct_site_gen.auth_comp_id 
_struct_site_gen.auth_asym_id 
_struct_site_gen.auth_seq_id 
_struct_site_gen.label_atom_id 
_struct_site_gen.label_alt_id 
_struct_site_gen.symmetry 
_struct_site_gen.details 
1  AC1 15 GLU A 48  ? GLU A 1339 . ? 1_555 ? 
2  AC1 15 PRO A 49  ? PRO A 1340 . ? 1_555 ? 
3  AC1 15 PHE A 50  ? PHE A 1341 . ? 1_555 ? 
4  AC1 15 GLN A 52  ? GLN A 1343 . ? 1_555 ? 
5  AC1 15 PRO A 53  ? PRO A 1344 . ? 1_555 ? 
6  AC1 15 TYR A 59  ? TYR A 1350 . ? 1_555 ? 
7  AC1 15 SER A 101 ? SER A 1392 . ? 1_555 ? 
8  AC1 15 TYR A 104 ? TYR A 1395 . ? 1_555 ? 
9  AC1 15 THR A 105 ? THR A 1396 . ? 1_555 ? 
10 AC1 15 SER A 110 ? SER A 1401 . ? 1_555 ? 
11 AC1 15 ILE A 112 ? ILE A 1403 . ? 1_555 ? 
12 AC1 15 HOH C .   ? HOH A 1625 . ? 1_555 ? 
13 AC1 15 HOH C .   ? HOH A 1635 . ? 1_555 ? 
14 AC1 15 HOH C .   ? HOH A 1737 . ? 4_456 ? 
15 AC1 15 HOH C .   ? HOH A 1753 . ? 4_456 ? 
# 
loop_
_pdbx_validate_close_contact.id 
_pdbx_validate_close_contact.PDB_model_num 
_pdbx_validate_close_contact.auth_atom_id_1 
_pdbx_validate_close_contact.auth_asym_id_1 
_pdbx_validate_close_contact.auth_comp_id_1 
_pdbx_validate_close_contact.auth_seq_id_1 
_pdbx_validate_close_contact.PDB_ins_code_1 
_pdbx_validate_close_contact.label_alt_id_1 
_pdbx_validate_close_contact.auth_atom_id_2 
_pdbx_validate_close_contact.auth_asym_id_2 
_pdbx_validate_close_contact.auth_comp_id_2 
_pdbx_validate_close_contact.auth_seq_id_2 
_pdbx_validate_close_contact.PDB_ins_code_2 
_pdbx_validate_close_contact.label_alt_id_2 
_pdbx_validate_close_contact.dist 
1 1 O A HOH 1643 ? ? O A HOH 1672 ? ? 1.64 
2 1 O A HOH 1679 ? ? O A HOH 1697 ? ? 1.80 
3 1 O A HOH 1684 ? ? O A HOH 1751 ? ? 2.05 
4 1 O A HOH 1680 ? ? O A HOH 1741 ? ? 2.19 
# 
loop_
_pdbx_struct_special_symmetry.id 
_pdbx_struct_special_symmetry.PDB_model_num 
_pdbx_struct_special_symmetry.auth_asym_id 
_pdbx_struct_special_symmetry.auth_comp_id 
_pdbx_struct_special_symmetry.auth_seq_id 
_pdbx_struct_special_symmetry.PDB_ins_code 
_pdbx_struct_special_symmetry.label_asym_id 
_pdbx_struct_special_symmetry.label_comp_id 
_pdbx_struct_special_symmetry.label_seq_id 
1 1 A HOH 1668 ? C HOH . 
2 1 A HOH 1792 ? C HOH . 
# 
_phasing.method   MR 
# 
loop_
_pdbx_unobs_or_zero_occ_residues.id 
_pdbx_unobs_or_zero_occ_residues.PDB_model_num 
_pdbx_unobs_or_zero_occ_residues.polymer_flag 
_pdbx_unobs_or_zero_occ_residues.occupancy_flag 
_pdbx_unobs_or_zero_occ_residues.auth_asym_id 
_pdbx_unobs_or_zero_occ_residues.auth_comp_id 
_pdbx_unobs_or_zero_occ_residues.auth_seq_id 
_pdbx_unobs_or_zero_occ_residues.PDB_ins_code 
_pdbx_unobs_or_zero_occ_residues.label_asym_id 
_pdbx_unobs_or_zero_occ_residues.label_comp_id 
_pdbx_unobs_or_zero_occ_residues.label_seq_id 
1  1 Y 1 A MET 1292 ? A MET 1   
2  1 Y 1 A HIS 1293 ? A HIS 2   
3  1 Y 1 A HIS 1294 ? A HIS 3   
4  1 Y 1 A HIS 1295 ? A HIS 4   
5  1 Y 1 A HIS 1296 ? A HIS 5   
6  1 Y 1 A HIS 1297 ? A HIS 6   
7  1 Y 1 A HIS 1298 ? A HIS 7   
8  1 Y 1 A SER 1299 ? A SER 8   
9  1 Y 1 A SER 1300 ? A SER 9   
10 1 Y 1 A GLY 1301 ? A GLY 10  
11 1 Y 1 A VAL 1302 ? A VAL 11  
12 1 Y 1 A ASP 1303 ? A ASP 12  
13 1 Y 1 A LEU 1304 ? A LEU 13  
14 1 Y 1 A GLY 1305 ? A GLY 14  
15 1 Y 1 A THR 1306 ? A THR 15  
16 1 Y 1 A GLU 1307 ? A GLU 16  
17 1 Y 1 A ASN 1308 ? A ASN 17  
18 1 Y 1 A LEU 1309 ? A LEU 18  
19 1 Y 1 A TYR 1310 ? A TYR 19  
20 1 Y 1 A PHE 1311 ? A PHE 20  
21 1 Y 1 A GLN 1312 ? A GLN 21  
22 1 Y 1 A SER 1313 ? A SER 22  
23 1 Y 1 A MET 1314 ? A MET 23  
24 1 Y 1 A SER 1315 ? A SER 24  
25 1 Y 1 A ASN 1435 ? A ASN 144 
26 1 Y 1 A THR 1436 ? A THR 145 
27 1 Y 1 A ILE 1437 ? A ILE 146 
28 1 Y 1 A THR 1438 ? A THR 147 
29 1 Y 1 A LYS 1439 ? A LYS 148 
30 1 Y 1 A ARG 1440 ? A ARG 149 
# 
loop_
_chem_comp_atom.comp_id 
_chem_comp_atom.atom_id 
_chem_comp_atom.type_symbol 
_chem_comp_atom.pdbx_aromatic_flag 
_chem_comp_atom.pdbx_stereo_config 
_chem_comp_atom.pdbx_ordinal 
ALA N    N N N 1   
ALA CA   C N S 2   
ALA C    C N N 3   
ALA O    O N N 4   
ALA CB   C N N 5   
ALA OXT  O N N 6   
ALA H    H N N 7   
ALA H2   H N N 8   
ALA HA   H N N 9   
ALA HB1  H N N 10  
ALA HB2  H N N 11  
ALA HB3  H N N 12  
ALA HXT  H N N 13  
ARG N    N N N 14  
ARG CA   C N S 15  
ARG C    C N N 16  
ARG O    O N N 17  
ARG CB   C N N 18  
ARG CG   C N N 19  
ARG CD   C N N 20  
ARG NE   N N N 21  
ARG CZ   C N N 22  
ARG NH1  N N N 23  
ARG NH2  N N N 24  
ARG OXT  O N N 25  
ARG H    H N N 26  
ARG H2   H N N 27  
ARG HA   H N N 28  
ARG HB2  H N N 29  
ARG HB3  H N N 30  
ARG HG2  H N N 31  
ARG HG3  H N N 32  
ARG HD2  H N N 33  
ARG HD3  H N N 34  
ARG HE   H N N 35  
ARG HH11 H N N 36  
ARG HH12 H N N 37  
ARG HH21 H N N 38  
ARG HH22 H N N 39  
ARG HXT  H N N 40  
ASN N    N N N 41  
ASN CA   C N S 42  
ASN C    C N N 43  
ASN O    O N N 44  
ASN CB   C N N 45  
ASN CG   C N N 46  
ASN OD1  O N N 47  
ASN ND2  N N N 48  
ASN OXT  O N N 49  
ASN H    H N N 50  
ASN H2   H N N 51  
ASN HA   H N N 52  
ASN HB2  H N N 53  
ASN HB3  H N N 54  
ASN HD21 H N N 55  
ASN HD22 H N N 56  
ASN HXT  H N N 57  
ASP N    N N N 58  
ASP CA   C N S 59  
ASP C    C N N 60  
ASP O    O N N 61  
ASP CB   C N N 62  
ASP CG   C N N 63  
ASP OD1  O N N 64  
ASP OD2  O N N 65  
ASP OXT  O N N 66  
ASP H    H N N 67  
ASP H2   H N N 68  
ASP HA   H N N 69  
ASP HB2  H N N 70  
ASP HB3  H N N 71  
ASP HD2  H N N 72  
ASP HXT  H N N 73  
CYS N    N N N 74  
CYS CA   C N R 75  
CYS C    C N N 76  
CYS O    O N N 77  
CYS CB   C N N 78  
CYS SG   S N N 79  
CYS OXT  O N N 80  
CYS H    H N N 81  
CYS H2   H N N 82  
CYS HA   H N N 83  
CYS HB2  H N N 84  
CYS HB3  H N N 85  
CYS HG   H N N 86  
CYS HXT  H N N 87  
GLN N    N N N 88  
GLN CA   C N S 89  
GLN C    C N N 90  
GLN O    O N N 91  
GLN CB   C N N 92  
GLN CG   C N N 93  
GLN CD   C N N 94  
GLN OE1  O N N 95  
GLN NE2  N N N 96  
GLN OXT  O N N 97  
GLN H    H N N 98  
GLN H2   H N N 99  
GLN HA   H N N 100 
GLN HB2  H N N 101 
GLN HB3  H N N 102 
GLN HG2  H N N 103 
GLN HG3  H N N 104 
GLN HE21 H N N 105 
GLN HE22 H N N 106 
GLN HXT  H N N 107 
GLU N    N N N 108 
GLU CA   C N S 109 
GLU C    C N N 110 
GLU O    O N N 111 
GLU CB   C N N 112 
GLU CG   C N N 113 
GLU CD   C N N 114 
GLU OE1  O N N 115 
GLU OE2  O N N 116 
GLU OXT  O N N 117 
GLU H    H N N 118 
GLU H2   H N N 119 
GLU HA   H N N 120 
GLU HB2  H N N 121 
GLU HB3  H N N 122 
GLU HG2  H N N 123 
GLU HG3  H N N 124 
GLU HE2  H N N 125 
GLU HXT  H N N 126 
GLY N    N N N 127 
GLY CA   C N N 128 
GLY C    C N N 129 
GLY O    O N N 130 
GLY OXT  O N N 131 
GLY H    H N N 132 
GLY H2   H N N 133 
GLY HA2  H N N 134 
GLY HA3  H N N 135 
GLY HXT  H N N 136 
HIS N    N N N 137 
HIS CA   C N S 138 
HIS C    C N N 139 
HIS O    O N N 140 
HIS CB   C N N 141 
HIS CG   C Y N 142 
HIS ND1  N Y N 143 
HIS CD2  C Y N 144 
HIS CE1  C Y N 145 
HIS NE2  N Y N 146 
HIS OXT  O N N 147 
HIS H    H N N 148 
HIS H2   H N N 149 
HIS HA   H N N 150 
HIS HB2  H N N 151 
HIS HB3  H N N 152 
HIS HD1  H N N 153 
HIS HD2  H N N 154 
HIS HE1  H N N 155 
HIS HE2  H N N 156 
HIS HXT  H N N 157 
HOH O    O N N 158 
HOH H1   H N N 159 
HOH H2   H N N 160 
ILE N    N N N 161 
ILE CA   C N S 162 
ILE C    C N N 163 
ILE O    O N N 164 
ILE CB   C N S 165 
ILE CG1  C N N 166 
ILE CG2  C N N 167 
ILE CD1  C N N 168 
ILE OXT  O N N 169 
ILE H    H N N 170 
ILE H2   H N N 171 
ILE HA   H N N 172 
ILE HB   H N N 173 
ILE HG12 H N N 174 
ILE HG13 H N N 175 
ILE HG21 H N N 176 
ILE HG22 H N N 177 
ILE HG23 H N N 178 
ILE HD11 H N N 179 
ILE HD12 H N N 180 
ILE HD13 H N N 181 
ILE HXT  H N N 182 
LEU N    N N N 183 
LEU CA   C N S 184 
LEU C    C N N 185 
LEU O    O N N 186 
LEU CB   C N N 187 
LEU CG   C N N 188 
LEU CD1  C N N 189 
LEU CD2  C N N 190 
LEU OXT  O N N 191 
LEU H    H N N 192 
LEU H2   H N N 193 
LEU HA   H N N 194 
LEU HB2  H N N 195 
LEU HB3  H N N 196 
LEU HG   H N N 197 
LEU HD11 H N N 198 
LEU HD12 H N N 199 
LEU HD13 H N N 200 
LEU HD21 H N N 201 
LEU HD22 H N N 202 
LEU HD23 H N N 203 
LEU HXT  H N N 204 
LYS N    N N N 205 
LYS CA   C N S 206 
LYS C    C N N 207 
LYS O    O N N 208 
LYS CB   C N N 209 
LYS CG   C N N 210 
LYS CD   C N N 211 
LYS CE   C N N 212 
LYS NZ   N N N 213 
LYS OXT  O N N 214 
LYS H    H N N 215 
LYS H2   H N N 216 
LYS HA   H N N 217 
LYS HB2  H N N 218 
LYS HB3  H N N 219 
LYS HG2  H N N 220 
LYS HG3  H N N 221 
LYS HD2  H N N 222 
LYS HD3  H N N 223 
LYS HE2  H N N 224 
LYS HE3  H N N 225 
LYS HZ1  H N N 226 
LYS HZ2  H N N 227 
LYS HZ3  H N N 228 
LYS HXT  H N N 229 
MET N    N N N 230 
MET CA   C N S 231 
MET C    C N N 232 
MET O    O N N 233 
MET CB   C N N 234 
MET CG   C N N 235 
MET SD   S N N 236 
MET CE   C N N 237 
MET OXT  O N N 238 
MET H    H N N 239 
MET H2   H N N 240 
MET HA   H N N 241 
MET HB2  H N N 242 
MET HB3  H N N 243 
MET HG2  H N N 244 
MET HG3  H N N 245 
MET HE1  H N N 246 
MET HE2  H N N 247 
MET HE3  H N N 248 
MET HXT  H N N 249 
PHE N    N N N 250 
PHE CA   C N S 251 
PHE C    C N N 252 
PHE O    O N N 253 
PHE CB   C N N 254 
PHE CG   C Y N 255 
PHE CD1  C Y N 256 
PHE CD2  C Y N 257 
PHE CE1  C Y N 258 
PHE CE2  C Y N 259 
PHE CZ   C Y N 260 
PHE OXT  O N N 261 
PHE H    H N N 262 
PHE H2   H N N 263 
PHE HA   H N N 264 
PHE HB2  H N N 265 
PHE HB3  H N N 266 
PHE HD1  H N N 267 
PHE HD2  H N N 268 
PHE HE1  H N N 269 
PHE HE2  H N N 270 
PHE HZ   H N N 271 
PHE HXT  H N N 272 
PRO N    N N N 273 
PRO CA   C N S 274 
PRO C    C N N 275 
PRO O    O N N 276 
PRO CB   C N N 277 
PRO CG   C N N 278 
PRO CD   C N N 279 
PRO OXT  O N N 280 
PRO H    H N N 281 
PRO HA   H N N 282 
PRO HB2  H N N 283 
PRO HB3  H N N 284 
PRO HG2  H N N 285 
PRO HG3  H N N 286 
PRO HD2  H N N 287 
PRO HD3  H N N 288 
PRO HXT  H N N 289 
SER N    N N N 290 
SER CA   C N S 291 
SER C    C N N 292 
SER O    O N N 293 
SER CB   C N N 294 
SER OG   O N N 295 
SER OXT  O N N 296 
SER H    H N N 297 
SER H2   H N N 298 
SER HA   H N N 299 
SER HB2  H N N 300 
SER HB3  H N N 301 
SER HG   H N N 302 
SER HXT  H N N 303 
THR N    N N N 304 
THR CA   C N S 305 
THR C    C N N 306 
THR O    O N N 307 
THR CB   C N R 308 
THR OG1  O N N 309 
THR CG2  C N N 310 
THR OXT  O N N 311 
THR H    H N N 312 
THR H2   H N N 313 
THR HA   H N N 314 
THR HB   H N N 315 
THR HG1  H N N 316 
THR HG21 H N N 317 
THR HG22 H N N 318 
THR HG23 H N N 319 
THR HXT  H N N 320 
TRP N    N N N 321 
TRP CA   C N S 322 
TRP C    C N N 323 
TRP O    O N N 324 
TRP CB   C N N 325 
TRP CG   C Y N 326 
TRP CD1  C Y N 327 
TRP CD2  C Y N 328 
TRP NE1  N Y N 329 
TRP CE2  C Y N 330 
TRP CE3  C Y N 331 
TRP CZ2  C Y N 332 
TRP CZ3  C Y N 333 
TRP CH2  C Y N 334 
TRP OXT  O N N 335 
TRP H    H N N 336 
TRP H2   H N N 337 
TRP HA   H N N 338 
TRP HB2  H N N 339 
TRP HB3  H N N 340 
TRP HD1  H N N 341 
TRP HE1  H N N 342 
TRP HE3  H N N 343 
TRP HZ2  H N N 344 
TRP HZ3  H N N 345 
TRP HH2  H N N 346 
TRP HXT  H N N 347 
TYR N    N N N 348 
TYR CA   C N S 349 
TYR C    C N N 350 
TYR O    O N N 351 
TYR CB   C N N 352 
TYR CG   C Y N 353 
TYR CD1  C Y N 354 
TYR CD2  C Y N 355 
TYR CE1  C Y N 356 
TYR CE2  C Y N 357 
TYR CZ   C Y N 358 
TYR OH   O N N 359 
TYR OXT  O N N 360 
TYR H    H N N 361 
TYR H2   H N N 362 
TYR HA   H N N 363 
TYR HB2  H N N 364 
TYR HB3  H N N 365 
TYR HD1  H N N 366 
TYR HD2  H N N 367 
TYR HE1  H N N 368 
TYR HE2  H N N 369 
TYR HH   H N N 370 
TYR HXT  H N N 371 
VAL N    N N N 372 
VAL CA   C N S 373 
VAL C    C N N 374 
VAL O    O N N 375 
VAL CB   C N N 376 
VAL CG1  C N N 377 
VAL CG2  C N N 378 
VAL OXT  O N N 379 
VAL H    H N N 380 
VAL H2   H N N 381 
VAL HA   H N N 382 
VAL HB   H N N 383 
VAL HG11 H N N 384 
VAL HG12 H N N 385 
VAL HG13 H N N 386 
VAL HG21 H N N 387 
VAL HG22 H N N 388 
VAL HG23 H N N 389 
VAL HXT  H N N 390 
Y2V N1   N N N 391 
Y2V C4   C Y N 392 
Y2V C5   C N N 393 
Y2V C6   C N N 394 
Y2V C7   C N N 395 
Y2V C8   C N N 396 
Y2V C10  C N N 397 
Y2V N    N N N 398 
Y2V C    C N N 399 
Y2V O    O N N 400 
Y2V C1   C Y N 401 
Y2V C11  C N N 402 
Y2V C12  C N N 403 
Y2V C2   C Y N 404 
Y2V C3   C Y N 405 
Y2V C9   C N N 406 
Y2V F    F N N 407 
Y2V F1   F N N 408 
Y2V F2   F N N 409 
Y2V N2   N N N 410 
Y2V O1   O N N 411 
Y2V O2   O Y N 412 
Y2V H5   H N N 413 
Y2V H6   H N N 414 
Y2V H8   H N N 415 
Y2V H7   H N N 416 
Y2V H2   H N N 417 
Y2V H1   H N N 418 
Y2V H    H N N 419 
Y2V H12  H N N 420 
Y2V H13  H N N 421 
Y2V H15  H N N 422 
Y2V H14  H N N 423 
Y2V H3   H N N 424 
Y2V H4   H N N 425 
Y2V H10  H N N 426 
Y2V H11  H N N 427 
Y2V H9   H N N 428 
# 
loop_
_chem_comp_bond.comp_id 
_chem_comp_bond.atom_id_1 
_chem_comp_bond.atom_id_2 
_chem_comp_bond.value_order 
_chem_comp_bond.pdbx_aromatic_flag 
_chem_comp_bond.pdbx_stereo_config 
_chem_comp_bond.pdbx_ordinal 
ALA N   CA   sing N N 1   
ALA N   H    sing N N 2   
ALA N   H2   sing N N 3   
ALA CA  C    sing N N 4   
ALA CA  CB   sing N N 5   
ALA CA  HA   sing N N 6   
ALA C   O    doub N N 7   
ALA C   OXT  sing N N 8   
ALA CB  HB1  sing N N 9   
ALA CB  HB2  sing N N 10  
ALA CB  HB3  sing N N 11  
ALA OXT HXT  sing N N 12  
ARG N   CA   sing N N 13  
ARG N   H    sing N N 14  
ARG N   H2   sing N N 15  
ARG CA  C    sing N N 16  
ARG CA  CB   sing N N 17  
ARG CA  HA   sing N N 18  
ARG C   O    doub N N 19  
ARG C   OXT  sing N N 20  
ARG CB  CG   sing N N 21  
ARG CB  HB2  sing N N 22  
ARG CB  HB3  sing N N 23  
ARG CG  CD   sing N N 24  
ARG CG  HG2  sing N N 25  
ARG CG  HG3  sing N N 26  
ARG CD  NE   sing N N 27  
ARG CD  HD2  sing N N 28  
ARG CD  HD3  sing N N 29  
ARG NE  CZ   sing N N 30  
ARG NE  HE   sing N N 31  
ARG CZ  NH1  sing N N 32  
ARG CZ  NH2  doub N N 33  
ARG NH1 HH11 sing N N 34  
ARG NH1 HH12 sing N N 35  
ARG NH2 HH21 sing N N 36  
ARG NH2 HH22 sing N N 37  
ARG OXT HXT  sing N N 38  
ASN N   CA   sing N N 39  
ASN N   H    sing N N 40  
ASN N   H2   sing N N 41  
ASN CA  C    sing N N 42  
ASN CA  CB   sing N N 43  
ASN CA  HA   sing N N 44  
ASN C   O    doub N N 45  
ASN C   OXT  sing N N 46  
ASN CB  CG   sing N N 47  
ASN CB  HB2  sing N N 48  
ASN CB  HB3  sing N N 49  
ASN CG  OD1  doub N N 50  
ASN CG  ND2  sing N N 51  
ASN ND2 HD21 sing N N 52  
ASN ND2 HD22 sing N N 53  
ASN OXT HXT  sing N N 54  
ASP N   CA   sing N N 55  
ASP N   H    sing N N 56  
ASP N   H2   sing N N 57  
ASP CA  C    sing N N 58  
ASP CA  CB   sing N N 59  
ASP CA  HA   sing N N 60  
ASP C   O    doub N N 61  
ASP C   OXT  sing N N 62  
ASP CB  CG   sing N N 63  
ASP CB  HB2  sing N N 64  
ASP CB  HB3  sing N N 65  
ASP CG  OD1  doub N N 66  
ASP CG  OD2  sing N N 67  
ASP OD2 HD2  sing N N 68  
ASP OXT HXT  sing N N 69  
CYS N   CA   sing N N 70  
CYS N   H    sing N N 71  
CYS N   H2   sing N N 72  
CYS CA  C    sing N N 73  
CYS CA  CB   sing N N 74  
CYS CA  HA   sing N N 75  
CYS C   O    doub N N 76  
CYS C   OXT  sing N N 77  
CYS CB  SG   sing N N 78  
CYS CB  HB2  sing N N 79  
CYS CB  HB3  sing N N 80  
CYS SG  HG   sing N N 81  
CYS OXT HXT  sing N N 82  
GLN N   CA   sing N N 83  
GLN N   H    sing N N 84  
GLN N   H2   sing N N 85  
GLN CA  C    sing N N 86  
GLN CA  CB   sing N N 87  
GLN CA  HA   sing N N 88  
GLN C   O    doub N N 89  
GLN C   OXT  sing N N 90  
GLN CB  CG   sing N N 91  
GLN CB  HB2  sing N N 92  
GLN CB  HB3  sing N N 93  
GLN CG  CD   sing N N 94  
GLN CG  HG2  sing N N 95  
GLN CG  HG3  sing N N 96  
GLN CD  OE1  doub N N 97  
GLN CD  NE2  sing N N 98  
GLN NE2 HE21 sing N N 99  
GLN NE2 HE22 sing N N 100 
GLN OXT HXT  sing N N 101 
GLU N   CA   sing N N 102 
GLU N   H    sing N N 103 
GLU N   H2   sing N N 104 
GLU CA  C    sing N N 105 
GLU CA  CB   sing N N 106 
GLU CA  HA   sing N N 107 
GLU C   O    doub N N 108 
GLU C   OXT  sing N N 109 
GLU CB  CG   sing N N 110 
GLU CB  HB2  sing N N 111 
GLU CB  HB3  sing N N 112 
GLU CG  CD   sing N N 113 
GLU CG  HG2  sing N N 114 
GLU CG  HG3  sing N N 115 
GLU CD  OE1  doub N N 116 
GLU CD  OE2  sing N N 117 
GLU OE2 HE2  sing N N 118 
GLU OXT HXT  sing N N 119 
GLY N   CA   sing N N 120 
GLY N   H    sing N N 121 
GLY N   H2   sing N N 122 
GLY CA  C    sing N N 123 
GLY CA  HA2  sing N N 124 
GLY CA  HA3  sing N N 125 
GLY C   O    doub N N 126 
GLY C   OXT  sing N N 127 
GLY OXT HXT  sing N N 128 
HIS N   CA   sing N N 129 
HIS N   H    sing N N 130 
HIS N   H2   sing N N 131 
HIS CA  C    sing N N 132 
HIS CA  CB   sing N N 133 
HIS CA  HA   sing N N 134 
HIS C   O    doub N N 135 
HIS C   OXT  sing N N 136 
HIS CB  CG   sing N N 137 
HIS CB  HB2  sing N N 138 
HIS CB  HB3  sing N N 139 
HIS CG  ND1  sing Y N 140 
HIS CG  CD2  doub Y N 141 
HIS ND1 CE1  doub Y N 142 
HIS ND1 HD1  sing N N 143 
HIS CD2 NE2  sing Y N 144 
HIS CD2 HD2  sing N N 145 
HIS CE1 NE2  sing Y N 146 
HIS CE1 HE1  sing N N 147 
HIS NE2 HE2  sing N N 148 
HIS OXT HXT  sing N N 149 
HOH O   H1   sing N N 150 
HOH O   H2   sing N N 151 
ILE N   CA   sing N N 152 
ILE N   H    sing N N 153 
ILE N   H2   sing N N 154 
ILE CA  C    sing N N 155 
ILE CA  CB   sing N N 156 
ILE CA  HA   sing N N 157 
ILE C   O    doub N N 158 
ILE C   OXT  sing N N 159 
ILE CB  CG1  sing N N 160 
ILE CB  CG2  sing N N 161 
ILE CB  HB   sing N N 162 
ILE CG1 CD1  sing N N 163 
ILE CG1 HG12 sing N N 164 
ILE CG1 HG13 sing N N 165 
ILE CG2 HG21 sing N N 166 
ILE CG2 HG22 sing N N 167 
ILE CG2 HG23 sing N N 168 
ILE CD1 HD11 sing N N 169 
ILE CD1 HD12 sing N N 170 
ILE CD1 HD13 sing N N 171 
ILE OXT HXT  sing N N 172 
LEU N   CA   sing N N 173 
LEU N   H    sing N N 174 
LEU N   H2   sing N N 175 
LEU CA  C    sing N N 176 
LEU CA  CB   sing N N 177 
LEU CA  HA   sing N N 178 
LEU C   O    doub N N 179 
LEU C   OXT  sing N N 180 
LEU CB  CG   sing N N 181 
LEU CB  HB2  sing N N 182 
LEU CB  HB3  sing N N 183 
LEU CG  CD1  sing N N 184 
LEU CG  CD2  sing N N 185 
LEU CG  HG   sing N N 186 
LEU CD1 HD11 sing N N 187 
LEU CD1 HD12 sing N N 188 
LEU CD1 HD13 sing N N 189 
LEU CD2 HD21 sing N N 190 
LEU CD2 HD22 sing N N 191 
LEU CD2 HD23 sing N N 192 
LEU OXT HXT  sing N N 193 
LYS N   CA   sing N N 194 
LYS N   H    sing N N 195 
LYS N   H2   sing N N 196 
LYS CA  C    sing N N 197 
LYS CA  CB   sing N N 198 
LYS CA  HA   sing N N 199 
LYS C   O    doub N N 200 
LYS C   OXT  sing N N 201 
LYS CB  CG   sing N N 202 
LYS CB  HB2  sing N N 203 
LYS CB  HB3  sing N N 204 
LYS CG  CD   sing N N 205 
LYS CG  HG2  sing N N 206 
LYS CG  HG3  sing N N 207 
LYS CD  CE   sing N N 208 
LYS CD  HD2  sing N N 209 
LYS CD  HD3  sing N N 210 
LYS CE  NZ   sing N N 211 
LYS CE  HE2  sing N N 212 
LYS CE  HE3  sing N N 213 
LYS NZ  HZ1  sing N N 214 
LYS NZ  HZ2  sing N N 215 
LYS NZ  HZ3  sing N N 216 
LYS OXT HXT  sing N N 217 
MET N   CA   sing N N 218 
MET N   H    sing N N 219 
MET N   H2   sing N N 220 
MET CA  C    sing N N 221 
MET CA  CB   sing N N 222 
MET CA  HA   sing N N 223 
MET C   O    doub N N 224 
MET C   OXT  sing N N 225 
MET CB  CG   sing N N 226 
MET CB  HB2  sing N N 227 
MET CB  HB3  sing N N 228 
MET CG  SD   sing N N 229 
MET CG  HG2  sing N N 230 
MET CG  HG3  sing N N 231 
MET SD  CE   sing N N 232 
MET CE  HE1  sing N N 233 
MET CE  HE2  sing N N 234 
MET CE  HE3  sing N N 235 
MET OXT HXT  sing N N 236 
PHE N   CA   sing N N 237 
PHE N   H    sing N N 238 
PHE N   H2   sing N N 239 
PHE CA  C    sing N N 240 
PHE CA  CB   sing N N 241 
PHE CA  HA   sing N N 242 
PHE C   O    doub N N 243 
PHE C   OXT  sing N N 244 
PHE CB  CG   sing N N 245 
PHE CB  HB2  sing N N 246 
PHE CB  HB3  sing N N 247 
PHE CG  CD1  doub Y N 248 
PHE CG  CD2  sing Y N 249 
PHE CD1 CE1  sing Y N 250 
PHE CD1 HD1  sing N N 251 
PHE CD2 CE2  doub Y N 252 
PHE CD2 HD2  sing N N 253 
PHE CE1 CZ   doub Y N 254 
PHE CE1 HE1  sing N N 255 
PHE CE2 CZ   sing Y N 256 
PHE CE2 HE2  sing N N 257 
PHE CZ  HZ   sing N N 258 
PHE OXT HXT  sing N N 259 
PRO N   CA   sing N N 260 
PRO N   CD   sing N N 261 
PRO N   H    sing N N 262 
PRO CA  C    sing N N 263 
PRO CA  CB   sing N N 264 
PRO CA  HA   sing N N 265 
PRO C   O    doub N N 266 
PRO C   OXT  sing N N 267 
PRO CB  CG   sing N N 268 
PRO CB  HB2  sing N N 269 
PRO CB  HB3  sing N N 270 
PRO CG  CD   sing N N 271 
PRO CG  HG2  sing N N 272 
PRO CG  HG3  sing N N 273 
PRO CD  HD2  sing N N 274 
PRO CD  HD3  sing N N 275 
PRO OXT HXT  sing N N 276 
SER N   CA   sing N N 277 
SER N   H    sing N N 278 
SER N   H2   sing N N 279 
SER CA  C    sing N N 280 
SER CA  CB   sing N N 281 
SER CA  HA   sing N N 282 
SER C   O    doub N N 283 
SER C   OXT  sing N N 284 
SER CB  OG   sing N N 285 
SER CB  HB2  sing N N 286 
SER CB  HB3  sing N N 287 
SER OG  HG   sing N N 288 
SER OXT HXT  sing N N 289 
THR N   CA   sing N N 290 
THR N   H    sing N N 291 
THR N   H2   sing N N 292 
THR CA  C    sing N N 293 
THR CA  CB   sing N N 294 
THR CA  HA   sing N N 295 
THR C   O    doub N N 296 
THR C   OXT  sing N N 297 
THR CB  OG1  sing N N 298 
THR CB  CG2  sing N N 299 
THR CB  HB   sing N N 300 
THR OG1 HG1  sing N N 301 
THR CG2 HG21 sing N N 302 
THR CG2 HG22 sing N N 303 
THR CG2 HG23 sing N N 304 
THR OXT HXT  sing N N 305 
TRP N   CA   sing N N 306 
TRP N   H    sing N N 307 
TRP N   H2   sing N N 308 
TRP CA  C    sing N N 309 
TRP CA  CB   sing N N 310 
TRP CA  HA   sing N N 311 
TRP C   O    doub N N 312 
TRP C   OXT  sing N N 313 
TRP CB  CG   sing N N 314 
TRP CB  HB2  sing N N 315 
TRP CB  HB3  sing N N 316 
TRP CG  CD1  doub Y N 317 
TRP CG  CD2  sing Y N 318 
TRP CD1 NE1  sing Y N 319 
TRP CD1 HD1  sing N N 320 
TRP CD2 CE2  doub Y N 321 
TRP CD2 CE3  sing Y N 322 
TRP NE1 CE2  sing Y N 323 
TRP NE1 HE1  sing N N 324 
TRP CE2 CZ2  sing Y N 325 
TRP CE3 CZ3  doub Y N 326 
TRP CE3 HE3  sing N N 327 
TRP CZ2 CH2  doub Y N 328 
TRP CZ2 HZ2  sing N N 329 
TRP CZ3 CH2  sing Y N 330 
TRP CZ3 HZ3  sing N N 331 
TRP CH2 HH2  sing N N 332 
TRP OXT HXT  sing N N 333 
TYR N   CA   sing N N 334 
TYR N   H    sing N N 335 
TYR N   H2   sing N N 336 
TYR CA  C    sing N N 337 
TYR CA  CB   sing N N 338 
TYR CA  HA   sing N N 339 
TYR C   O    doub N N 340 
TYR C   OXT  sing N N 341 
TYR CB  CG   sing N N 342 
TYR CB  HB2  sing N N 343 
TYR CB  HB3  sing N N 344 
TYR CG  CD1  doub Y N 345 
TYR CG  CD2  sing Y N 346 
TYR CD1 CE1  sing Y N 347 
TYR CD1 HD1  sing N N 348 
TYR CD2 CE2  doub Y N 349 
TYR CD2 HD2  sing N N 350 
TYR CE1 CZ   doub Y N 351 
TYR CE1 HE1  sing N N 352 
TYR CE2 CZ   sing Y N 353 
TYR CE2 HE2  sing N N 354 
TYR CZ  OH   sing N N 355 
TYR OH  HH   sing N N 356 
TYR OXT HXT  sing N N 357 
VAL N   CA   sing N N 358 
VAL N   H    sing N N 359 
VAL N   H2   sing N N 360 
VAL CA  C    sing N N 361 
VAL CA  CB   sing N N 362 
VAL CA  HA   sing N N 363 
VAL C   O    doub N N 364 
VAL C   OXT  sing N N 365 
VAL CB  CG1  sing N N 366 
VAL CB  CG2  sing N N 367 
VAL CB  HB   sing N N 368 
VAL CG1 HG11 sing N N 369 
VAL CG1 HG12 sing N N 370 
VAL CG1 HG13 sing N N 371 
VAL CG2 HG21 sing N N 372 
VAL CG2 HG22 sing N N 373 
VAL CG2 HG23 sing N N 374 
VAL OXT HXT  sing N N 375 
Y2V C   C1   sing N N 376 
Y2V C1  C2   doub Y N 377 
Y2V C2  C3   sing Y N 378 
Y2V C3  C4   doub Y N 379 
Y2V C4  C5   sing N N 380 
Y2V O   C5   doub N N 381 
Y2V C5  N    sing N N 382 
Y2V N   C6   sing N N 383 
Y2V C6  C7   sing N N 384 
Y2V C7  N1   sing N N 385 
Y2V N1  C8   sing N N 386 
Y2V O1  C8   doub N N 387 
Y2V C8  N2   sing N N 388 
Y2V N2  C9   sing N N 389 
Y2V C9  C10  sing N N 390 
Y2V F   C10  sing N N 391 
Y2V F1  C10  sing N N 392 
Y2V C10 F2   sing N N 393 
Y2V C11 N1   sing N N 394 
Y2V C12 C11  sing N N 395 
Y2V N   C12  sing N N 396 
Y2V O2  C4   sing Y N 397 
Y2V C1  O2   sing Y N 398 
Y2V C6  H5   sing N N 399 
Y2V C6  H6   sing N N 400 
Y2V C7  H8   sing N N 401 
Y2V C7  H7   sing N N 402 
Y2V C   H2   sing N N 403 
Y2V C   H1   sing N N 404 
Y2V C   H    sing N N 405 
Y2V C11 H12  sing N N 406 
Y2V C11 H13  sing N N 407 
Y2V C12 H15  sing N N 408 
Y2V C12 H14  sing N N 409 
Y2V C2  H3   sing N N 410 
Y2V C3  H4   sing N N 411 
Y2V C9  H10  sing N N 412 
Y2V C9  H11  sing N N 413 
Y2V N2  H9   sing N N 414 
# 
_pdbx_deposit_group.group_id            G_1002190 
_pdbx_deposit_group.group_description   
;XDomainX of XOrganismX PHIP screened against crude reaction mixtures by X-ray Crystallography at the XChem facility of Diamond Light Source beamline I04-1
;
_pdbx_deposit_group.group_title         'PanDDA analysis group deposition' 
_pdbx_deposit_group.group_type          'changed state' 
# 
_atom_sites.entry_id                    5S97 
_atom_sites.fract_transf_matrix[1][1]   -0.01003422 
_atom_sites.fract_transf_matrix[1][2]   -0.00266124 
_atom_sites.fract_transf_matrix[1][3]   0.00693572 
_atom_sites.fract_transf_matrix[2][1]   -0.00352933 
_atom_sites.fract_transf_matrix[2][2]   0.03564171 
_atom_sites.fract_transf_matrix[2][3]   0.00856972 
_atom_sites.fract_transf_matrix[3][1]   -0.01313526 
_atom_sites.fract_transf_matrix[3][2]   0.00169552 
_atom_sites.fract_transf_matrix[3][3]   -0.01246132 
_atom_sites.fract_transf_vector[1]      -0.146253 
_atom_sites.fract_transf_vector[2]      0.456612 
_atom_sites.fract_transf_vector[3]      0.233440 
# 
loop_
_atom_type.symbol 
C 
F 
N 
O 
S 
# 
loop_
_atom_site.group_PDB 
_atom_site.id 
_atom_site.type_symbol 
_atom_site.label_atom_id 
_atom_site.label_alt_id 
_atom_site.label_comp_id 
_atom_site.label_asym_id 
_atom_site.label_entity_id 
_atom_site.label_seq_id 
_atom_site.pdbx_PDB_ins_code 
_atom_site.Cartn_x 
_atom_site.Cartn_y 
_atom_site.Cartn_z 
_atom_site.occupancy 
_atom_site.B_iso_or_equiv 
_atom_site.pdbx_formal_charge 
_atom_site.auth_seq_id 
_atom_site.auth_comp_id 
_atom_site.auth_asym_id 
_atom_site.auth_atom_id 
_atom_site.pdbx_PDB_model_num 
ATOM   1    N N   . TYR A 1 25  ? 12.741  -3.909  20.076  1.00 20.28 ? 1316 TYR A N   1 
ATOM   2    C CA  . TYR A 1 25  ? 12.028  -5.185  20.358  1.00 19.61 ? 1316 TYR A CA  1 
ATOM   3    C C   . TYR A 1 25  ? 10.568  -4.884  20.741  1.00 15.56 ? 1316 TYR A C   1 
ATOM   4    O O   . TYR A 1 25  ? 9.890   -5.767  21.253  1.00 15.26 ? 1316 TYR A O   1 
ATOM   5    C CB  . TYR A 1 25  ? 12.714  -6.096  21.362  1.00 23.88 ? 1316 TYR A CB  1 
ATOM   6    C CG  . TYR A 1 25  ? 14.150  -6.453  21.076  1.00 24.41 ? 1316 TYR A CG  1 
ATOM   7    C CD1 . TYR A 1 25  ? 14.587  -6.885  19.824  1.00 26.21 ? 1316 TYR A CD1 1 
ATOM   8    C CD2 . TYR A 1 25  ? 15.061  -6.391  22.116  1.00 24.92 ? 1316 TYR A CD2 1 
ATOM   9    C CE1 . TYR A 1 25  ? 15.920  -7.218  19.608  1.00 25.57 ? 1316 TYR A CE1 1 
ATOM   10   C CE2 . TYR A 1 25  ? 16.389  -6.740  21.919  1.00 23.87 ? 1316 TYR A CE2 1 
ATOM   11   C CZ  . TYR A 1 25  ? 16.812  -7.151  20.669  1.00 25.18 ? 1316 TYR A CZ  1 
ATOM   12   O OH  . TYR A 1 25  ? 18.130  -7.504  20.490  1.00 24.28 ? 1316 TYR A OH  1 
ATOM   13   N N   . ASP A 1 26  ? 10.059  -3.727  20.326  1.00 14.05 ? 1317 ASP A N   1 
ATOM   14   C CA  . ASP A 1 26  ? 8.630   -3.354  20.511  1.00 13.11 ? 1317 ASP A CA  1 
ATOM   15   C C   . ASP A 1 26  ? 7.816   -4.001  19.402  1.00 12.86 ? 1317 ASP A C   1 
ATOM   16   O O   . ASP A 1 26  ? 7.880   -3.551  18.237  1.00 13.30 ? 1317 ASP A O   1 
ATOM   17   C CB  . ASP A 1 26  ? 8.462   -1.848  20.577  1.00 13.32 ? 1317 ASP A CB  1 
ATOM   18   C CG  . ASP A 1 26  ? 7.046   -1.380  20.778  1.00 13.46 ? 1317 ASP A CG  1 
ATOM   19   O OD1 . ASP A 1 26  ? 6.124   -2.172  20.595  1.00 13.85 ? 1317 ASP A OD1 1 
ATOM   20   O OD2 . ASP A 1 26  ? 6.924   -0.229  21.261  1.00 17.29 ? 1317 ASP A OD2 1 
ATOM   21   N N   . ILE A 1 27  ? 7.013   -5.009  19.718  0.50 12.04 ? 1318 ILE A N   1 
ATOM   22   C CA  . ILE A 1 27  ? 6.272   -5.750  18.664  0.50 12.63 ? 1318 ILE A CA  1 
ATOM   23   C C   . ILE A 1 27  ? 4.979   -5.035  18.303  0.50 12.00 ? 1318 ILE A C   1 
ATOM   24   O O   . ILE A 1 27  ? 4.312   -5.536  17.385  0.50 13.00 ? 1318 ILE A O   1 
ATOM   25   C CB  . ILE A 1 27  ? 6.027   -7.205  19.071  0.50 12.76 ? 1318 ILE A CB  1 
ATOM   26   C CG1 . ILE A 1 27  ? 5.147   -7.335  20.311  0.50 13.57 ? 1318 ILE A CG1 1 
ATOM   27   C CG2 . ILE A 1 27  ? 7.360   -7.893  19.256  0.50 13.18 ? 1318 ILE A CG2 1 
ATOM   28   C CD1 . ILE A 1 27  ? 4.852   -8.759  20.655  0.50 13.67 ? 1318 ILE A CD1 1 
ATOM   29   N N   . GLN A 1 28  ? 4.671   -3.901  18.941  1.00 11.63 ? 1319 GLN A N   1 
ATOM   30   C CA  . GLN A 1 28  ? 3.519   -3.081  18.499  1.00 11.76 ? 1319 GLN A CA  1 
ATOM   31   C C   . GLN A 1 28  ? 3.969   -1.886  17.673  1.00 12.33 ? 1319 GLN A C   1 
ATOM   32   O O   . GLN A 1 28  ? 3.092   -1.210  17.122  1.00 12.57 ? 1319 GLN A O   1 
ATOM   33   C CB  . GLN A 1 28  ? 2.668   -2.595  19.683  1.00 13.04 ? 1319 GLN A CB  1 
ATOM   34   C CG  . GLN A 1 28  ? 1.745   -3.702  20.231  1.00 13.51 ? 1319 GLN A CG  1 
ATOM   35   C CD  . GLN A 1 28  ? 2.370   -4.497  21.359  1.00 12.64 ? 1319 GLN A CD  1 
ATOM   36   O OE1 . GLN A 1 28  ? 2.941   -3.936  22.318  1.00 13.85 ? 1319 GLN A OE1 1 
ATOM   37   N NE2 . GLN A 1 28  ? 2.262   -5.788  21.260  1.00 14.07 ? 1319 GLN A NE2 1 
ATOM   38   N N   . ALA A 1 29  ? 5.275   -1.563  17.604  1.00 12.67 ? 1320 ALA A N   1 
ATOM   39   C CA  . ALA A 1 29  ? 5.719   -0.255  17.065  1.00 12.79 ? 1320 ALA A CA  1 
ATOM   40   C C   . ALA A 1 29  ? 5.353   -0.103  15.571  1.00 11.58 ? 1320 ALA A C   1 
ATOM   41   O O   . ALA A 1 29  ? 5.250   1.029   15.123  1.00 12.87 ? 1320 ALA A O   1 
ATOM   42   C CB  . ALA A 1 29  ? 7.216   -0.108  17.267  1.00 12.80 ? 1320 ALA A CB  1 
ATOM   43   N N   . TRP A 1 30  ? 5.223   -1.203  14.860  1.00 11.63 ? 1321 TRP A N   1 
ATOM   44   C CA  . TRP A 1 30  ? 4.936   -1.154  13.416  1.00 11.80 ? 1321 TRP A CA  1 
ATOM   45   C C   . TRP A 1 30  ? 3.689   -0.335  13.147  1.00 12.16 ? 1321 TRP A C   1 
ATOM   46   O O   . TRP A 1 30  ? 3.616   0.251   12.057  1.00 11.85 ? 1321 TRP A O   1 
ATOM   47   C CB  . TRP A 1 30  ? 4.834   -2.546  12.851  1.00 12.83 ? 1321 TRP A CB  1 
ATOM   48   C CG  . TRP A 1 30  ? 3.654   -3.272  13.416  1.00 12.70 ? 1321 TRP A CG  1 
ATOM   49   C CD1 . TRP A 1 30  ? 3.626   -3.983  14.559  1.00 12.75 ? 1321 TRP A CD1 1 
ATOM   50   C CD2 . TRP A 1 30  ? 2.317   -3.314  12.892  1.00 12.37 ? 1321 TRP A CD2 1 
ATOM   51   N NE1 . TRP A 1 30  ? 2.369   -4.472  14.807  1.00 12.87 ? 1321 TRP A NE1 1 
ATOM   52   C CE2 . TRP A 1 30  ? 1.563   -4.101  13.779  1.00 12.31 ? 1321 TRP A CE2 1 
ATOM   53   C CE3 . TRP A 1 30  ? 1.705   -2.828  11.729  1.00 13.32 ? 1321 TRP A CE3 1 
ATOM   54   C CZ2 . TRP A 1 30  ? 0.228   -4.380  13.555  1.00 14.05 ? 1321 TRP A CZ2 1 
ATOM   55   C CZ3 . TRP A 1 30  ? 0.377   -3.132  11.503  1.00 13.46 ? 1321 TRP A CZ3 1 
ATOM   56   C CH2 . TRP A 1 30  ? -0.352  -3.845  12.445  1.00 14.49 ? 1321 TRP A CH2 1 
ATOM   57   N N   . LYS A 1 31  ? 2.716   -0.324  14.056  1.00 11.74 ? 1322 LYS A N   1 
ATOM   58   C CA  . LYS A 1 31  ? 1.422   0.262   13.705  1.00 12.39 ? 1322 LYS A CA  1 
ATOM   59   C C   . LYS A 1 31  ? 1.538   1.775   13.540  1.00 12.44 ? 1322 LYS A C   1 
ATOM   60   O O   . LYS A 1 31  ? 1.152   2.319   12.496  1.00 12.87 ? 1322 LYS A O   1 
ATOM   61   C CB  . LYS A 1 31  ? 0.373   -0.199  14.711  1.00 12.09 ? 1322 LYS A CB  1 
ATOM   62   C CG  . LYS A 1 31  ? -0.991  0.432   14.442  1.00 12.55 ? 1322 LYS A CG  1 
ATOM   63   C CD  . LYS A 1 31  ? -2.025  -0.129  15.389  1.00 12.79 ? 1322 LYS A CD  1 
ATOM   64   C CE  . LYS A 1 31  ? -3.418  0.357   15.051  1.00 13.40 ? 1322 LYS A CE  1 
ATOM   65   N NZ  . LYS A 1 31  ? -4.367  -0.289  15.981  1.00 14.79 ? 1322 LYS A NZ  1 
ATOM   66   N N   . LYS A 1 32  ? 2.141   2.459   14.486  1.00 13.37 ? 1323 LYS A N   1 
ATOM   67   C CA  . LYS A 1 32  ? 2.353   3.899   14.342  1.00 13.76 ? 1323 LYS A CA  1 
ATOM   68   C C   . LYS A 1 32  ? 3.332   4.180   13.194  1.00 13.46 ? 1323 LYS A C   1 
ATOM   69   O O   . LYS A 1 32  ? 3.171   5.154   12.511  1.00 14.07 ? 1323 LYS A O   1 
ATOM   70   C CB  . LYS A 1 32  ? 2.925   4.468   15.639  1.00 17.41 ? 1323 LYS A CB  1 
ATOM   71   C CG  . LYS A 1 32  ? 2.957   5.980   15.678  1.00 22.30 ? 1323 LYS A CG  1 
ATOM   72   C CD  . LYS A 1 32  ? 3.392   6.553   17.039  1.00 25.50 ? 1323 LYS A CD  1 
ATOM   73   N N   . GLN A 1 33  ? 4.338   3.328   13.014  1.00 12.95 ? 1324 GLN A N   1 
ATOM   74   C CA  . GLN A 1 33  ? 5.284   3.512   11.903  1.00 12.86 ? 1324 GLN A CA  1 
ATOM   75   C C   . GLN A 1 33  ? 4.493   3.457   10.586  1.00 13.14 ? 1324 GLN A C   1 
ATOM   76   O O   . GLN A 1 33  ? 4.732   4.256   9.686   1.00 12.95 ? 1324 GLN A O   1 
ATOM   77   C CB  . GLN A 1 33  ? 6.379   2.454   11.948  1.00 13.98 ? 1324 GLN A CB  1 
ATOM   78   C CG  . GLN A 1 33  ? 7.358   2.722   13.089  1.00 13.69 ? 1324 GLN A CG  1 
ATOM   79   C CD  . GLN A 1 33  ? 8.129   1.488   13.428  1.00 15.46 ? 1324 GLN A CD  1 
ATOM   80   O OE1 . GLN A 1 33  ? 8.056   0.460   12.798  1.00 15.76 ? 1324 GLN A OE1 1 
ATOM   81   N NE2 . GLN A 1 33  ? 8.946   1.594   14.466  1.00 16.57 ? 1324 GLN A NE2 1 
ATOM   82   N N   . CYS A 1 34  ? 3.572   2.516   10.448  1.00 12.04 ? 1325 CYS A N   1 
ATOM   83   C CA  . CYS A 1 34  ? 2.723   2.442   9.255   1.00 11.49 ? 1325 CYS A CA  1 
ATOM   84   C C   . CYS A 1 34  ? 1.774   3.617   9.154   1.00 12.37 ? 1325 CYS A C   1 
ATOM   85   O O   . CYS A 1 34  ? 1.551   4.138   8.041   1.00 12.47 ? 1325 CYS A O   1 
ATOM   86   C CB  . CYS A 1 34  ? 1.975   1.134   9.226   1.00 12.61 ? 1325 CYS A CB  1 
ATOM   87   S SG  . CYS A 1 34  ? 3.012   -0.299  8.844   1.00 12.90 ? 1325 CYS A SG  1 
ATOM   88   N N   . GLU A 1 35  ? 1.236   4.100   10.247  1.00 12.31 ? 1326 GLU A N   1 
ATOM   89   C CA  . GLU A 1 35  ? 0.363   5.282   10.205  1.00 13.56 ? 1326 GLU A CA  1 
ATOM   90   C C   . GLU A 1 35  ? 1.150   6.462   9.646   1.00 13.50 ? 1326 GLU A C   1 
ATOM   91   O O   . GLU A 1 35  ? 0.640   7.202   8.811   1.00 15.21 ? 1326 GLU A O   1 
ATOM   92   C CB  . GLU A 1 35  ? -0.203  5.618   11.592  1.00 15.44 ? 1326 GLU A CB  1 
ATOM   93   C CG  . GLU A 1 35  ? -1.188  4.645   12.160  1.00 18.03 ? 1326 GLU A CG  1 
ATOM   94   C CD  . GLU A 1 35  ? -1.529  4.833   13.646  1.00 21.07 ? 1326 GLU A CD  1 
ATOM   95   O OE1 . GLU A 1 35  ? -0.785  5.546   14.334  1.00 25.22 ? 1326 GLU A OE1 1 
ATOM   96   O OE2 . GLU A 1 35  ? -2.517  4.217   14.106  1.00 25.99 ? 1326 GLU A OE2 1 
ATOM   97   N N   . GLU A 1 36  ? 2.375   6.662   10.115  0.50 14.55 ? 1327 GLU A N   1 
ATOM   98   C CA  . GLU A 1 36  ? 3.189   7.815   9.673   0.50 15.37 ? 1327 GLU A CA  1 
ATOM   99   C C   . GLU A 1 36  ? 3.587   7.629   8.208   0.50 14.34 ? 1327 GLU A C   1 
ATOM   100  O O   . GLU A 1 36  ? 3.625   8.628   7.498   0.50 14.75 ? 1327 GLU A O   1 
ATOM   101  C CB  . GLU A 1 36  ? 4.376   7.991   10.611  0.50 17.81 ? 1327 GLU A CB  1 
ATOM   102  C CG  . GLU A 1 36  ? 3.943   8.399   12.004  0.50 20.99 ? 1327 GLU A CG  1 
ATOM   103  C CD  . GLU A 1 36  ? 5.012   8.231   13.069  0.50 23.10 ? 1327 GLU A CD  1 
ATOM   104  O OE1 . GLU A 1 36  ? 6.082   7.653   12.765  0.50 25.17 ? 1327 GLU A OE1 1 
ATOM   105  O OE2 . GLU A 1 36  ? 4.761   8.661   14.197  0.50 27.34 ? 1327 GLU A OE2 1 
ATOM   106  N N   . LEU A 1 37  ? 3.873   6.404   7.774   1.00 13.94 ? 1328 LEU A N   1 
ATOM   107  C CA  . LEU A 1 37  ? 4.210   6.193   6.353   1.00 13.57 ? 1328 LEU A CA  1 
ATOM   108  C C   . LEU A 1 37  ? 2.980   6.451   5.478   1.00 12.82 ? 1328 LEU A C   1 
ATOM   109  O O   . LEU A 1 37  ? 3.108   7.099   4.416   1.00 13.15 ? 1328 LEU A O   1 
ATOM   110  C CB  . LEU A 1 37  ? 4.715   4.775   6.185   1.00 13.32 ? 1328 LEU A CB  1 
ATOM   111  C CG  . LEU A 1 37  ? 5.040   4.389   4.750   1.00 13.86 ? 1328 LEU A CG  1 
ATOM   112  C CD1 . LEU A 1 37  ? 5.934   5.431   4.080   1.00 15.22 ? 1328 LEU A CD1 1 
ATOM   113  C CD2 . LEU A 1 37  ? 5.703   3.044   4.731   1.00 14.60 ? 1328 LEU A CD2 1 
ATOM   114  N N   . LEU A 1 38  ? 1.810   6.039   5.930   1.00 12.74 ? 1329 LEU A N   1 
ATOM   115  C CA  . LEU A 1 38  ? 0.597   6.349   5.166   1.00 13.12 ? 1329 LEU A CA  1 
ATOM   116  C C   . LEU A 1 38  ? 0.383   7.845   5.116   1.00 14.53 ? 1329 LEU A C   1 
ATOM   117  O O   . LEU A 1 38  ? -0.052  8.327   4.070   1.00 15.99 ? 1329 LEU A O   1 
ATOM   118  C CB  . LEU A 1 38  ? -0.608  5.641   5.792   1.00 13.46 ? 1329 LEU A CB  1 
ATOM   119  C CG  . LEU A 1 38  ? -0.648  4.134   5.565   1.00 13.92 ? 1329 LEU A CG  1 
ATOM   120  C CD1 . LEU A 1 38  ? -1.700  3.483   6.461   1.00 15.81 ? 1329 LEU A CD1 1 
ATOM   121  C CD2 . LEU A 1 38  ? -0.903  3.758   4.103   1.00 14.54 ? 1329 LEU A CD2 1 
ATOM   122  N N   . ASN A 1 39  ? 0.650   8.554   6.189   1.00 15.73 ? 1330 ASN A N   1 
ATOM   123  C CA  . ASN A 1 39  ? 0.515   10.029  6.183   1.00 17.90 ? 1330 ASN A CA  1 
ATOM   124  C C   . ASN A 1 39  ? 1.441   10.592  5.096   1.00 16.90 ? 1330 ASN A C   1 
ATOM   125  O O   . ASN A 1 39  ? 0.986   11.490  4.329   1.00 18.58 ? 1330 ASN A O   1 
ATOM   126  C CB  . ASN A 1 39  ? 0.835   10.619  7.553   1.00 18.63 ? 1330 ASN A CB  1 
ATOM   127  C CG  . ASN A 1 39  ? -0.272  10.417  8.561   1.00 22.11 ? 1330 ASN A CG  1 
ATOM   128  O OD1 . ASN A 1 39  ? -1.391  10.079  8.205   1.00 26.00 ? 1330 ASN A OD1 1 
ATOM   129  N ND2 . ASN A 1 39  ? 0.048   10.620  9.837   1.00 23.19 ? 1330 ASN A ND2 1 
ATOM   130  N N   . LEU A 1 40  ? 2.687   10.158  5.035   1.00 14.39 ? 1331 LEU A N   1 
ATOM   131  C CA  . LEU A 1 40  ? 3.631   10.625  4.000   1.00 15.79 ? 1331 LEU A CA  1 
ATOM   132  C C   . LEU A 1 40  ? 3.063   10.294  2.626   1.00 16.04 ? 1331 LEU A C   1 
ATOM   133  O O   . LEU A 1 40  ? 3.112   11.162  1.713   1.00 15.90 ? 1331 LEU A O   1 
ATOM   134  C CB  . LEU A 1 40  ? 4.998   9.983   4.162   1.00 15.16 ? 1331 LEU A CB  1 
ATOM   135  C CG  . LEU A 1 40  ? 5.750   10.372  5.437   1.00 16.66 ? 1331 LEU A CG  1 
ATOM   136  C CD1 . LEU A 1 40  ? 7.020   9.589   5.550   1.00 18.54 ? 1331 LEU A CD1 1 
ATOM   137  C CD2 . LEU A 1 40  ? 6.023   11.887  5.491   1.00 19.37 ? 1331 LEU A CD2 1 
ATOM   138  N N   . ILE A 1 41  ? 2.538   9.083   2.467   1.00 13.88 ? 1332 ILE A N   1 
ATOM   139  C CA  . ILE A 1 41  ? 1.987   8.668   1.157   1.00 13.18 ? 1332 ILE A CA  1 
ATOM   140  C C   . ILE A 1 41  ? 0.832   9.608   0.793   1.00 13.03 ? 1332 ILE A C   1 
ATOM   141  O O   . ILE A 1 41  ? 0.765   10.054  -0.387  1.00 12.89 ? 1332 ILE A O   1 
ATOM   142  C CB  . ILE A 1 41  ? 1.584   7.184   1.195   1.00 13.35 ? 1332 ILE A CB  1 
ATOM   143  C CG1 . ILE A 1 41  ? 2.873   6.355   1.153   1.00 14.47 ? 1332 ILE A CG1 1 
ATOM   144  C CG2 . ILE A 1 41  ? 0.692   6.847   0.021   1.00 12.63 ? 1332 ILE A CG2 1 
ATOM   145  C CD1 . ILE A 1 41  ? 2.720   4.923   1.457   1.00 14.75 ? 1332 ILE A CD1 1 
ATOM   146  N N   . PHE A 1 42  ? -0.079  9.917   1.710   1.00 15.36 ? 1333 PHE A N   1 
ATOM   147  C CA  . PHE A 1 42  ? -1.233  10.817  1.428   1.00 16.58 ? 1333 PHE A CA  1 
ATOM   148  C C   . PHE A 1 42  ? -0.749  12.234  1.102   1.00 17.73 ? 1333 PHE A C   1 
ATOM   149  O O   . PHE A 1 42  ? -1.489  12.898  0.337   1.00 24.66 ? 1333 PHE A O   1 
ATOM   150  C CB  . PHE A 1 42  ? -2.240  10.778  2.573   1.00 16.33 ? 1333 PHE A CB  1 
ATOM   151  C CG  . PHE A 1 42  ? -3.284  9.721   2.425   1.00 17.14 ? 1333 PHE A CG  1 
ATOM   152  C CD1 . PHE A 1 42  ? -3.087  8.449   2.942   1.00 17.75 ? 1333 PHE A CD1 1 
ATOM   153  C CD2 . PHE A 1 42  ? -4.487  9.982   1.789   1.00 17.32 ? 1333 PHE A CD2 1 
ATOM   154  C CE1 . PHE A 1 42  ? -4.086  7.495   2.871   1.00 17.01 ? 1333 PHE A CE1 1 
ATOM   155  C CE2 . PHE A 1 42  ? -5.455  8.989   1.660   1.00 18.19 ? 1333 PHE A CE2 1 
ATOM   156  C CZ  . PHE A 1 42  ? -5.251  7.745   2.195   1.00 19.07 ? 1333 PHE A CZ  1 
ATOM   157  N N   . GLN A 1 43  ? 0.417   12.659  1.550   1.00 18.64 ? 1334 GLN A N   1 
ATOM   158  C CA  . GLN A 1 43  ? 0.942   14.013  1.209   1.00 20.35 ? 1334 GLN A CA  1 
ATOM   159  C C   . GLN A 1 43  ? 1.576   14.021  -0.181  1.00 20.55 ? 1334 GLN A C   1 
ATOM   160  O O   . GLN A 1 43  ? 1.736   15.073  -0.758  1.00 23.76 ? 1334 GLN A O   1 
ATOM   161  C CB  . GLN A 1 43  ? 1.969   14.481  2.241   1.00 23.69 ? 1334 GLN A CB  1 
ATOM   162  C CG  . GLN A 1 43  ? 1.316   15.036  3.499   1.00 29.02 ? 1334 GLN A CG  1 
ATOM   163  C CD  . GLN A 1 43  ? 0.507   16.300  3.271   1.00 30.38 ? 1334 GLN A CD  1 
ATOM   164  O OE1 . GLN A 1 43  ? 0.962   17.256  2.610   1.00 28.01 ? 1334 GLN A OE1 1 
ATOM   165  N NE2 . GLN A 1 43  ? -0.686  16.356  3.868   1.00 28.42 ? 1334 GLN A NE2 1 
ATOM   166  N N   A CYS A 1 44  ? 2.009   12.848  -0.690  0.25 18.96 ? 1335 CYS A N   1 
ATOM   167  N N   B CYS A 1 44  ? 1.830   12.846  -0.729  0.26 17.61 ? 1335 CYS A N   1 
ATOM   168  C CA  A CYS A 1 44  ? 2.664   12.678  -2.023  0.25 18.61 ? 1335 CYS A CA  1 
ATOM   169  C CA  B CYS A 1 44  ? 2.597   12.707  -1.973  0.26 16.48 ? 1335 CYS A CA  1 
ATOM   170  C C   A CYS A 1 44  ? 1.626   12.835  -3.140  0.25 16.66 ? 1335 CYS A C   1 
ATOM   171  C C   B CYS A 1 44  ? 1.667   12.762  -3.195  0.26 15.02 ? 1335 CYS A C   1 
ATOM   172  O O   A CYS A 1 44  ? 0.634   12.059  -3.175  0.25 16.94 ? 1335 CYS A O   1 
ATOM   173  O O   B CYS A 1 44  ? 0.799   11.855  -3.362  0.26 13.07 ? 1335 CYS A O   1 
ATOM   174  C CB  A CYS A 1 44  ? 3.293   11.303  -2.251  0.25 19.36 ? 1335 CYS A CB  1 
ATOM   175  C CB  B CYS A 1 44  ? 3.369   11.407  -1.910  0.26 16.04 ? 1335 CYS A CB  1 
ATOM   176  S SG  A CYS A 1 44  ? 4.683   10.871  -1.179  0.25 21.10 ? 1335 CYS A SG  1 
ATOM   177  S SG  B CYS A 1 44  ? 4.336   11.223  -3.407  0.26 15.92 ? 1335 CYS A SG  1 
ATOM   178  N N   . GLU A 1 45  ? 1.889   13.739  -4.087  1.00 15.07 ? 1336 GLU A N   1 
ATOM   179  C CA  . GLU A 1 45  ? 1.004   13.908  -5.250  1.00 14.95 ? 1336 GLU A CA  1 
ATOM   180  C C   . GLU A 1 45  ? 0.819   12.595  -6.016  1.00 13.76 ? 1336 GLU A C   1 
ATOM   181  O O   . GLU A 1 45  ? -0.292  12.355  -6.524  1.00 13.67 ? 1336 GLU A O   1 
ATOM   182  C CB  . GLU A 1 45  ? 1.599   14.955  -6.173  1.00 15.56 ? 1336 GLU A CB  1 
ATOM   183  C CG  . GLU A 1 45  ? 1.403   16.334  -5.606  1.00 18.65 ? 1336 GLU A CG  1 
ATOM   184  C CD  . GLU A 1 45  ? 2.049   17.442  -6.397  1.00 20.62 ? 1336 GLU A CD  1 
ATOM   185  O OE1 . GLU A 1 45  ? 2.516   17.221  -7.537  1.00 21.27 ? 1336 GLU A OE1 1 
ATOM   186  O OE2 . GLU A 1 45  ? 2.078   18.552  -5.848  1.00 19.87 ? 1336 GLU A OE2 1 
ATOM   187  N N   . ASP A 1 46  ? 1.846   11.794  -6.072  1.00 13.59 ? 1337 ASP A N   1 
ATOM   188  C CA  . ASP A 1 46  ? 1.765   10.511  -6.790  1.00 13.44 ? 1337 ASP A CA  1 
ATOM   189  C C   . ASP A 1 46  ? 0.730   9.580   -6.173  1.00 12.84 ? 1337 ASP A C   1 
ATOM   190  O O   . ASP A 1 46  ? 0.356   8.620   -6.859  1.00 12.87 ? 1337 ASP A O   1 
ATOM   191  C CB  . ASP A 1 46  ? 3.122   9.820   -6.816  1.00 12.90 ? 1337 ASP A CB  1 
ATOM   192  C CG  . ASP A 1 46  ? 4.108   10.400  -7.814  1.00 13.60 ? 1337 ASP A CG  1 
ATOM   193  O OD1 . ASP A 1 46  ? 3.629   11.087  -8.767  1.00 15.74 ? 1337 ASP A OD1 1 
ATOM   194  O OD2 . ASP A 1 46  ? 5.299   10.137  -7.675  1.00 14.80 ? 1337 ASP A OD2 1 
ATOM   195  N N   . SER A 1 47  ? 0.277   9.762   -4.953  1.00 11.77 ? 1338 SER A N   1 
ATOM   196  C CA  . SER A 1 47  ? -0.744  8.853   -4.409  1.00 11.61 ? 1338 SER A CA  1 
ATOM   197  C C   . SER A 1 47  ? -2.184  9.185   -4.808  1.00 11.38 ? 1338 SER A C   1 
ATOM   198  O O   . SER A 1 47  ? -3.074  8.394   -4.556  1.00 11.78 ? 1338 SER A O   1 
ATOM   199  C CB  . SER A 1 47  ? -0.671  8.750   -2.943  1.00 11.68 ? 1338 SER A CB  1 
ATOM   200  O OG  . SER A 1 47  ? -1.143  9.925   -2.268  1.00 12.40 ? 1338 SER A OG  1 
ATOM   201  N N   . GLU A 1 48  ? -2.386  10.369  -5.411  0.51 13.30 ? 1339 GLU A N   1 
ATOM   202  C CA  . GLU A 1 48  ? -3.741  10.903  -5.740  0.51 14.51 ? 1339 GLU A CA  1 
ATOM   203  C C   . GLU A 1 48  ? -4.637  9.801   -6.307  0.51 13.48 ? 1339 GLU A C   1 
ATOM   204  O O   . GLU A 1 48  ? -5.697  9.518   -5.748  0.51 14.24 ? 1339 GLU A O   1 
ATOM   205  C CB  . GLU A 1 48  ? -3.679  12.090  -6.712  0.51 16.44 ? 1339 GLU A CB  1 
ATOM   206  C CG  . GLU A 1 48  ? -5.067  12.563  -7.141  0.51 18.01 ? 1339 GLU A CG  1 
ATOM   207  C CD  . GLU A 1 48  ? -5.223  13.416  -8.393  0.51 20.41 ? 1339 GLU A CD  1 
ATOM   208  O OE1 . GLU A 1 48  ? -4.345  13.391  -9.298  0.51 21.47 ? 1339 GLU A OE1 1 
ATOM   209  O OE2 . GLU A 1 48  ? -6.268  14.078  -8.477  0.51 24.23 ? 1339 GLU A OE2 1 
ATOM   210  N N   . PRO A 1 49  ? -4.219  9.090   -7.380  0.51 12.55 ? 1340 PRO A N   1 
ATOM   211  C CA  . PRO A 1 49  ? -5.089  8.116   -8.040  0.51 12.14 ? 1340 PRO A CA  1 
ATOM   212  C C   . PRO A 1 49  ? -5.429  6.905   -7.165  0.51 12.10 ? 1340 PRO A C   1 
ATOM   213  O O   . PRO A 1 49  ? -6.321  6.161   -7.506  0.51 13.16 ? 1340 PRO A O   1 
ATOM   214  C CB  . PRO A 1 49  ? -4.260  7.638   -9.241  0.51 12.47 ? 1340 PRO A CB  1 
ATOM   215  C CG  . PRO A 1 49  ? -3.302  8.770   -9.478  0.51 12.76 ? 1340 PRO A CG  1 
ATOM   216  C CD  . PRO A 1 49  ? -2.935  9.218   -8.080  0.51 12.86 ? 1340 PRO A CD  1 
ATOM   217  N N   . PHE A 1 50  ? -4.678  6.712   -6.090  1.00 11.65 ? 1341 PHE A N   1 
ATOM   218  C CA  . PHE A 1 50  ? -4.738  5.491   -5.268  1.00 11.43 ? 1341 PHE A CA  1 
ATOM   219  C C   . PHE A 1 50  ? -5.298  5.765   -3.884  1.00 12.42 ? 1341 PHE A C   1 
ATOM   220  O O   . PHE A 1 50  ? -5.259  4.884   -3.046  1.00 12.56 ? 1341 PHE A O   1 
ATOM   221  C CB  . PHE A 1 50  ? -3.329  4.894   -5.185  1.00 10.59 ? 1341 PHE A CB  1 
ATOM   222  C CG  . PHE A 1 50  ? -2.668  4.792   -6.528  1.00 10.26 ? 1341 PHE A CG  1 
ATOM   223  C CD1 . PHE A 1 50  ? -3.145  3.905   -7.476  1.00 10.51 ? 1341 PHE A CD1 1 
ATOM   224  C CD2 . PHE A 1 50  ? -1.634  5.633   -6.871  1.00 11.23 ? 1341 PHE A CD2 1 
ATOM   225  C CE1 . PHE A 1 50  ? -2.595  3.879   -8.737  1.00 11.15 ? 1341 PHE A CE1 1 
ATOM   226  C CE2 . PHE A 1 50  ? -1.071  5.578   -8.125  1.00 10.84 ? 1341 PHE A CE2 1 
ATOM   227  C CZ  . PHE A 1 50  ? -1.565  4.711   -9.051  1.00 11.03 ? 1341 PHE A CZ  1 
ATOM   228  N N   . ARG A 1 51  ? -5.921  6.917   -3.668  1.00 13.38 ? 1342 ARG A N   1 
ATOM   229  C CA  . ARG A 1 51  ? -6.420  7.267   -2.322  1.00 14.21 ? 1342 ARG A CA  1 
ATOM   230  C C   . ARG A 1 51  ? -7.830  6.777   -2.112  1.00 16.42 ? 1342 ARG A C   1 
ATOM   231  O O   . ARG A 1 51  ? -8.244  6.702   -0.951  1.00 21.68 ? 1342 ARG A O   1 
ATOM   232  C CB  . ARG A 1 51  ? -6.373  8.779   -2.126  1.00 15.76 ? 1342 ARG A CB  1 
ATOM   233  C CG  . ARG A 1 51  ? -4.970  9.315   -1.954  1.00 16.04 ? 1342 ARG A CG  1 
ATOM   234  C CD  . ARG A 1 51  ? -4.983  10.828  -1.902  1.00 17.10 ? 1342 ARG A CD  1 
ATOM   235  N NE  . ARG A 1 51  ? -3.659  11.315  -2.138  1.00 17.46 ? 1342 ARG A NE  1 
ATOM   236  C CZ  . ARG A 1 51  ? -3.381  12.552  -2.552  1.00 18.43 ? 1342 ARG A CZ  1 
ATOM   237  N NH1 . ARG A 1 51  ? -4.360  13.449  -2.647  1.00 21.20 ? 1342 ARG A NH1 1 
ATOM   238  N NH2 . ARG A 1 51  ? -2.148  12.944  -2.786  1.00 17.55 ? 1342 ARG A NH2 1 
ATOM   239  N N   . GLN A 1 52  ? -8.542  6.394   -3.189  0.51 14.70 ? 1343 GLN A N   1 
ATOM   240  C CA  . GLN A 1 52  ? -9.991  6.044   -3.188  0.51 16.08 ? 1343 GLN A CA  1 
ATOM   241  C C   . GLN A 1 52  ? -10.327 5.084   -4.337  0.51 15.68 ? 1343 GLN A C   1 
ATOM   242  O O   . GLN A 1 52  ? -9.513  4.882   -5.236  0.51 14.50 ? 1343 GLN A O   1 
ATOM   243  C CB  . GLN A 1 52  ? -10.812 7.334   -3.280  0.51 17.74 ? 1343 GLN A CB  1 
ATOM   244  C CG  . GLN A 1 52  ? -10.544 8.122   -4.551  0.51 19.21 ? 1343 GLN A CG  1 
ATOM   245  C CD  . GLN A 1 52  ? -11.364 9.386   -4.629  0.51 20.89 ? 1343 GLN A CD  1 
ATOM   246  O OE1 . GLN A 1 52  ? -12.589 9.343   -4.640  0.51 23.69 ? 1343 GLN A OE1 1 
ATOM   247  N NE2 . GLN A 1 52  ? -10.692 10.521  -4.731  0.51 22.13 ? 1343 GLN A NE2 1 
ATOM   248  N N   . PRO A 1 53  ? -11.538 4.471   -4.353  0.51 15.52 ? 1344 PRO A N   1 
ATOM   249  C CA  . PRO A 1 53  ? -11.932 3.512   -5.390  0.51 15.44 ? 1344 PRO A CA  1 
ATOM   250  C C   . PRO A 1 53  ? -12.114 4.088   -6.800  0.51 15.05 ? 1344 PRO A C   1 
ATOM   251  O O   . PRO A 1 53  ? -12.309 5.278   -6.945  0.51 14.51 ? 1344 PRO A O   1 
ATOM   252  C CB  . PRO A 1 53  ? -13.308 2.999   -4.942  0.51 16.12 ? 1344 PRO A CB  1 
ATOM   253  C CG  . PRO A 1 53  ? -13.333 3.300   -3.455  0.51 16.18 ? 1344 PRO A CG  1 
ATOM   254  C CD  . PRO A 1 53  ? -12.571 4.598   -3.313  0.51 16.39 ? 1344 PRO A CD  1 
ATOM   255  N N   . VAL A 1 54  ? -12.075 3.202   -7.795  0.51 14.61 ? 1345 VAL A N   1 
ATOM   256  C CA  . VAL A 1 54  ? -12.226 3.540   -9.236  0.51 15.12 ? 1345 VAL A CA  1 
ATOM   257  C C   . VAL A 1 54  ? -13.711 3.719   -9.564  0.51 15.62 ? 1345 VAL A C   1 
ATOM   258  O O   . VAL A 1 54  ? -14.506 2.779   -9.317  0.51 16.07 ? 1345 VAL A O   1 
ATOM   259  C CB  . VAL A 1 54  ? -11.574 2.460   -10.115 0.51 14.24 ? 1345 VAL A CB  1 
ATOM   260  C CG1 . VAL A 1 54  ? -11.697 2.792   -11.595 0.51 14.45 ? 1345 VAL A CG1 1 
ATOM   261  C CG2 . VAL A 1 54  ? -10.120 2.260   -9.713  0.51 14.54 ? 1345 VAL A CG2 1 
ATOM   262  N N   . ASP A 1 55  ? -14.064 4.891   -10.090 0.51 17.61 ? 1346 ASP A N   1 
ATOM   263  C CA  . ASP A 1 55  ? -15.429 5.208   -10.583 0.51 18.04 ? 1346 ASP A CA  1 
ATOM   264  C C   . ASP A 1 55  ? -15.633 4.417   -11.874 0.51 18.90 ? 1346 ASP A C   1 
ATOM   265  O O   . ASP A 1 55  ? -14.810 4.585   -12.783 0.51 18.30 ? 1346 ASP A O   1 
ATOM   266  C CB  . ASP A 1 55  ? -15.585 6.712   -10.824 0.51 19.73 ? 1346 ASP A CB  1 
ATOM   267  C CG  . ASP A 1 55  ? -17.007 7.138   -11.137 0.51 21.85 ? 1346 ASP A CG  1 
ATOM   268  O OD1 . ASP A 1 55  ? -17.795 6.276   -11.559 0.51 23.06 ? 1346 ASP A OD1 1 
ATOM   269  O OD2 . ASP A 1 55  ? -17.320 8.322   -10.919 0.51 24.28 ? 1346 ASP A OD2 1 
ATOM   270  N N   . LEU A 1 56  ? -16.645 3.550   -11.952 0.51 18.61 ? 1347 LEU A N   1 
ATOM   271  C CA  . LEU A 1 56  ? -16.816 2.681   -13.145 0.51 18.32 ? 1347 LEU A CA  1 
ATOM   272  C C   . LEU A 1 56  ? -17.442 3.492   -14.284 0.51 18.91 ? 1347 LEU A C   1 
ATOM   273  O O   . LEU A 1 56  ? -17.357 3.032   -15.415 0.51 19.17 ? 1347 LEU A O   1 
ATOM   274  C CB  . LEU A 1 56  ? -17.612 1.426   -12.767 0.51 18.62 ? 1347 LEU A CB  1 
ATOM   275  C CG  . LEU A 1 56  ? -16.812 0.389   -11.970 0.51 19.13 ? 1347 LEU A CG  1 
ATOM   276  C CD1 . LEU A 1 56  ? -17.696 -0.758  -11.493 0.51 20.67 ? 1347 LEU A CD1 1 
ATOM   277  C CD2 . LEU A 1 56  ? -15.645 -0.142  -12.793 0.51 19.14 ? 1347 LEU A CD2 1 
ATOM   278  N N   . LEU A 1 57  ? -17.978 4.690   -14.023 0.51 18.04 ? 1348 LEU A N   1 
ATOM   279  C CA  . LEU A 1 57  ? -18.400 5.609   -15.119 0.51 18.94 ? 1348 LEU A CA  1 
ATOM   280  C C   . LEU A 1 57  ? -17.165 6.147   -15.849 0.51 18.51 ? 1348 LEU A C   1 
ATOM   281  O O   . LEU A 1 57  ? -17.263 6.450   -17.046 0.51 20.91 ? 1348 LEU A O   1 
ATOM   282  C CB  . LEU A 1 57  ? -19.217 6.768   -14.549 0.51 19.72 ? 1348 LEU A CB  1 
ATOM   283  C CG  . LEU A 1 57  ? -20.564 6.391   -13.946 0.51 20.75 ? 1348 LEU A CG  1 
ATOM   284  C CD1 . LEU A 1 57  ? -21.246 7.633   -13.405 0.51 21.44 ? 1348 LEU A CD1 1 
ATOM   285  C CD2 . LEU A 1 57  ? -21.450 5.688   -14.965 0.51 21.83 ? 1348 LEU A CD2 1 
ATOM   286  N N   . GLU A 1 58  ? -16.039 6.265   -15.146 0.51 17.53 ? 1349 GLU A N   1 
ATOM   287  C CA  . GLU A 1 58  ? -14.774 6.797   -15.716 0.51 16.91 ? 1349 GLU A CA  1 
ATOM   288  C C   . GLU A 1 58  ? -13.952 5.657   -16.328 0.51 16.18 ? 1349 GLU A C   1 
ATOM   289  O O   . GLU A 1 58  ? -13.293 5.886   -17.365 0.51 18.57 ? 1349 GLU A O   1 
ATOM   290  C CB  . GLU A 1 58  ? -13.972 7.482   -14.619 0.51 16.26 ? 1349 GLU A CB  1 
ATOM   291  C CG  . GLU A 1 58  ? -14.588 8.774   -14.122 0.51 16.89 ? 1349 GLU A CG  1 
ATOM   292  C CD  . GLU A 1 58  ? -13.798 9.438   -13.007 0.51 17.61 ? 1349 GLU A CD  1 
ATOM   293  O OE1 . GLU A 1 58  ? -12.842 8.819   -12.496 0.51 17.91 ? 1349 GLU A OE1 1 
ATOM   294  O OE2 . GLU A 1 58  ? -14.113 10.591  -12.661 0.51 21.04 ? 1349 GLU A OE2 1 
ATOM   295  N N   . TYR A 1 59  ? -13.958 4.488   -15.687 0.51 15.87 ? 1350 TYR A N   1 
ATOM   296  C CA  . TYR A 1 59  ? -13.175 3.296   -16.107 0.51 14.84 ? 1350 TYR A CA  1 
ATOM   297  C C   . TYR A 1 59  ? -14.103 2.095   -16.124 0.51 15.26 ? 1350 TYR A C   1 
ATOM   298  O O   . TYR A 1 59  ? -14.105 1.278   -15.204 0.51 14.24 ? 1350 TYR A O   1 
ATOM   299  C CB  . TYR A 1 59  ? -11.984 3.093   -15.174 0.51 14.54 ? 1350 TYR A CB  1 
ATOM   300  C CG  . TYR A 1 59  ? -11.065 4.284   -15.106 0.51 14.10 ? 1350 TYR A CG  1 
ATOM   301  C CD1 . TYR A 1 59  ? -9.984  4.421   -15.957 0.51 14.03 ? 1350 TYR A CD1 1 
ATOM   302  C CD2 . TYR A 1 59  ? -11.298 5.298   -14.190 0.51 13.79 ? 1350 TYR A CD2 1 
ATOM   303  C CE1 . TYR A 1 59  ? -9.135  5.517   -15.875 0.51 13.75 ? 1350 TYR A CE1 1 
ATOM   304  C CE2 . TYR A 1 59  ? -10.480 6.410   -14.116 0.51 13.16 ? 1350 TYR A CE2 1 
ATOM   305  C CZ  . TYR A 1 59  ? -9.383  6.515   -14.949 0.51 13.53 ? 1350 TYR A CZ  1 
ATOM   306  O OH  . TYR A 1 59  ? -8.551  7.598   -14.832 0.51 14.64 ? 1350 TYR A OH  1 
ATOM   307  N N   . PRO A 1 60  ? -14.979 1.992   -17.144 0.51 15.21 ? 1351 PRO A N   1 
ATOM   308  C CA  . PRO A 1 60  ? -16.031 0.982   -17.118 0.51 14.91 ? 1351 PRO A CA  1 
ATOM   309  C C   . PRO A 1 60  ? -15.523 -0.465  -17.117 0.51 14.49 ? 1351 PRO A C   1 
ATOM   310  O O   . PRO A 1 60  ? -16.224 -1.347  -16.652 0.51 15.47 ? 1351 PRO A O   1 
ATOM   311  C CB  . PRO A 1 60  ? -16.804 1.288   -18.411 0.51 15.04 ? 1351 PRO A CB  1 
ATOM   312  C CG  . PRO A 1 60  ? -16.564 2.752   -18.633 0.51 15.90 ? 1351 PRO A CG  1 
ATOM   313  C CD  . PRO A 1 60  ? -15.092 2.889   -18.309 0.51 15.78 ? 1351 PRO A CD  1 
ATOM   314  N N   . ASP A 1 61  ? -14.314 -0.685  -17.629 0.51 13.45 ? 1352 ASP A N   1 
ATOM   315  C CA  . ASP A 1 61  ? -13.740 -2.049  -17.724 0.51 13.66 ? 1352 ASP A CA  1 
ATOM   316  C C   . ASP A 1 61  ? -12.951 -2.390  -16.453 0.51 12.51 ? 1352 ASP A C   1 
ATOM   317  O O   . ASP A 1 61  ? -12.400 -3.484  -16.377 0.51 12.50 ? 1352 ASP A O   1 
ATOM   318  C CB  . ASP A 1 61  ? -12.824 -2.166  -18.939 0.51 13.79 ? 1352 ASP A CB  1 
ATOM   319  C CG  . ASP A 1 61  ? -11.630 -1.227  -18.902 0.51 14.55 ? 1352 ASP A CG  1 
ATOM   320  O OD1 . ASP A 1 61  ? -11.697 -0.212  -18.172 0.51 15.65 ? 1352 ASP A OD1 1 
ATOM   321  O OD2 . ASP A 1 61  ? -10.659 -1.493  -19.638 0.51 15.82 ? 1352 ASP A OD2 1 
ATOM   322  N N   . TYR A 1 62  ? -12.869 -1.502  -15.467 0.51 11.76 ? 1353 TYR A N   1 
ATOM   323  C CA  . TYR A 1 62  ? -11.870 -1.681  -14.386 0.51 11.95 ? 1353 TYR A CA  1 
ATOM   324  C C   . TYR A 1 62  ? -12.108 -3.026  -13.683 0.51 12.47 ? 1353 TYR A C   1 
ATOM   325  O O   . TYR A 1 62  ? -11.148 -3.770  -13.452 0.51 13.49 ? 1353 TYR A O   1 
ATOM   326  C CB  . TYR A 1 62  ? -11.934 -0.533  -13.389 0.51 11.28 ? 1353 TYR A CB  1 
ATOM   327  C CG  . TYR A 1 62  ? -10.837 -0.616  -12.363 0.51 11.18 ? 1353 TYR A CG  1 
ATOM   328  C CD1 . TYR A 1 62  ? -9.540  -0.309  -12.715 0.51 11.03 ? 1353 TYR A CD1 1 
ATOM   329  C CD2 . TYR A 1 62  ? -11.095 -1.015  -11.057 0.51 11.20 ? 1353 TYR A CD2 1 
ATOM   330  C CE1 . TYR A 1 62  ? -8.513  -0.394  -11.794 0.51 10.78 ? 1353 TYR A CE1 1 
ATOM   331  C CE2 . TYR A 1 62  ? -10.078 -1.101  -10.117 0.51 11.01 ? 1353 TYR A CE2 1 
ATOM   332  C CZ  . TYR A 1 62  ? -8.786  -0.792  -10.496 0.51 10.84 ? 1353 TYR A CZ  1 
ATOM   333  O OH  . TYR A 1 62  ? -7.775  -0.877  -9.586  0.51 11.22 ? 1353 TYR A OH  1 
ATOM   334  N N   . ARG A 1 63  ? -13.350 -3.349  -13.327 0.51 13.29 ? 1354 ARG A N   1 
ATOM   335  C CA  . ARG A 1 63  ? -13.647 -4.565  -12.526 0.51 13.35 ? 1354 ARG A CA  1 
ATOM   336  C C   . ARG A 1 63  ? -13.672 -5.821  -13.403 0.51 14.04 ? 1354 ARG A C   1 
ATOM   337  O O   . ARG A 1 63  ? -13.710 -6.908  -12.819 0.51 13.89 ? 1354 ARG A O   1 
ATOM   338  C CB  . ARG A 1 63  ? -14.923 -4.408  -11.690 0.51 13.90 ? 1354 ARG A CB  1 
ATOM   339  C CG  . ARG A 1 63  ? -14.809 -3.398  -10.556 0.51 14.73 ? 1354 ARG A CG  1 
ATOM   340  C CD  . ARG A 1 63  ? -13.666 -3.678  -9.588  0.51 15.00 ? 1354 ARG A CD  1 
ATOM   341  N NE  . ARG A 1 63  ? -13.760 -4.965  -8.894  0.51 15.22 ? 1354 ARG A NE  1 
ATOM   342  C CZ  . ARG A 1 63  ? -14.538 -5.206  -7.839  0.51 15.93 ? 1354 ARG A CZ  1 
ATOM   343  N NH1 . ARG A 1 63  ? -15.315 -4.257  -7.345  0.51 16.66 ? 1354 ARG A NH1 1 
ATOM   344  N NH2 . ARG A 1 63  ? -14.545 -6.405  -7.275  0.51 17.20 ? 1354 ARG A NH2 1 
ATOM   345  N N   . ASP A 1 64  ? -13.593 -5.699  -14.734 0.51 14.08 ? 1355 ASP A N   1 
ATOM   346  C CA  . ASP A 1 64  ? -13.406 -6.870  -15.632 0.51 14.89 ? 1355 ASP A CA  1 
ATOM   347  C C   . ASP A 1 64  ? -11.996 -7.447  -15.426 0.51 15.08 ? 1355 ASP A C   1 
ATOM   348  O O   . ASP A 1 64  ? -11.828 -8.675  -15.442 0.51 16.23 ? 1355 ASP A O   1 
ATOM   349  C CB  . ASP A 1 64  ? -13.575 -6.496  -17.105 0.51 15.16 ? 1355 ASP A CB  1 
ATOM   350  C CG  . ASP A 1 64  ? -14.893 -5.830  -17.476 0.51 15.29 ? 1355 ASP A CG  1 
ATOM   351  O OD1 . ASP A 1 64  ? -15.809 -5.816  -16.640 0.51 15.61 ? 1355 ASP A OD1 1 
ATOM   352  O OD2 . ASP A 1 64  ? -14.976 -5.312  -18.608 0.51 17.41 ? 1355 ASP A OD2 1 
ATOM   353  N N   A ILE A 1 65  ? -11.019 -6.573  -15.204 0.25 15.32 ? 1356 ILE A N   1 
ATOM   354  N N   B ILE A 1 65  ? -11.035 -6.457  -15.295 0.26 15.05 ? 1356 ILE A N   1 
ATOM   355  C CA  A ILE A 1 65  ? -9.572  -6.914  -15.130 0.25 14.64 ? 1356 ILE A CA  1 
ATOM   356  C CA  B ILE A 1 65  ? -9.556  -6.649  -15.267 0.26 14.44 ? 1356 ILE A CA  1 
ATOM   357  C C   A ILE A 1 65  ? -9.176  -7.133  -13.668 0.25 14.51 ? 1356 ILE A C   1 
ATOM   358  C C   B ILE A 1 65  ? -9.085  -6.950  -13.833 0.26 14.39 ? 1356 ILE A C   1 
ATOM   359  O O   A ILE A 1 65  ? -8.422  -8.082  -13.361 0.25 15.59 ? 1356 ILE A O   1 
ATOM   360  O O   B ILE A 1 65  ? -8.176  -7.800  -13.707 0.26 16.19 ? 1356 ILE A O   1 
ATOM   361  C CB  A ILE A 1 65  ? -8.780  -5.778  -15.792 0.25 14.41 ? 1356 ILE A CB  1 
ATOM   362  C CB  B ILE A 1 65  ? -8.849  -5.410  -15.858 0.26 14.04 ? 1356 ILE A CB  1 
ATOM   363  C CG1 A ILE A 1 65  ? -9.189  -5.582  -17.254 0.25 14.48 ? 1356 ILE A CG1 1 
ATOM   364  C CG1 B ILE A 1 65  ? -9.412  -4.952  -17.210 0.26 14.37 ? 1356 ILE A CG1 1 
ATOM   365  C CG2 A ILE A 1 65  ? -7.290  -6.027  -15.652 0.25 14.29 ? 1356 ILE A CG2 1 
ATOM   366  C CG2 B ILE A 1 65  ? -7.346  -5.637  -15.945 0.26 13.95 ? 1356 ILE A CG2 1 
ATOM   367  C CD1 A ILE A 1 65  ? -8.886  -4.216  -17.790 0.25 14.80 ? 1356 ILE A CD1 1 
ATOM   368  C CD1 B ILE A 1 65  ? -9.391  -5.992  -18.306 0.26 14.30 ? 1356 ILE A CD1 1 
ATOM   369  N N   . ILE A 1 66  ? -9.694  -6.294  -12.782 0.51 14.74 ? 1357 ILE A N   1 
ATOM   370  C CA  . ILE A 1 66  ? -9.240  -6.214  -11.367 0.51 15.01 ? 1357 ILE A CA  1 
ATOM   371  C C   . ILE A 1 66  ? -10.253 -6.934  -10.479 0.51 15.98 ? 1357 ILE A C   1 
ATOM   372  O O   . ILE A 1 66  ? -11.326 -6.349  -10.231 0.51 17.75 ? 1357 ILE A O   1 
ATOM   373  C CB  . ILE A 1 66  ? -9.046  -4.742  -10.949 0.51 14.09 ? 1357 ILE A CB  1 
ATOM   374  C CG1 . ILE A 1 66  ? -7.890  -4.107  -11.726 0.51 13.84 ? 1357 ILE A CG1 1 
ATOM   375  C CG2 . ILE A 1 66  ? -8.869  -4.603  -9.439  0.51 14.15 ? 1357 ILE A CG2 1 
ATOM   376  C CD1 . ILE A 1 66  ? -6.620  -4.919  -11.698 0.51 13.62 ? 1357 ILE A CD1 1 
ATOM   377  N N   . ASP A 1 67  ? -9.856  -8.081  -9.930  1.00 16.94 ? 1358 ASP A N   1 
ATOM   378  C CA  . ASP A 1 67  ? -10.755 -8.894  -9.086  1.00 19.78 ? 1358 ASP A CA  1 
ATOM   379  C C   . ASP A 1 67  ? -10.860 -8.297  -7.694  1.00 16.84 ? 1358 ASP A C   1 
ATOM   380  O O   . ASP A 1 67  ? -11.889 -8.447  -7.044  1.00 18.89 ? 1358 ASP A O   1 
ATOM   381  C CB  . ASP A 1 67  ? -10.190 -10.302 -8.883  1.00 25.46 ? 1358 ASP A CB  1 
ATOM   382  C CG  . ASP A 1 67  ? -10.206 -11.206 -10.092 1.00 35.26 ? 1358 ASP A CG  1 
ATOM   383  O OD1 . ASP A 1 67  ? -10.929 -10.892 -11.035 1.00 40.00 ? 1358 ASP A OD1 1 
ATOM   384  O OD2 . ASP A 1 67  ? -9.475  -12.204 -10.074 1.00 43.15 ? 1358 ASP A OD2 1 
ATOM   385  N N   . THR A 1 68  ? -9.780  -7.691  -7.182  1.00 16.91 ? 1359 THR A N   1 
ATOM   386  C CA  . THR A 1 68  ? -9.693  -7.283  -5.767  1.00 15.87 ? 1359 THR A CA  1 
ATOM   387  C C   . THR A 1 68  ? -9.158  -5.863  -5.732  1.00 14.44 ? 1359 THR A C   1 
ATOM   388  O O   . THR A 1 68  ? -7.947  -5.681  -5.595  1.00 15.13 ? 1359 THR A O   1 
ATOM   389  C CB  . THR A 1 68  ? -8.822  -8.220  -4.917  1.00 18.36 ? 1359 THR A CB  1 
ATOM   390  O OG1 . THR A 1 68  ? -9.301  -9.541  -5.172  1.00 21.45 ? 1359 THR A OG1 1 
ATOM   391  C CG2 . THR A 1 68  ? -8.920  -7.946  -3.436  1.00 21.00 ? 1359 THR A CG2 1 
ATOM   392  N N   . PRO A 1 69  ? -10.042 -4.881  -5.747  1.00 14.44 ? 1360 PRO A N   1 
ATOM   393  C CA  . PRO A 1 69  ? -9.644  -3.499  -5.632  1.00 14.94 ? 1360 PRO A CA  1 
ATOM   394  C C   . PRO A 1 69  ? -8.946  -3.290  -4.293  1.00 13.37 ? 1360 PRO A C   1 
ATOM   395  O O   . PRO A 1 69  ? -9.278  -3.868  -3.251  1.00 14.53 ? 1360 PRO A O   1 
ATOM   396  C CB  . PRO A 1 69  ? -10.931 -2.684  -5.772  1.00 16.24 ? 1360 PRO A CB  1 
ATOM   397  C CG  . PRO A 1 69  ? -11.911 -3.633  -6.442  1.00 20.50 ? 1360 PRO A CG  1 
ATOM   398  C CD  . PRO A 1 69  ? -11.501 -5.028  -6.001  1.00 16.71 ? 1360 PRO A CD  1 
ATOM   399  N N   . MET A 1 70  ? -8.092  -2.279  -4.306  1.00 12.29 ? 1361 MET A N   1 
ATOM   400  C CA  . MET A 1 70  ? -7.463  -1.843  -3.057  1.00 11.55 ? 1361 MET A CA  1 
ATOM   401  C C   . MET A 1 70  ? -7.006  -0.402  -3.253  1.00 11.03 ? 1361 MET A C   1 
ATOM   402  O O   . MET A 1 70  ? -6.667  -0.011  -4.339  1.00 11.05 ? 1361 MET A O   1 
ATOM   403  C CB  . MET A 1 70  ? -6.295  -2.746  -2.667  1.00 11.51 ? 1361 MET A CB  1 
ATOM   404  C CG  . MET A 1 70  ? -5.705  -2.457  -1.311  1.00 11.68 ? 1361 MET A CG  1 
ATOM   405  S SD  . MET A 1 70  ? -6.827  -2.466  0.075   1.00 12.66 ? 1361 MET A SD  1 
ATOM   406  C CE  . MET A 1 70  ? -7.552  -4.097  -0.027  1.00 14.33 ? 1361 MET A CE  1 
ATOM   407  N N   . ASP A 1 71  ? -7.064  0.383   -2.180  0.51 11.06 ? 1362 ASP A N   1 
ATOM   408  C CA  . ASP A 1 71  ? -6.651  1.804   -2.172  0.51 11.76 ? 1362 ASP A CA  1 
ATOM   409  C C   . ASP A 1 71  ? -6.092  2.159   -0.791  0.51 11.16 ? 1362 ASP A C   1 
ATOM   410  O O   . ASP A 1 71  ? -6.281  1.386   0.171   0.51 11.44 ? 1362 ASP A O   1 
ATOM   411  C CB  . ASP A 1 71  ? -7.800  2.709   -2.632  0.51 12.88 ? 1362 ASP A CB  1 
ATOM   412  C CG  . ASP A 1 71  ? -9.006  2.752   -1.708  0.51 13.83 ? 1362 ASP A CG  1 
ATOM   413  O OD1 . ASP A 1 71  ? -10.140 2.747   -2.228  0.51 13.75 ? 1362 ASP A OD1 1 
ATOM   414  O OD2 . ASP A 1 71  ? -8.805  2.826   -0.488  0.51 15.45 ? 1362 ASP A OD2 1 
ATOM   415  N N   . PHE A 1 72  ? -5.422  3.305   -0.697  1.00 10.55 ? 1363 PHE A N   1 
ATOM   416  C CA  . PHE A 1 72  ? -4.758  3.687   0.550   1.00 11.15 ? 1363 PHE A CA  1 
ATOM   417  C C   . PHE A 1 72  ? -5.758  4.074   1.619   1.00 11.96 ? 1363 PHE A C   1 
ATOM   418  O O   . PHE A 1 72  ? -5.392  3.946   2.788   1.00 12.40 ? 1363 PHE A O   1 
ATOM   419  C CB  . PHE A 1 72  ? -3.732  4.789   0.318   1.00 11.20 ? 1363 PHE A CB  1 
ATOM   420  C CG  . PHE A 1 72  ? -2.486  4.263   -0.328  1.00 10.82 ? 1363 PHE A CG  1 
ATOM   421  C CD1 . PHE A 1 72  ? -1.589  3.523   0.417   1.00 11.17 ? 1363 PHE A CD1 1 
ATOM   422  C CD2 . PHE A 1 72  ? -2.192  4.552   -1.639  1.00 11.89 ? 1363 PHE A CD2 1 
ATOM   423  C CE1 . PHE A 1 72  ? -0.455  3.033   -0.170  1.00 12.30 ? 1363 PHE A CE1 1 
ATOM   424  C CE2 . PHE A 1 72  ? -1.036  4.086   -2.221  1.00 12.34 ? 1363 PHE A CE2 1 
ATOM   425  C CZ  . PHE A 1 72  ? -0.185  3.321   -1.484  1.00 11.97 ? 1363 PHE A CZ  1 
ATOM   426  N N   . ALA A 1 73  ? -6.947  4.548   1.272   1.00 11.74 ? 1364 ALA A N   1 
ATOM   427  C CA  . ALA A 1 73  ? -7.934  4.816   2.338   1.00 13.17 ? 1364 ALA A CA  1 
ATOM   428  C C   . ALA A 1 73  ? -8.399  3.503   2.956   1.00 12.57 ? 1364 ALA A C   1 
ATOM   429  O O   . ALA A 1 73  ? -8.493  3.421   4.203   1.00 12.94 ? 1364 ALA A O   1 
ATOM   430  C CB  . ALA A 1 73  ? -9.097  5.593   1.787   1.00 14.35 ? 1364 ALA A CB  1 
ATOM   431  N N   . THR A 1 74  ? -8.591  2.461   2.180   1.00 13.04 ? 1365 THR A N   1 
ATOM   432  C CA  . THR A 1 74  ? -8.963  1.143   2.717   1.00 12.41 ? 1365 THR A CA  1 
ATOM   433  C C   . THR A 1 74  ? -7.816  0.620   3.597   1.00 11.39 ? 1365 THR A C   1 
ATOM   434  O O   . THR A 1 74  ? -8.062  0.088   4.689   1.00 12.08 ? 1365 THR A O   1 
ATOM   435  C CB  . THR A 1 74  ? -9.280  0.168   1.600   1.00 13.04 ? 1365 THR A CB  1 
ATOM   436  O OG1 . THR A 1 74  ? -10.399 0.710   0.892   1.00 15.62 ? 1365 THR A OG1 1 
ATOM   437  C CG2 . THR A 1 74  ? -9.564  -1.239  2.058   1.00 14.13 ? 1365 THR A CG2 1 
ATOM   438  N N   . VAL A 1 75  ? -6.578  0.775   3.174   1.00 11.19 ? 1366 VAL A N   1 
ATOM   439  C CA  . VAL A 1 75  ? -5.439  0.293   3.993   1.00 11.37 ? 1366 VAL A CA  1 
ATOM   440  C C   . VAL A 1 75  ? -5.414  1.056   5.308   1.00 11.61 ? 1366 VAL A C   1 
ATOM   441  O O   . VAL A 1 75  ? -5.278  0.453   6.384   1.00 11.49 ? 1366 VAL A O   1 
ATOM   442  C CB  . VAL A 1 75  ? -4.111  0.411   3.246   1.00 11.74 ? 1366 VAL A CB  1 
ATOM   443  C CG1 . VAL A 1 75  ? -2.978  0.112   4.161   1.00 11.81 ? 1366 VAL A CG1 1 
ATOM   444  C CG2 . VAL A 1 75  ? -4.095  -0.478  2.017   1.00 12.12 ? 1366 VAL A CG2 1 
ATOM   445  N N   . ARG A 1 76  ? -5.509  2.377   5.279   1.00 11.17 ? 1367 ARG A N   1 
ATOM   446  C CA  . ARG A 1 76  ? -5.516  3.190   6.499   1.00 13.35 ? 1367 ARG A CA  1 
ATOM   447  C C   . ARG A 1 76  ? -6.683  2.806   7.408   1.00 12.15 ? 1367 ARG A C   1 
ATOM   448  O O   . ARG A 1 76  ? -6.456  2.693   8.622   1.00 13.39 ? 1367 ARG A O   1 
ATOM   449  C CB  . ARG A 1 76  ? -5.569  4.672   6.149   1.00 14.68 ? 1367 ARG A CB  1 
ATOM   450  C CG  . ARG A 1 76  ? -5.494  5.567   7.376   1.00 18.58 ? 1367 ARG A CG  1 
ATOM   451  C CD  . ARG A 1 76  ? -5.727  6.956   6.834   1.00 22.28 ? 1367 ARG A CD  1 
ATOM   452  N NE  . ARG A 1 76  ? -4.491  7.640   6.755   1.00 22.25 ? 1367 ARG A NE  1 
ATOM   453  C CZ  . ARG A 1 76  ? -4.317  8.814   6.141   1.00 22.92 ? 1367 ARG A CZ  1 
ATOM   454  N NH1 . ARG A 1 76  ? -5.294  9.345   5.423   1.00 21.08 ? 1367 ARG A NH1 1 
ATOM   455  N NH2 . ARG A 1 76  ? -3.174  9.445   6.296   1.00 25.67 ? 1367 ARG A NH2 1 
ATOM   456  N N   . GLU A 1 77  ? -7.870  2.631   6.867   1.00 12.03 ? 1368 GLU A N   1 
ATOM   457  C CA  . GLU A 1 77  ? -9.051  2.292   7.674   1.00 13.53 ? 1368 GLU A CA  1 
ATOM   458  C C   . GLU A 1 77  ? -8.842  0.923   8.289   1.00 12.96 ? 1368 GLU A C   1 
ATOM   459  O O   . GLU A 1 77  ? -9.251  0.711   9.443   1.00 13.49 ? 1368 GLU A O   1 
ATOM   460  C CB  . GLU A 1 77  ? -10.272 2.345   6.767   1.00 16.72 ? 1368 GLU A CB  1 
ATOM   461  C CG  . GLU A 1 77  ? -10.662 3.775   6.439   1.00 21.06 ? 1368 GLU A CG  1 
ATOM   462  C CD  . GLU A 1 77  ? -11.528 3.958   5.208   1.00 28.91 ? 1368 GLU A CD  1 
ATOM   463  O OE1 . GLU A 1 77  ? -12.028 2.930   4.702   1.00 31.40 ? 1368 GLU A OE1 1 
ATOM   464  O OE2 . GLU A 1 77  ? -11.700 5.146   4.772   1.00 36.37 ? 1368 GLU A OE2 1 
ATOM   465  N N   . THR A 1 78  ? -8.314  -0.034  7.542   1.00 12.64 ? 1369 THR A N   1 
ATOM   466  C CA  . THR A 1 78  ? -8.072  -1.401  8.065   1.00 12.16 ? 1369 THR A CA  1 
ATOM   467  C C   . THR A 1 78  ? -7.077  -1.320  9.226   1.00 12.65 ? 1369 THR A C   1 
ATOM   468  O O   . THR A 1 78  ? -7.287  -1.962  10.307  1.00 12.10 ? 1369 THR A O   1 
ATOM   469  C CB  . THR A 1 78  ? -7.525  -2.304  6.950   1.00 12.61 ? 1369 THR A CB  1 
ATOM   470  O OG1 . THR A 1 78  ? -8.489  -2.328  5.901   1.00 13.20 ? 1369 THR A OG1 1 
ATOM   471  C CG2 . THR A 1 78  ? -7.277  -3.714  7.396   1.00 13.42 ? 1369 THR A CG2 1 
ATOM   472  N N   . LEU A 1 79  ? -6.027  -0.529  9.053   1.00 10.71 ? 1370 LEU A N   1 
ATOM   473  C CA  . LEU A 1 79  ? -5.019  -0.371  10.114  1.00 11.45 ? 1370 LEU A CA  1 
ATOM   474  C C   . LEU A 1 79  ? -5.690  0.255   11.337  1.00 12.09 ? 1370 LEU A C   1 
ATOM   475  O O   . LEU A 1 79  ? -5.531  -0.237  12.511  1.00 12.21 ? 1370 LEU A O   1 
ATOM   476  C CB  . LEU A 1 79  ? -3.902  0.536   9.589   1.00 11.44 ? 1370 LEU A CB  1 
ATOM   477  C CG  . LEU A 1 79  ? -2.728  0.746   10.549  1.00 11.99 ? 1370 LEU A CG  1 
ATOM   478  C CD1 . LEU A 1 79  ? -1.984  -0.568  10.785  1.00 12.00 ? 1370 LEU A CD1 1 
ATOM   479  C CD2 . LEU A 1 79  ? -1.785  1.813   9.994   1.00 13.22 ? 1370 LEU A CD2 1 
ATOM   480  N N   . GLU A 1 80  ? -6.411  1.343   11.146  1.00 13.24 ? 1371 GLU A N   1 
ATOM   481  C CA  . GLU A 1 80  ? -7.013  2.108   12.268  1.00 14.37 ? 1371 GLU A CA  1 
ATOM   482  C C   . GLU A 1 80  ? -8.107  1.302   12.958  1.00 14.51 ? 1371 GLU A C   1 
ATOM   483  O O   . GLU A 1 80  ? -8.334  1.560   14.143  1.00 15.65 ? 1371 GLU A O   1 
ATOM   484  C CB  . GLU A 1 80  ? -7.490  3.478   11.795  1.00 15.41 ? 1371 GLU A CB  1 
ATOM   485  C CG  . GLU A 1 80  ? -6.327  4.357   11.350  1.00 19.05 ? 1371 GLU A CG  1 
ATOM   486  C CD  . GLU A 1 80  ? -5.189  4.512   12.359  1.00 27.41 ? 1371 GLU A CD  1 
ATOM   487  O OE1 . GLU A 1 80  ? -5.246  5.529   13.062  1.00 36.11 ? 1371 GLU A OE1 1 
ATOM   488  O OE2 . GLU A 1 80  ? -4.277  3.593   12.518  1.00 26.10 ? 1371 GLU A OE2 1 
ATOM   489  N N   . ALA A 1 81  ? -8.784  0.400   12.285  1.00 13.18 ? 1372 ALA A N   1 
ATOM   490  C CA  . ALA A 1 81  ? -9.799  -0.512  12.858  1.00 14.13 ? 1372 ALA A CA  1 
ATOM   491  C C   . ALA A 1 81  ? -9.163  -1.563  13.751  1.00 14.71 ? 1372 ALA A C   1 
ATOM   492  O O   . ALA A 1 81  ? -9.869  -2.321  14.384  1.00 15.19 ? 1372 ALA A O   1 
ATOM   493  C CB  . ALA A 1 81  ? -10.596 -1.177  11.779  1.00 15.86 ? 1372 ALA A CB  1 
ATOM   494  N N   . GLY A 1 82  ? -7.844  -1.723  13.669  1.00 13.72 ? 1373 GLY A N   1 
ATOM   495  C CA  . GLY A 1 82  ? -7.192  -2.844  14.330  1.00 12.62 ? 1373 GLY A CA  1 
ATOM   496  C C   . GLY A 1 82  ? -7.424  -4.128  13.628  1.00 11.91 ? 1373 GLY A C   1 
ATOM   497  O O   . GLY A 1 82  ? -7.595  -5.153  14.236  1.00 13.20 ? 1373 GLY A O   1 
ATOM   498  N N   . ASN A 1 83  ? -7.426  -4.095  12.283  1.00 11.56 ? 1374 ASN A N   1 
ATOM   499  C CA  . ASN A 1 83  ? -7.686  -5.311  11.508  1.00 12.01 ? 1374 ASN A CA  1 
ATOM   500  C C   . ASN A 1 83  ? -6.462  -5.770  10.694  1.00 11.54 ? 1374 ASN A C   1 
ATOM   501  O O   . ASN A 1 83  ? -6.586  -6.652  9.907   1.00 13.14 ? 1374 ASN A O   1 
ATOM   502  C CB  . ASN A 1 83  ? -8.873  -5.111  10.583  1.00 13.10 ? 1374 ASN A CB  1 
ATOM   503  C CG  . ASN A 1 83  ? -10.187 -5.014  11.329  1.00 16.49 ? 1374 ASN A CG  1 
ATOM   504  O OD1 . ASN A 1 83  ? -10.315 -5.280  12.546  1.00 17.97 ? 1374 ASN A OD1 1 
ATOM   505  N ND2 . ASN A 1 83  ? -11.186 -4.694  10.549  1.00 17.21 ? 1374 ASN A ND2 1 
ATOM   506  N N   . TYR A 1 84  ? -5.303  -5.197  11.015  1.00 12.68 ? 1375 TYR A N   1 
ATOM   507  C CA  . TYR A 1 84  ? -4.051  -5.848  10.583  1.00 12.24 ? 1375 TYR A CA  1 
ATOM   508  C C   . TYR A 1 84  ? -3.402  -6.433  11.838  1.00 12.20 ? 1375 TYR A C   1 
ATOM   509  O O   . TYR A 1 84  ? -3.310  -5.734  12.836  1.00 13.51 ? 1375 TYR A O   1 
ATOM   510  C CB  . TYR A 1 84  ? -3.115  -4.843  9.916   1.00 11.74 ? 1375 TYR A CB  1 
ATOM   511  C CG  . TYR A 1 84  ? -3.519  -4.410  8.540   1.00 11.09 ? 1375 TYR A CG  1 
ATOM   512  C CD1 . TYR A 1 84  ? -3.761  -5.316  7.527   1.00 11.56 ? 1375 TYR A CD1 1 
ATOM   513  C CD2 . TYR A 1 84  ? -3.565  -3.079  8.220   1.00 11.60 ? 1375 TYR A CD2 1 
ATOM   514  C CE1 . TYR A 1 84  ? -4.139  -4.906  6.261   1.00 10.97 ? 1375 TYR A CE1 1 
ATOM   515  C CE2 . TYR A 1 84  ? -3.897  -2.641  6.961   1.00 10.81 ? 1375 TYR A CE2 1 
ATOM   516  C CZ  . TYR A 1 84  ? -4.161  -3.562  5.974   1.00 10.93 ? 1375 TYR A CZ  1 
ATOM   517  O OH  . TYR A 1 84  ? -4.537  -3.106  4.760   1.00 12.16 ? 1375 TYR A OH  1 
ATOM   518  N N   . GLU A 1 85  ? -2.902  -7.652  11.713  1.00 13.68 ? 1376 GLU A N   1 
ATOM   519  C CA  . GLU A 1 85  ? -2.131  -8.218  12.848  1.00 14.69 ? 1376 GLU A CA  1 
ATOM   520  C C   . GLU A 1 85  ? -0.638  -7.887  12.751  1.00 15.18 ? 1376 GLU A C   1 
ATOM   521  O O   . GLU A 1 85  ? 0.053   -7.876  13.776  1.00 18.43 ? 1376 GLU A O   1 
ATOM   522  C CB  . GLU A 1 85  ? -2.322  -9.713  12.876  1.00 17.61 ? 1376 GLU A CB  1 
ATOM   523  C CG  . GLU A 1 85  ? -1.682  -10.281 14.133  1.00 20.81 ? 1376 GLU A CG  1 
ATOM   524  C CD  . GLU A 1 85  ? -1.969  -11.748 14.310  1.00 25.34 ? 1376 GLU A CD  1 
ATOM   525  O OE1 . GLU A 1 85  ? -2.458  -12.348 13.360  1.00 27.61 ? 1376 GLU A OE1 1 
ATOM   526  O OE2 . GLU A 1 85  ? -1.712  -12.261 15.437  1.00 30.48 ? 1376 GLU A OE2 1 
ATOM   527  N N   . SER A 1 86  ? -0.137  -7.638  11.547  1.00 14.30 ? 1377 SER A N   1 
ATOM   528  C CA  . SER A 1 86  ? 1.307   -7.475  11.305  1.00 13.93 ? 1377 SER A CA  1 
ATOM   529  C C   . SER A 1 86  ? 1.490   -6.496  10.171  1.00 12.82 ? 1377 SER A C   1 
ATOM   530  O O   . SER A 1 86  ? 0.609   -6.295  9.313   1.00 11.92 ? 1377 SER A O   1 
ATOM   531  C CB  . SER A 1 86  ? 1.923   -8.783  10.923  1.00 14.10 ? 1377 SER A CB  1 
ATOM   532  O OG  . SER A 1 86  ? 1.463   -9.189  9.655   1.00 15.53 ? 1377 SER A OG  1 
ATOM   533  N N   . PRO A 1 87  ? 2.695   -5.925  10.068  1.00 12.28 ? 1378 PRO A N   1 
ATOM   534  C CA  . PRO A 1 87  ? 2.962   -5.067  8.933   1.00 12.30 ? 1378 PRO A CA  1 
ATOM   535  C C   . PRO A 1 87  ? 3.072   -5.844  7.620   1.00 11.31 ? 1378 PRO A C   1 
ATOM   536  O O   . PRO A 1 87  ? 2.886   -5.255  6.584   1.00 10.70 ? 1378 PRO A O   1 
ATOM   537  C CB  . PRO A 1 87  ? 4.332   -4.432  9.272   1.00 12.73 ? 1378 PRO A CB  1 
ATOM   538  C CG  . PRO A 1 87  ? 4.971   -5.409  10.259  1.00 11.91 ? 1378 PRO A CG  1 
ATOM   539  C CD  . PRO A 1 87  ? 3.805   -5.956  11.052  1.00 12.73 ? 1378 PRO A CD  1 
ATOM   540  N N   . MET A 1 88  ? 3.319   -7.137  7.657   1.00 10.76 ? 1379 MET A N   1 
ATOM   541  C CA  . MET A 1 88  ? 3.296   -7.971  6.447   1.00 12.00 ? 1379 MET A CA  1 
ATOM   542  C C   . MET A 1 88  ? 1.923   -7.913  5.792   1.00 11.27 ? 1379 MET A C   1 
ATOM   543  O O   . MET A 1 88  ? 1.816   -7.896  4.584   1.00 10.84 ? 1379 MET A O   1 
ATOM   544  C CB  . MET A 1 88  ? 3.691   -9.426  6.730   1.00 12.38 ? 1379 MET A CB  1 
ATOM   545  C CG  . MET A 1 88  ? 5.132   -9.545  7.225   1.00 12.81 ? 1379 MET A CG  1 
ATOM   546  S SD  . MET A 1 88  ? 5.408   -9.240  8.976   1.00 14.95 ? 1379 MET A SD  1 
ATOM   547  C CE  . MET A 1 88  ? 4.911   -10.851 9.573   1.00 17.65 ? 1379 MET A CE  1 
ATOM   548  N N   . GLU A 1 89  ? 0.869   -7.999  6.596   1.00 11.18 ? 1380 GLU A N   1 
ATOM   549  C CA  . GLU A 1 89  ? -0.484  -7.975  6.011   1.00 12.03 ? 1380 GLU A CA  1 
ATOM   550  C C   . GLU A 1 89  ? -0.717  -6.617  5.358   1.00 10.21 ? 1380 GLU A C   1 
ATOM   551  O O   . GLU A 1 89  ? -1.341  -6.544  4.282   1.00 10.53 ? 1380 GLU A O   1 
ATOM   552  C CB  . GLU A 1 89  ? -1.519  -8.190  7.112   1.00 12.07 ? 1380 GLU A CB  1 
ATOM   553  C CG  . GLU A 1 89  ? -1.540  -9.567  7.692   1.00 13.43 ? 1380 GLU A CG  1 
ATOM   554  C CD  . GLU A 1 89  ? -2.520  -9.736  8.833   1.00 14.65 ? 1380 GLU A CD  1 
ATOM   555  O OE1 . GLU A 1 89  ? -3.090  -8.737  9.226   1.00 14.60 ? 1380 GLU A OE1 1 
ATOM   556  O OE2 . GLU A 1 89  ? -2.685  -10.871 9.315   1.00 18.85 ? 1380 GLU A OE2 1 
ATOM   557  N N   . LEU A 1 90  ? -0.333  -5.525  6.007   1.00 10.20 ? 1381 LEU A N   1 
ATOM   558  C CA  . LEU A 1 90  ? -0.489  -4.190  5.424   1.00 11.03 ? 1381 LEU A CA  1 
ATOM   559  C C   . LEU A 1 90  ? 0.274   -4.113  4.112   1.00 11.18 ? 1381 LEU A C   1 
ATOM   560  O O   . LEU A 1 90  ? -0.206  -3.560  3.119   1.00 10.80 ? 1381 LEU A O   1 
ATOM   561  C CB  . LEU A 1 90  ? -0.029  -3.128  6.418   1.00 11.43 ? 1381 LEU A CB  1 
ATOM   562  C CG  . LEU A 1 90  ? -0.091  -1.686  5.906   1.00 11.43 ? 1381 LEU A CG  1 
ATOM   563  C CD1 . LEU A 1 90  ? -0.525  -0.722  7.021   1.00 11.85 ? 1381 LEU A CD1 1 
ATOM   564  C CD2 . LEU A 1 90  ? 1.227   -1.258  5.269   1.00 11.72 ? 1381 LEU A CD2 1 
ATOM   565  N N   A CYS A 1 91  ? 1.483   -4.662  4.111   0.25 10.52 ? 1382 CYS A N   1 
ATOM   566  N N   B CYS A 1 91  ? 1.500   -4.632  4.084   0.25 11.07 ? 1382 CYS A N   1 
ATOM   567  C CA  A CYS A 1 91  ? 2.387   -4.630  2.948   0.25 10.76 ? 1382 CYS A CA  1 
ATOM   568  C CA  B CYS A 1 91  ? 2.337   -4.640  2.861   0.25 11.71 ? 1382 CYS A CA  1 
ATOM   569  C C   A CYS A 1 91  ? 1.734   -5.410  1.790   0.25 10.72 ? 1382 CYS A C   1 
ATOM   570  C C   B CYS A 1 91  ? 1.627   -5.380  1.742   0.25 11.23 ? 1382 CYS A C   1 
ATOM   571  O O   A CYS A 1 91  ? 1.847   -4.958  0.644   0.25 10.87 ? 1382 CYS A O   1 
ATOM   572  O O   B CYS A 1 91  ? 1.674   -4.939  0.587   0.25 11.28 ? 1382 CYS A O   1 
ATOM   573  C CB  A CYS A 1 91  ? 3.748   -5.154  3.376   0.25 10.77 ? 1382 CYS A CB  1 
ATOM   574  C CB  B CYS A 1 91  ? 3.639   -5.366  3.096   0.25 12.50 ? 1382 CYS A CB  1 
ATOM   575  S SG  A CYS A 1 91  ? 5.017   -4.901  2.115   0.25 11.20 ? 1382 CYS A SG  1 
ATOM   576  S SG  B CYS A 1 91  ? 4.802   -4.277  3.925   0.25 13.88 ? 1382 CYS A SG  1 
ATOM   577  N N   . LYS A 1 92  ? 1.046   -6.527  2.065   1.00 11.24 ? 1383 LYS A N   1 
ATOM   578  C CA  . LYS A 1 92  ? 0.372   -7.293  1.024   1.00 12.08 ? 1383 LYS A CA  1 
ATOM   579  C C   . LYS A 1 92  ? -0.715  -6.413  0.385   1.00 11.30 ? 1383 LYS A C   1 
ATOM   580  O O   . LYS A 1 92  ? -0.836  -6.410  -0.859  1.00 11.66 ? 1383 LYS A O   1 
ATOM   581  C CB  . LYS A 1 92  ? -0.192  -8.554  1.652   1.00 13.82 ? 1383 LYS A CB  1 
ATOM   582  C CG  . LYS A 1 92  ? -0.890  -9.440  0.662   1.00 15.82 ? 1383 LYS A CG  1 
ATOM   583  C CD  . LYS A 1 92  ? -1.332  -10.773 1.278   1.00 19.75 ? 1383 LYS A CD  1 
ATOM   584  C CE  . LYS A 1 92  ? -2.308  -11.505 0.366   1.00 26.68 ? 1383 LYS A CE  1 
ATOM   585  N NZ  . LYS A 1 92  ? -2.713  -12.845 0.891   1.00 29.46 ? 1383 LYS A NZ  1 
ATOM   586  N N   . ASP A 1 93  ? -1.498  -5.690  1.168   1.00 10.80 ? 1384 ASP A N   1 
ATOM   587  C CA  . ASP A 1 93  ? -2.568  -4.864  0.579   1.00 10.50 ? 1384 ASP A CA  1 
ATOM   588  C C   . ASP A 1 93  ? -1.959  -3.677  -0.189  1.00 9.91  ? 1384 ASP A C   1 
ATOM   589  O O   . ASP A 1 93  ? -2.433  -3.340  -1.251  1.00 9.81  ? 1384 ASP A O   1 
ATOM   590  C CB  . ASP A 1 93  ? -3.534  -4.363  1.641   1.00 11.28 ? 1384 ASP A CB  1 
ATOM   591  C CG  . ASP A 1 93  ? -4.473  -5.405  2.185   1.00 13.08 ? 1384 ASP A CG  1 
ATOM   592  O OD1 . ASP A 1 93  ? -4.557  -6.466  1.558   1.00 16.28 ? 1384 ASP A OD1 1 
ATOM   593  O OD2 . ASP A 1 93  ? -5.183  -5.092  3.184   1.00 13.76 ? 1384 ASP A OD2 1 
ATOM   594  N N   . VAL A 1 94  ? -0.897  -3.049  0.310   1.00 10.44 ? 1385 VAL A N   1 
ATOM   595  C CA  . VAL A 1 94  ? -0.287  -1.932  -0.429  1.00 10.12 ? 1385 VAL A CA  1 
ATOM   596  C C   . VAL A 1 94  ? 0.260   -2.466  -1.750  1.00 10.18 ? 1385 VAL A C   1 
ATOM   597  O O   . VAL A 1 94  ? 0.070   -1.832  -2.796  1.00 10.29 ? 1385 VAL A O   1 
ATOM   598  C CB  . VAL A 1 94  ? 0.775   -1.232  0.411   1.00 10.35 ? 1385 VAL A CB  1 
ATOM   599  C CG1 . VAL A 1 94  ? 1.531   -0.219  -0.432  1.00 10.38 ? 1385 VAL A CG1 1 
ATOM   600  C CG2 . VAL A 1 94  ? 0.134   -0.524  1.597   1.00 10.40 ? 1385 VAL A CG2 1 
ATOM   601  N N   . ARG A 1 95  ? 0.909   -3.625  -1.720  1.00 9.45  ? 1386 ARG A N   1 
ATOM   602  C CA  . ARG A 1 95  ? 1.445   -4.170  -2.962  1.00 10.11 ? 1386 ARG A CA  1 
ATOM   603  C C   . ARG A 1 95  ? 0.333   -4.491  -3.944  1.00 10.23 ? 1386 ARG A C   1 
ATOM   604  O O   . ARG A 1 95  ? 0.577   -4.384  -5.158  1.00 10.66 ? 1386 ARG A O   1 
ATOM   605  C CB  . ARG A 1 95  ? 2.329   -5.361  -2.630  1.00 10.49 ? 1386 ARG A CB  1 
ATOM   606  C CG  . ARG A 1 95  ? 3.644   -4.911  -2.033  1.00 12.50 ? 1386 ARG A CG  1 
ATOM   607  C CD  . ARG A 1 95  ? 4.448   -6.069  -1.477  1.00 13.46 ? 1386 ARG A CD  1 
ATOM   608  N NE  . ARG A 1 95  ? 5.691   -5.595  -0.939  1.00 14.57 ? 1386 ARG A NE  1 
ATOM   609  C CZ  . ARG A 1 95  ? 6.511   -6.332  -0.212  1.00 18.93 ? 1386 ARG A CZ  1 
ATOM   610  N NH1 . ARG A 1 95  ? 6.137   -7.544  0.189   1.00 19.30 ? 1386 ARG A NH1 1 
ATOM   611  N NH2 . ARG A 1 95  ? 7.656   -5.812  0.184   1.00 22.32 ? 1386 ARG A NH2 1 
ATOM   612  N N   . LEU A 1 96  ? -0.827  -4.876  -3.464  1.00 9.93  ? 1387 LEU A N   1 
ATOM   613  C CA  . LEU A 1 96  ? -2.007  -5.105  -4.321  1.00 10.73 ? 1387 LEU A CA  1 
ATOM   614  C C   . LEU A 1 96  ? -2.430  -3.806  -5.024  1.00 9.65  ? 1387 LEU A C   1 
ATOM   615  O O   . LEU A 1 96  ? -2.833  -3.815  -6.163  1.00 9.67  ? 1387 LEU A O   1 
ATOM   616  C CB  . LEU A 1 96  ? -3.126  -5.666  -3.470  1.00 11.13 ? 1387 LEU A CB  1 
ATOM   617  C CG  . LEU A 1 96  ? -4.437  -5.915  -4.193  1.00 12.13 ? 1387 LEU A CG  1 
ATOM   618  C CD1 . LEU A 1 96  ? -4.278  -6.912  -5.317  1.00 12.94 ? 1387 LEU A CD1 1 
ATOM   619  C CD2 . LEU A 1 96  ? -5.448  -6.434  -3.181  1.00 11.97 ? 1387 LEU A CD2 1 
ATOM   620  N N   . ILE A 1 97  ? -2.349  -2.668  -4.333  1.00 9.98  ? 1388 ILE A N   1 
ATOM   621  C CA  . ILE A 1 97  ? -2.630  -1.374  -5.012  1.00 9.53  ? 1388 ILE A CA  1 
ATOM   622  C C   . ILE A 1 97  ? -1.755  -1.281  -6.255  1.00 9.04  ? 1388 ILE A C   1 
ATOM   623  O O   . ILE A 1 97  ? -2.223  -0.900  -7.336  1.00 10.12 ? 1388 ILE A O   1 
ATOM   624  C CB  . ILE A 1 97  ? -2.398  -0.185  -4.069  1.00 10.31 ? 1388 ILE A CB  1 
ATOM   625  C CG1 . ILE A 1 97  ? -3.330  -0.264  -2.870  1.00 9.85  ? 1388 ILE A CG1 1 
ATOM   626  C CG2 . ILE A 1 97  ? -2.538  1.125   -4.808  1.00 10.19 ? 1388 ILE A CG2 1 
ATOM   627  C CD1 . ILE A 1 97  ? -3.050  0.762   -1.784  1.00 10.57 ? 1388 ILE A CD1 1 
ATOM   628  N N   . PHE A 1 98  ? -0.487  -1.612  -6.085  1.00 9.25  ? 1389 PHE A N   1 
ATOM   629  C CA  . PHE A 1 98  ? 0.483   -1.433  -7.182  1.00 10.06 ? 1389 PHE A CA  1 
ATOM   630  C C   . PHE A 1 98  ? 0.307   -2.509  -8.247  1.00 10.09 ? 1389 PHE A C   1 
ATOM   631  O O   . PHE A 1 98  ? 0.386   -2.188  -9.448  1.00 10.06 ? 1389 PHE A O   1 
ATOM   632  C CB  . PHE A 1 98  ? 1.902   -1.351  -6.637  1.00 10.17 ? 1389 PHE A CB  1 
ATOM   633  C CG  . PHE A 1 98  ? 2.083   -0.212  -5.670  1.00 10.80 ? 1389 PHE A CG  1 
ATOM   634  C CD1 . PHE A 1 98  ? 1.669   1.073   -5.989  1.00 11.94 ? 1389 PHE A CD1 1 
ATOM   635  C CD2 . PHE A 1 98  ? 2.706   -0.421  -4.461  1.00 11.20 ? 1389 PHE A CD2 1 
ATOM   636  C CE1 . PHE A 1 98  ? 1.866   2.135   -5.096  1.00 13.91 ? 1389 PHE A CE1 1 
ATOM   637  C CE2 . PHE A 1 98  ? 2.891   0.655   -3.591  1.00 12.40 ? 1389 PHE A CE2 1 
ATOM   638  C CZ  . PHE A 1 98  ? 2.475   1.899   -3.923  1.00 13.40 ? 1389 PHE A CZ  1 
ATOM   639  N N   . SER A 1 99  ? 0.061   -3.744  -7.853  1.00 10.10 ? 1390 SER A N   1 
ATOM   640  C CA  . SER A 1 99  ? -0.110  -4.785  -8.872  1.00 11.38 ? 1390 SER A CA  1 
ATOM   641  C C   . SER A 1 99  ? -1.397  -4.520  -9.638  1.00 10.88 ? 1390 SER A C   1 
ATOM   642  O O   . SER A 1 99  ? -1.439  -4.780  -10.859 1.00 11.30 ? 1390 SER A O   1 
ATOM   643  C CB  . SER A 1 99  ? -0.053  -6.151  -8.288  1.00 11.21 ? 1390 SER A CB  1 
ATOM   644  O OG  . SER A 1 99  ? -1.031  -6.376  -7.317  1.00 12.72 ? 1390 SER A OG  1 
ATOM   645  N N   . ASN A 1 100 ? -2.423  -4.009  -8.996  1.00 10.19 ? 1391 ASN A N   1 
ATOM   646  C CA  . ASN A 1 100 ? -3.663  -3.658  -9.715  1.00 10.86 ? 1391 ASN A CA  1 
ATOM   647  C C   . ASN A 1 100 ? -3.358  -2.591  -10.758 1.00 10.47 ? 1391 ASN A C   1 
ATOM   648  O O   . ASN A 1 100 ? -3.844  -2.653  -11.898 1.00 11.28 ? 1391 ASN A O   1 
ATOM   649  C CB  . ASN A 1 100 ? -4.773  -3.185  -8.798  1.00 10.97 ? 1391 ASN A CB  1 
ATOM   650  C CG  . ASN A 1 100 ? -5.409  -4.297  -8.009  1.00 10.92 ? 1391 ASN A CG  1 
ATOM   651  O OD1 . ASN A 1 100 ? -5.244  -5.467  -8.299  1.00 11.89 ? 1391 ASN A OD1 1 
ATOM   652  N ND2 . ASN A 1 100 ? -6.173  -3.894  -7.033  1.00 12.31 ? 1391 ASN A ND2 1 
ATOM   653  N N   . SER A 1 101 ? -2.570  -1.581  -10.421 1.00 10.18 ? 1392 SER A N   1 
ATOM   654  C CA  . SER A 1 101 ? -2.248  -0.531  -11.397 1.00 10.54 ? 1392 SER A CA  1 
ATOM   655  C C   . SER A 1 101 ? -1.470  -1.124  -12.571 1.00 10.66 ? 1392 SER A C   1 
ATOM   656  O O   . SER A 1 101 ? -1.741  -0.773  -13.730 1.00 11.01 ? 1392 SER A O   1 
ATOM   657  C CB  . SER A 1 101 ? -1.484  0.570   -10.702 1.00 9.93  ? 1392 SER A CB  1 
ATOM   658  O OG  . SER A 1 101 ? -1.265  1.653   -11.575 1.00 10.81 ? 1392 SER A OG  1 
ATOM   659  N N   . LYS A 1 102 ? -0.533  -2.008  -12.314 1.00 10.36 ? 1393 LYS A N   1 
ATOM   660  C CA  . LYS A 1 102 ? 0.245   -2.670  -13.387 1.00 11.17 ? 1393 LYS A CA  1 
ATOM   661  C C   . LYS A 1 102 ? -0.660  -3.541  -14.255 1.00 11.57 ? 1393 LYS A C   1 
ATOM   662  O O   . LYS A 1 102 ? -0.436  -3.569  -15.482 1.00 12.38 ? 1393 LYS A O   1 
ATOM   663  C CB  . LYS A 1 102 ? 1.362   -3.459  -12.736 1.00 10.92 ? 1393 LYS A CB  1 
ATOM   664  C CG  . LYS A 1 102 ? 2.349   -4.061  -13.726 1.00 12.46 ? 1393 LYS A CG  1 
ATOM   665  C CD  . LYS A 1 102 ? 3.522   -4.623  -13.054 1.00 14.13 ? 1393 LYS A CD  1 
ATOM   666  C CE  . LYS A 1 102 ? 4.591   -5.029  -14.044 1.00 15.10 ? 1393 LYS A CE  1 
ATOM   667  N NZ  . LYS A 1 102 ? 5.734   -5.610  -13.327 1.00 18.09 ? 1393 LYS A NZ  1 
ATOM   668  N N   . ALA A 1 103 ? -1.640  -4.200  -13.684 1.00 10.99 ? 1394 ALA A N   1 
ATOM   669  C CA  . ALA A 1 103 ? -2.544  -5.059  -14.468 1.00 11.44 ? 1394 ALA A CA  1 
ATOM   670  C C   . ALA A 1 103 ? -3.511  -4.223  -15.277 1.00 11.60 ? 1394 ALA A C   1 
ATOM   671  O O   . ALA A 1 103 ? -3.869  -4.590  -16.415 1.00 12.84 ? 1394 ALA A O   1 
ATOM   672  C CB  . ALA A 1 103 ? -3.271  -5.978  -13.536 1.00 11.37 ? 1394 ALA A CB  1 
ATOM   673  N N   . TYR A 1 104 ? -3.942  -3.091  -14.739 0.51 11.14 ? 1395 TYR A N   1 
ATOM   674  C CA  . TYR A 1 104 ? -4.983  -2.277  -15.403 0.51 10.97 ? 1395 TYR A CA  1 
ATOM   675  C C   . TYR A 1 104 ? -4.378  -1.394  -16.495 0.51 11.08 ? 1395 TYR A C   1 
ATOM   676  O O   . TYR A 1 104 ? -5.075  -1.038  -17.445 0.51 11.47 ? 1395 TYR A O   1 
ATOM   677  C CB  . TYR A 1 104 ? -5.762  -1.433  -14.404 0.51 10.75 ? 1395 TYR A CB  1 
ATOM   678  C CG  . TYR A 1 104 ? -6.862  -0.700  -15.110 0.51 10.86 ? 1395 TYR A CG  1 
ATOM   679  C CD1 . TYR A 1 104 ? -7.892  -1.399  -15.717 0.51 10.89 ? 1395 TYR A CD1 1 
ATOM   680  C CD2 . TYR A 1 104 ? -6.810  0.673   -15.281 0.51 10.93 ? 1395 TYR A CD2 1 
ATOM   681  C CE1 . TYR A 1 104 ? -8.869  -0.758  -16.460 0.51 10.50 ? 1395 TYR A CE1 1 
ATOM   682  C CE2 . TYR A 1 104 ? -7.781  1.333   -16.013 0.51 10.93 ? 1395 TYR A CE2 1 
ATOM   683  C CZ  . TYR A 1 104 ? -8.836  0.625   -16.569 0.51 10.34 ? 1395 TYR A CZ  1 
ATOM   684  O OH  . TYR A 1 104 ? -9.785  1.273   -17.306 0.51 10.13 ? 1395 TYR A OH  1 
ATOM   685  N N   . THR A 1 105 ? -3.109  -1.017  -16.372 1.00 11.38 ? 1396 THR A N   1 
ATOM   686  C CA  . THR A 1 105 ? -2.556  -0.008  -17.270 1.00 10.58 ? 1396 THR A CA  1 
ATOM   687  C C   . THR A 1 105 ? -2.585  -0.500  -18.721 1.00 12.30 ? 1396 THR A C   1 
ATOM   688  O O   . THR A 1 105 ? -2.239  -1.647  -19.009 1.00 12.55 ? 1396 THR A O   1 
ATOM   689  C CB  . THR A 1 105 ? -1.166  0.413   -16.822 1.00 10.98 ? 1396 THR A CB  1 
ATOM   690  O OG1 . THR A 1 105 ? -0.871  1.593   -17.577 1.00 11.47 ? 1396 THR A OG1 1 
ATOM   691  C CG2 . THR A 1 105 ? -0.105  -0.630  -17.043 1.00 11.72 ? 1396 THR A CG2 1 
ATOM   692  N N   . PRO A 1 106 ? -2.913  0.390   -19.683 1.00 13.11 ? 1397 PRO A N   1 
ATOM   693  C CA  . PRO A 1 106 ? -2.873  -0.012  -21.092 1.00 13.77 ? 1397 PRO A CA  1 
ATOM   694  C C   . PRO A 1 106 ? -1.447  0.060   -21.610 1.00 14.04 ? 1397 PRO A C   1 
ATOM   695  O O   . PRO A 1 106 ? -1.189  -0.362  -22.729 1.00 14.82 ? 1397 PRO A O   1 
ATOM   696  C CB  . PRO A 1 106 ? -3.737  1.056   -21.756 1.00 15.47 ? 1397 PRO A CB  1 
ATOM   697  C CG  . PRO A 1 106 ? -3.580  2.304   -20.892 1.00 15.13 ? 1397 PRO A CG  1 
ATOM   698  C CD  . PRO A 1 106 ? -3.495  1.729   -19.488 1.00 14.33 ? 1397 PRO A CD  1 
ATOM   699  N N   . SER A 1 107 ? -0.557  0.729   -20.888 1.00 13.05 ? 1398 SER A N   1 
ATOM   700  C CA  . SER A 1 107 ? 0.820   0.965   -21.337 1.00 13.80 ? 1398 SER A CA  1 
ATOM   701  C C   . SER A 1 107 ? 1.730   1.127   -20.135 1.00 13.68 ? 1398 SER A C   1 
ATOM   702  O O   . SER A 1 107 ? 1.333   1.651   -19.081 1.00 12.30 ? 1398 SER A O   1 
ATOM   703  C CB  . SER A 1 107 ? 0.849   2.212   -22.172 1.00 16.82 ? 1398 SER A CB  1 
ATOM   704  O OG  . SER A 1 107 ? 2.123   2.703   -22.273 1.00 19.48 ? 1398 SER A OG  1 
ATOM   705  N N   . LYS A 1 108 ? 2.986   0.733   -20.297 0.51 14.05 ? 1399 LYS A N   1 
ATOM   706  C CA  . LYS A 1 108 ? 3.998   0.928   -19.239 0.51 15.21 ? 1399 LYS A CA  1 
ATOM   707  C C   . LYS A 1 108 ? 4.322   2.420   -19.125 0.51 14.95 ? 1399 LYS A C   1 
ATOM   708  O O   . LYS A 1 108 ? 4.894   2.781   -18.112 0.51 15.08 ? 1399 LYS A O   1 
ATOM   709  C CB  . LYS A 1 108 ? 5.211   0.021   -19.461 0.51 16.91 ? 1399 LYS A CB  1 
ATOM   710  C CG  . LYS A 1 108 ? 5.127   -1.250  -18.615 0.51 18.50 ? 1399 LYS A CG  1 
ATOM   711  C CD  . LYS A 1 108 ? 5.629   -2.508  -19.275 0.51 19.03 ? 1399 LYS A CD  1 
ATOM   712  C CE  . LYS A 1 108 ? 4.897   -3.726  -18.769 0.51 18.27 ? 1399 LYS A CE  1 
ATOM   713  N NZ  . LYS A 1 108 ? 4.873   -3.802  -17.289 0.51 18.14 ? 1399 LYS A NZ  1 
ATOM   714  N N   . ARG A 1 109 ? 3.915   3.264   -20.082 0.51 14.99 ? 1400 ARG A N   1 
ATOM   715  C CA  . ARG A 1 109 ? 4.200   4.725   -20.033 0.51 16.36 ? 1400 ARG A CA  1 
ATOM   716  C C   . ARG A 1 109 ? 2.912   5.508   -19.743 0.51 15.01 ? 1400 ARG A C   1 
ATOM   717  O O   . ARG A 1 109 ? 2.872   6.709   -20.045 0.51 15.17 ? 1400 ARG A O   1 
ATOM   718  C CB  . ARG A 1 109 ? 4.878   5.153   -21.341 0.51 18.63 ? 1400 ARG A CB  1 
ATOM   719  C CG  . ARG A 1 109 ? 6.196   4.435   -21.614 0.51 21.75 ? 1400 ARG A CG  1 
ATOM   720  C CD  . ARG A 1 109 ? 6.633   4.540   -23.067 0.51 24.58 ? 1400 ARG A CD  1 
ATOM   721  N NE  . ARG A 1 109 ? 7.329   5.781   -23.362 0.51 28.47 ? 1400 ARG A NE  1 
ATOM   722  C CZ  . ARG A 1 109 ? 6.789   6.868   -23.913 0.51 30.36 ? 1400 ARG A CZ  1 
ATOM   723  N NH1 . ARG A 1 109 ? 5.506   6.907   -24.232 0.51 33.84 ? 1400 ARG A NH1 1 
ATOM   724  N NH2 . ARG A 1 109 ? 7.547   7.925   -24.139 0.51 31.49 ? 1400 ARG A NH2 1 
ATOM   725  N N   . SER A 1 110 ? 1.906   4.864   -19.148 0.51 13.96 ? 1401 SER A N   1 
ATOM   726  C CA  . SER A 1 110 ? 0.654   5.515   -18.699 0.51 13.65 ? 1401 SER A CA  1 
ATOM   727  C C   . SER A 1 110 ? 0.960   6.405   -17.492 0.51 12.30 ? 1401 SER A C   1 
ATOM   728  O O   . SER A 1 110 ? 1.673   5.960   -16.587 0.51 12.88 ? 1401 SER A O   1 
ATOM   729  C CB  . SER A 1 110 ? -0.384  4.482   -18.376 0.51 14.68 ? 1401 SER A CB  1 
ATOM   730  O OG  . SER A 1 110 ? -1.688  5.039   -18.299 0.51 17.42 ? 1401 SER A OG  1 
ATOM   731  N N   . ARG A 1 111 ? 0.417   7.617   -17.467 1.00 11.92 ? 1402 ARG A N   1 
ATOM   732  C CA  . ARG A 1 111 ? 0.629   8.553   -16.358 1.00 11.53 ? 1402 ARG A CA  1 
ATOM   733  C C   . ARG A 1 111 ? 0.332   7.885   -15.020 1.00 10.38 ? 1402 ARG A C   1 
ATOM   734  O O   . ARG A 1 111 ? 1.182   7.944   -14.138 1.00 10.83 ? 1402 ARG A O   1 
ATOM   735  C CB  . ARG A 1 111 ? -0.299  9.735   -16.542 1.00 11.53 ? 1402 ARG A CB  1 
ATOM   736  C CG  . ARG A 1 111 ? -0.213  10.728  -15.403 1.00 11.71 ? 1402 ARG A CG  1 
ATOM   737  C CD  . ARG A 1 111 ? 1.053   11.543  -15.390 1.00 15.24 ? 1402 ARG A CD  1 
ATOM   738  N NE  . ARG A 1 111 ? 1.192   12.223  -14.108 1.00 18.01 ? 1402 ARG A NE  1 
ATOM   739  C CZ  . ARG A 1 111 ? 0.736   13.438  -13.840 1.00 17.70 ? 1402 ARG A CZ  1 
ATOM   740  N NH1 . ARG A 1 111 ? 0.209   14.151  -14.800 1.00 15.36 ? 1402 ARG A NH1 1 
ATOM   741  N NH2 . ARG A 1 111 ? 0.861   13.940  -12.616 1.00 21.03 ? 1402 ARG A NH2 1 
ATOM   742  N N   . ILE A 1 112 ? -0.806  7.297   -14.848 1.00 10.02 ? 1403 ILE A N   1 
ATOM   743  C CA  . ILE A 1 112 ? -1.187  6.799   -13.502 1.00 10.49 ? 1403 ILE A CA  1 
ATOM   744  C C   . ILE A 1 112 ? -0.296  5.615   -13.154 1.00 10.00 ? 1403 ILE A C   1 
ATOM   745  O O   . ILE A 1 112 ? 0.189   5.530   -12.013 1.00 10.58 ? 1403 ILE A O   1 
ATOM   746  C CB  . ILE A 1 112 ? -2.688  6.488   -13.478 1.00 10.73 ? 1403 ILE A CB  1 
ATOM   747  C CG1 . ILE A 1 112 ? -3.488  7.794   -13.514 1.00 11.58 ? 1403 ILE A CG1 1 
ATOM   748  C CG2 . ILE A 1 112 ? -3.033  5.651   -12.252 1.00 11.48 ? 1403 ILE A CG2 1 
ATOM   749  C CD1 . ILE A 1 112 ? -4.975  7.620   -13.766 1.00 13.67 ? 1403 ILE A CD1 1 
ATOM   750  N N   . TYR A 1 113 ? 0.059   4.749   -14.087 1.00 10.18 ? 1404 TYR A N   1 
ATOM   751  C CA  . TYR A 1 113 ? 0.963   3.636   -13.771 1.00 10.07 ? 1404 TYR A CA  1 
ATOM   752  C C   . TYR A 1 113 ? 2.329   4.177   -13.390 1.00 10.25 ? 1404 TYR A C   1 
ATOM   753  O O   . TYR A 1 113 ? 2.972   3.694   -12.478 1.00 10.24 ? 1404 TYR A O   1 
ATOM   754  C CB  . TYR A 1 113 ? 1.055   2.694   -14.964 1.00 10.65 ? 1404 TYR A CB  1 
ATOM   755  C CG  . TYR A 1 113 ? 2.073   1.606   -14.788 1.00 10.21 ? 1404 TYR A CG  1 
ATOM   756  C CD1 . TYR A 1 113 ? 1.922   0.677   -13.785 1.00 11.17 ? 1404 TYR A CD1 1 
ATOM   757  C CD2 . TYR A 1 113 ? 3.161   1.526   -15.633 1.00 11.02 ? 1404 TYR A CD2 1 
ATOM   758  C CE1 . TYR A 1 113 ? 2.883   -0.310  -13.619 1.00 11.44 ? 1404 TYR A CE1 1 
ATOM   759  C CE2 . TYR A 1 113 ? 4.112   0.541   -15.483 1.00 12.63 ? 1404 TYR A CE2 1 
ATOM   760  C CZ  . TYR A 1 113 ? 3.939   -0.401  -14.492 1.00 12.24 ? 1404 TYR A CZ  1 
ATOM   761  O OH  . TYR A 1 113 ? 4.850   -1.420  -14.323 1.00 14.92 ? 1404 TYR A OH  1 
ATOM   762  N N   A SER A 1 114 ? 2.784   5.216   -14.088 0.25 10.61 ? 1405 SER A N   1 
ATOM   763  N N   B SER A 1 114 ? 2.814   5.203   -14.081 0.26 10.35 ? 1405 SER A N   1 
ATOM   764  C CA  A SER A 1 114 ? 4.109   5.822   -13.812 0.25 11.38 ? 1405 SER A CA  1 
ATOM   765  C CA  B SER A 1 114 ? 4.147   5.763   -13.751 0.26 10.92 ? 1405 SER A CA  1 
ATOM   766  C C   A SER A 1 114 ? 4.146   6.370   -12.377 0.25 11.25 ? 1405 SER A C   1 
ATOM   767  C C   B SER A 1 114 ? 4.142   6.339   -12.329 0.26 10.97 ? 1405 SER A C   1 
ATOM   768  O O   A SER A 1 114 ? 5.216   6.322   -11.740 0.25 11.48 ? 1405 SER A O   1 
ATOM   769  O O   B SER A 1 114 ? 5.166   6.268   -11.637 0.26 11.15 ? 1405 SER A O   1 
ATOM   770  C CB  A SER A 1 114 ? 4.454   6.895   -14.817 0.25 12.22 ? 1405 SER A CB  1 
ATOM   771  C CB  B SER A 1 114 ? 4.567   6.791   -14.746 0.26 11.53 ? 1405 SER A CB  1 
ATOM   772  O OG  A SER A 1 114 ? 3.837   8.136   -14.494 0.25 13.59 ? 1405 SER A OG  1 
ATOM   773  O OG  B SER A 1 114 ? 4.711   6.189   -16.014 0.26 12.34 ? 1405 SER A OG  1 
ATOM   774  N N   . MET A 1 115 ? 3.040   6.945   -11.911 1.00 10.78 ? 1406 MET A N   1 
ATOM   775  C CA  . MET A 1 115 ? 2.877   7.452   -10.536 1.00 11.35 ? 1406 MET A CA  1 
ATOM   776  C C   . MET A 1 115 ? 2.973   6.258   -9.590  1.00 10.41 ? 1406 MET A C   1 
ATOM   777  O O   . MET A 1 115 ? 3.649   6.335   -8.536  1.00 11.02 ? 1406 MET A O   1 
ATOM   778  C CB  . MET A 1 115 ? 1.543   8.153   -10.422 1.00 11.60 ? 1406 MET A CB  1 
ATOM   779  C CG  . MET A 1 115 ? 1.517   9.461   -11.161 1.00 12.34 ? 1406 MET A CG  1 
ATOM   780  S SD  . MET A 1 115 ? -0.148  10.114  -11.425 1.00 13.57 ? 1406 MET A SD  1 
ATOM   781  C CE  . MET A 1 115 ? -0.425  10.805  -9.812  1.00 14.62 ? 1406 MET A CE  1 
ATOM   782  N N   . SER A 1 116 ? 2.327   5.132   -9.933  1.00 10.21 ? 1407 SER A N   1 
ATOM   783  C CA  . SER A 1 116 ? 2.344   3.926   -9.080  1.00 9.99  ? 1407 SER A CA  1 
ATOM   784  C C   . SER A 1 116 ? 3.777   3.464   -8.902  1.00 10.08 ? 1407 SER A C   1 
ATOM   785  O O   . SER A 1 116 ? 4.105   3.042   -7.800  1.00 11.02 ? 1407 SER A O   1 
ATOM   786  C CB  . SER A 1 116 ? 1.452   2.823   -9.630  1.00 10.81 ? 1407 SER A CB  1 
ATOM   787  O OG  . SER A 1 116 ? 2.105   2.031   -10.585 1.00 10.59 ? 1407 SER A OG  1 
ATOM   788  N N   . LEU A 1 117 ? 4.612   3.512   -9.930  1.00 10.18 ? 1408 LEU A N   1 
ATOM   789  C CA  . LEU A 1 117 ? 5.952   2.935   -9.781  1.00 11.01 ? 1408 LEU A CA  1 
ATOM   790  C C   . LEU A 1 117 ? 6.786   3.813   -8.845  1.00 10.28 ? 1408 LEU A C   1 
ATOM   791  O O   . LEU A 1 117 ? 7.560   3.280   -8.062  1.00 10.68 ? 1408 LEU A O   1 
ATOM   792  C CB  . LEU A 1 117 ? 6.623   2.800   -11.140 1.00 11.04 ? 1408 LEU A CB  1 
ATOM   793  C CG  . LEU A 1 117 ? 6.004   1.780   -12.083 1.00 12.01 ? 1408 LEU A CG  1 
ATOM   794  C CD1 . LEU A 1 117 ? 6.752   1.824   -13.388 1.00 14.36 ? 1408 LEU A CD1 1 
ATOM   795  C CD2 . LEU A 1 117 ? 5.995   0.379   -11.466 1.00 13.85 ? 1408 LEU A CD2 1 
ATOM   796  N N   . ARG A 1 118 ? 6.651   5.135   -8.945  1.00 10.60 ? 1409 ARG A N   1 
ATOM   797  C CA  . ARG A 1 118 ? 7.416   5.990   -8.021  1.00 10.94 ? 1409 ARG A CA  1 
ATOM   798  C C   . ARG A 1 118 ? 6.914   5.805   -6.609  1.00 10.76 ? 1409 ARG A C   1 
ATOM   799  O O   . ARG A 1 118 ? 7.707   5.716   -5.634  1.00 11.19 ? 1409 ARG A O   1 
ATOM   800  C CB  . ARG A 1 118 ? 7.308   7.452   -8.422  1.00 11.45 ? 1409 ARG A CB  1 
ATOM   801  C CG  . ARG A 1 118 ? 7.992   7.793   -9.742  1.00 11.96 ? 1409 ARG A CG  1 
ATOM   802  C CD  . ARG A 1 118 ? 8.047   9.320   -9.901  1.00 12.14 ? 1409 ARG A CD  1 
ATOM   803  N NE  . ARG A 1 118 ? 6.745   9.881   -10.105 1.00 12.48 ? 1409 ARG A NE  1 
ATOM   804  C CZ  . ARG A 1 118 ? 6.128   10.103  -11.244 1.00 13.47 ? 1409 ARG A CZ  1 
ATOM   805  N NH1 . ARG A 1 118 ? 6.711   9.855   -12.376 1.00 15.14 ? 1409 ARG A NH1 1 
ATOM   806  N NH2 . ARG A 1 118 ? 4.906   10.609  -11.238 1.00 14.60 ? 1409 ARG A NH2 1 
ATOM   807  N N   . LEU A 1 119 ? 5.634   5.710   -6.426  1.00 10.36 ? 1410 LEU A N   1 
ATOM   808  C CA  . LEU A 1 119 ? 5.094   5.566   -5.084  1.00 10.85 ? 1410 LEU A CA  1 
ATOM   809  C C   . LEU A 1 119 ? 5.465   4.210   -4.512  1.00 10.80 ? 1410 LEU A C   1 
ATOM   810  O O   . LEU A 1 119 ? 5.767   4.124   -3.293  1.00 10.77 ? 1410 LEU A O   1 
ATOM   811  C CB  . LEU A 1 119 ? 3.583   5.740   -5.150  1.00 12.33 ? 1410 LEU A CB  1 
ATOM   812  C CG  . LEU A 1 119 ? 2.915   6.001   -3.812  1.00 13.69 ? 1410 LEU A CG  1 
ATOM   813  C CD1 . LEU A 1 119 ? 3.309   7.365   -3.267  1.00 14.30 ? 1410 LEU A CD1 1 
ATOM   814  C CD2 . LEU A 1 119 ? 1.423   5.950   -3.972  1.00 13.57 ? 1410 LEU A CD2 1 
ATOM   815  N N   . SER A 1 120 ? 5.525   3.167   -5.331  1.00 10.13 ? 1411 SER A N   1 
ATOM   816  C CA  . SER A 1 120 ? 5.929   1.829   -4.896  1.00 10.88 ? 1411 SER A CA  1 
ATOM   817  C C   . SER A 1 120 ? 7.384   1.904   -4.425  1.00 10.70 ? 1411 SER A C   1 
ATOM   818  O O   . SER A 1 120 ? 7.717   1.322   -3.395  1.00 10.57 ? 1411 SER A O   1 
ATOM   819  C CB  . SER A 1 120 ? 5.790   0.888   -6.030  1.00 11.15 ? 1411 SER A CB  1 
ATOM   820  O OG  . SER A 1 120 ? 6.323   -0.385  -5.658  1.00 11.89 ? 1411 SER A OG  1 
ATOM   821  N N   . ALA A 1 121 ? 8.264   2.595   -5.154  1.00 10.38 ? 1412 ALA A N   1 
ATOM   822  C CA  . ALA A 1 121 ? 9.680   2.690   -4.752  1.00 11.11 ? 1412 ALA A CA  1 
ATOM   823  C C   . ALA A 1 121 ? 9.760   3.364   -3.408  1.00 10.81 ? 1412 ALA A C   1 
ATOM   824  O O   . ALA A 1 121 ? 10.522  2.947   -2.525  1.00 11.27 ? 1412 ALA A O   1 
ATOM   825  C CB  . ALA A 1 121 ? 10.493  3.400   -5.798  1.00 11.77 ? 1412 ALA A CB  1 
ATOM   826  N N   . PHE A 1 122 ? 9.017   4.436   -3.231  1.00 11.05 ? 1413 PHE A N   1 
ATOM   827  C CA  . PHE A 1 122 ? 9.009   5.193   -1.959  1.00 11.40 ? 1413 PHE A CA  1 
ATOM   828  C C   . PHE A 1 122 ? 8.486   4.308   -0.826  1.00 11.43 ? 1413 PHE A C   1 
ATOM   829  O O   . PHE A 1 122 ? 9.102   4.227   0.270   1.00 12.06 ? 1413 PHE A O   1 
ATOM   830  C CB  . PHE A 1 122 ? 8.152   6.441   -2.115  1.00 12.58 ? 1413 PHE A CB  1 
ATOM   831  C CG  . PHE A 1 122 ? 7.991   7.228   -0.841  1.00 14.38 ? 1413 PHE A CG  1 
ATOM   832  C CD1 . PHE A 1 122 ? 8.980   8.109   -0.412  1.00 16.15 ? 1413 PHE A CD1 1 
ATOM   833  C CD2 . PHE A 1 122 ? 6.881   7.045   -0.030  1.00 15.44 ? 1413 PHE A CD2 1 
ATOM   834  C CE1 . PHE A 1 122 ? 8.800   8.859   0.751   1.00 17.02 ? 1413 PHE A CE1 1 
ATOM   835  C CE2 . PHE A 1 122 ? 6.719   7.794   1.127   1.00 17.23 ? 1413 PHE A CE2 1 
ATOM   836  C CZ  . PHE A 1 122 ? 7.682   8.688   1.522   1.00 18.74 ? 1413 PHE A CZ  1 
ATOM   837  N N   . PHE A 1 123 ? 7.408   3.574   -1.071  1.00 10.82 ? 1414 PHE A N   1 
ATOM   838  C CA  . PHE A 1 123 ? 6.841   2.689   -0.058  1.00 11.19 ? 1414 PHE A CA  1 
ATOM   839  C C   . PHE A 1 123 ? 7.826   1.597   0.310   1.00 10.73 ? 1414 PHE A C   1 
ATOM   840  O O   . PHE A 1 123 ? 8.066   1.392   1.527   1.00 11.58 ? 1414 PHE A O   1 
ATOM   841  C CB  . PHE A 1 123 ? 5.523   2.089   -0.551  1.00 10.91 ? 1414 PHE A CB  1 
ATOM   842  C CG  . PHE A 1 123 ? 5.005   1.023   0.378   1.00 11.03 ? 1414 PHE A CG  1 
ATOM   843  C CD1 . PHE A 1 123 ? 4.342   1.369   1.532   1.00 10.01 ? 1414 PHE A CD1 1 
ATOM   844  C CD2 . PHE A 1 123 ? 5.175   -0.324  0.074   1.00 10.51 ? 1414 PHE A CD2 1 
ATOM   845  C CE1 . PHE A 1 123 ? 3.889   0.371   2.399   1.00 11.02 ? 1414 PHE A CE1 1 
ATOM   846  C CE2 . PHE A 1 123 ? 4.721   -1.300  0.941   1.00 11.58 ? 1414 PHE A CE2 1 
ATOM   847  C CZ  . PHE A 1 123 ? 4.072   -0.937  2.086   1.00 11.37 ? 1414 PHE A CZ  1 
ATOM   848  N N   . GLU A 1 124 ? 8.427   0.915   -0.652  1.00 10.71 ? 1415 GLU A N   1 
ATOM   849  C CA  . GLU A 1 124 ? 9.338   -0.194  -0.359  1.00 12.10 ? 1415 GLU A CA  1 
ATOM   850  C C   . GLU A 1 124 ? 10.545  0.334   0.412   1.00 13.04 ? 1415 GLU A C   1 
ATOM   851  O O   . GLU A 1 124 ? 11.047  -0.352  1.297   1.00 14.76 ? 1415 GLU A O   1 
ATOM   852  C CB  . GLU A 1 124 ? 9.759   -0.887  -1.647  1.00 12.86 ? 1415 GLU A CB  1 
ATOM   853  C CG  . GLU A 1 124 ? 8.610   -1.638  -2.300  1.00 14.07 ? 1415 GLU A CG  1 
ATOM   854  C CD  . GLU A 1 124 ? 8.007   -2.789  -1.501  1.00 14.60 ? 1415 GLU A CD  1 
ATOM   855  O OE1 . GLU A 1 124 ? 8.723   -3.351  -0.648  1.00 17.22 ? 1415 GLU A OE1 1 
ATOM   856  O OE2 . GLU A 1 124 ? 6.827   -3.080  -1.670  1.00 13.60 ? 1415 GLU A OE2 1 
ATOM   857  N N   . GLU A 1 125 ? 11.031  1.529   0.078   1.00 12.58 ? 1416 GLU A N   1 
ATOM   858  C CA  . GLU A 1 125 ? 12.229  2.116   0.736   1.00 13.84 ? 1416 GLU A CA  1 
ATOM   859  C C   . GLU A 1 125 ? 11.917  2.298   2.194   1.00 13.92 ? 1416 GLU A C   1 
ATOM   860  O O   . GLU A 1 125 ? 12.819  2.112   3.004   1.00 14.49 ? 1416 GLU A O   1 
ATOM   861  C CB  . GLU A 1 125 ? 12.497  3.477   0.105   1.00 13.68 ? 1416 GLU A CB  1 
ATOM   862  C CG  . GLU A 1 125 ? 13.580  4.366   0.707   1.00 15.90 ? 1416 GLU A CG  1 
ATOM   863  C CD  . GLU A 1 125 ? 13.765  5.614   -0.161  1.00 15.94 ? 1416 GLU A CD  1 
ATOM   864  O OE1 . GLU A 1 125 ? 14.233  5.416   -1.336  1.00 16.43 ? 1416 GLU A OE1 1 
ATOM   865  O OE2 . GLU A 1 125 ? 13.302  6.709   0.237   1.00 17.34 ? 1416 GLU A OE2 1 
ATOM   866  N N   . HIS A 1 126 ? 10.713  2.715   2.526   1.00 13.35 ? 1417 HIS A N   1 
ATOM   867  C CA  . HIS A 1 126 ? 10.292  3.044   3.902   1.00 15.26 ? 1417 HIS A CA  1 
ATOM   868  C C   . HIS A 1 126 ? 9.738   1.844   4.662   1.00 14.52 ? 1417 HIS A C   1 
ATOM   869  O O   . HIS A 1 126 ? 9.943   1.827   5.908   1.00 17.11 ? 1417 HIS A O   1 
ATOM   870  C CB  . HIS A 1 126 ? 9.303   4.189   3.889   1.00 15.14 ? 1417 HIS A CB  1 
ATOM   871  C CG  . HIS A 1 126 ? 9.907   5.501   3.579   1.00 20.56 ? 1417 HIS A CG  1 
ATOM   872  N ND1 . HIS A 1 126 ? 10.402  5.825   2.330   1.00 20.32 ? 1417 HIS A ND1 1 
ATOM   873  C CD2 . HIS A 1 126 ? 10.085  6.569   4.379   1.00 23.54 ? 1417 HIS A CD2 1 
ATOM   874  C CE1 . HIS A 1 126 ? 10.934  7.041   2.410   1.00 24.55 ? 1417 HIS A CE1 1 
ATOM   875  N NE2 . HIS A 1 126 ? 10.686  7.531   3.625   1.00 28.91 ? 1417 HIS A NE2 1 
ATOM   876  N N   . ILE A 1 127 ? 9.148   0.846   4.035   1.00 13.20 ? 1418 ILE A N   1 
ATOM   877  C CA  . ILE A 1 127 ? 8.548   -0.283  4.775   1.00 13.80 ? 1418 ILE A CA  1 
ATOM   878  C C   . ILE A 1 127 ? 9.606   -1.297  5.186   1.00 14.17 ? 1418 ILE A C   1 
ATOM   879  O O   . ILE A 1 127 ? 9.388   -2.032  6.120   1.00 13.08 ? 1418 ILE A O   1 
ATOM   880  C CB  . ILE A 1 127 ? 7.436   -0.949  3.951   1.00 13.40 ? 1418 ILE A CB  1 
ATOM   881  C CG1 . ILE A 1 127 ? 6.437   -1.705  4.834   1.00 14.30 ? 1418 ILE A CG1 1 
ATOM   882  C CG2 . ILE A 1 127 ? 8.010   -1.869  2.903   1.00 13.63 ? 1418 ILE A CG2 1 
ATOM   883  C CD1 . ILE A 1 127 ? 5.722   -0.850  5.790   1.00 14.66 ? 1418 ILE A CD1 1 
ATOM   884  N N   A SER A 1 128 ? 10.752  -1.326  4.514   0.25 13.58 ? 1419 SER A N   1 
ATOM   885  N N   B SER A 1 128 ? 10.748  -1.304  4.499   0.25 14.04 ? 1419 SER A N   1 
ATOM   886  C CA  A SER A 1 128 ? 11.783  -2.360  4.760   0.25 13.76 ? 1419 SER A CA  1 
ATOM   887  C CA  B SER A 1 128 ? 11.853  -2.263  4.730   0.25 14.55 ? 1419 SER A CA  1 
ATOM   888  C C   A SER A 1 128 ? 12.217  -2.362  6.242   0.25 13.57 ? 1419 SER A C   1 
ATOM   889  C C   B SER A 1 128 ? 12.209  -2.344  6.225   0.25 14.07 ? 1419 SER A C   1 
ATOM   890  O O   A SER A 1 128 ? 12.319  -3.463  6.805   0.25 13.28 ? 1419 SER A O   1 
ATOM   891  O O   B SER A 1 128 ? 12.272  -3.465  6.759   0.25 13.95 ? 1419 SER A O   1 
ATOM   892  C CB  A SER A 1 128 ? 12.938  -2.173  3.815   0.25 14.48 ? 1419 SER A CB  1 
ATOM   893  C CB  B SER A 1 128 ? 13.053  -1.885  3.900   0.25 15.72 ? 1419 SER A CB  1 
ATOM   894  O OG  A SER A 1 128 ? 13.441  -0.853  3.919   0.25 16.08 ? 1419 SER A OG  1 
ATOM   895  O OG  B SER A 1 128 ? 14.179  -2.653  4.290   0.25 18.46 ? 1419 SER A OG  1 
ATOM   896  N N   . SER A 1 129 ? 12.438  -1.202  6.863   1.00 13.53 ? 1420 SER A N   1 
ATOM   897  C CA  . SER A 1 129 ? 12.875  -1.154  8.282   1.00 14.90 ? 1420 SER A CA  1 
ATOM   898  C C   . SER A 1 129 ? 11.702  -1.549  9.175   1.00 14.31 ? 1420 SER A C   1 
ATOM   899  O O   . SER A 1 129 ? 11.921  -2.182  10.215  1.00 14.03 ? 1420 SER A O   1 
ATOM   900  C CB  . SER A 1 129 ? 13.437  0.162   8.695   1.00 17.51 ? 1420 SER A CB  1 
ATOM   901  O OG  . SER A 1 129 ? 12.521  1.216   8.526   1.00 23.18 ? 1420 SER A OG  1 
ATOM   902  N N   . VAL A 1 130 ? 10.484  -1.149  8.791   1.00 13.28 ? 1421 VAL A N   1 
ATOM   903  C CA  . VAL A 1 130 ? 9.302   -1.511  9.603   1.00 12.63 ? 1421 VAL A CA  1 
ATOM   904  C C   . VAL A 1 130 ? 9.166   -3.020  9.648   1.00 12.23 ? 1421 VAL A C   1 
ATOM   905  O O   . VAL A 1 130 ? 8.958   -3.576  10.772  1.00 12.86 ? 1421 VAL A O   1 
ATOM   906  C CB  . VAL A 1 130 ? 8.047   -0.887  9.021   1.00 11.83 ? 1421 VAL A CB  1 
ATOM   907  C CG1 . VAL A 1 130 ? 6.821   -1.301  9.837   1.00 12.82 ? 1421 VAL A CG1 1 
ATOM   908  C CG2 . VAL A 1 130 ? 8.163   0.603   8.978   1.00 12.53 ? 1421 VAL A CG2 1 
ATOM   909  N N   . LEU A 1 131 ? 9.291   -3.714  8.524   1.00 12.52 ? 1422 LEU A N   1 
ATOM   910  C CA  . LEU A 1 131 ? 9.219   -5.180  8.494   1.00 12.38 ? 1422 LEU A CA  1 
ATOM   911  C C   . LEU A 1 131 ? 10.390  -5.794  9.252   1.00 12.77 ? 1422 LEU A C   1 
ATOM   912  O O   . LEU A 1 131 ? 10.152  -6.665  10.075  1.00 13.00 ? 1422 LEU A O   1 
ATOM   913  C CB  . LEU A 1 131 ? 9.243   -5.663  7.046   1.00 12.63 ? 1422 LEU A CB  1 
ATOM   914  C CG  . LEU A 1 131 ? 8.018   -5.295  6.221   1.00 13.90 ? 1422 LEU A CG  1 
ATOM   915  C CD1 . LEU A 1 131 ? 8.269   -5.515  4.753   1.00 14.91 ? 1422 LEU A CD1 1 
ATOM   916  C CD2 . LEU A 1 131 ? 6.804   -6.065  6.692   1.00 14.89 ? 1422 LEU A CD2 1 
ATOM   917  N N   . SER A 1 132 ? 11.590  -5.296  9.028   1.00 13.66 ? 1423 SER A N   1 
ATOM   918  C CA  . SER A 1 132 ? 12.770  -5.862  9.714   1.00 12.64 ? 1423 SER A CA  1 
ATOM   919  C C   . SER A 1 132 ? 12.612  -5.750  11.221  1.00 13.47 ? 1423 SER A C   1 
ATOM   920  O O   . SER A 1 132 ? 12.893  -6.717  11.935  1.00 13.81 ? 1423 SER A O   1 
ATOM   921  C CB  . SER A 1 132 ? 14.040  -5.198  9.257   1.00 14.98 ? 1423 SER A CB  1 
ATOM   922  O OG  . SER A 1 132 ? 14.256  -5.526  7.924   1.00 18.21 ? 1423 SER A OG  1 
ATOM   923  N N   . ASP A 1 133 ? 12.258  -4.564  11.695  1.00 13.54 ? 1424 ASP A N   1 
ATOM   924  C CA  . ASP A 1 133 ? 12.143  -4.340  13.151  1.00 13.82 ? 1424 ASP A CA  1 
ATOM   925  C C   . ASP A 1 133 ? 11.057  -5.224  13.724  1.00 14.14 ? 1424 ASP A C   1 
ATOM   926  O O   . ASP A 1 133 ? 11.224  -5.823  14.823  1.00 14.12 ? 1424 ASP A O   1 
ATOM   927  C CB  . ASP A 1 133 ? 11.838  -2.888  13.477  1.00 14.98 ? 1424 ASP A CB  1 
ATOM   928  C CG  . ASP A 1 133 ? 12.990  -1.943  13.273  1.00 18.52 ? 1424 ASP A CG  1 
ATOM   929  O OD1 . ASP A 1 133 ? 14.109  -2.399  12.946  1.00 18.87 ? 1424 ASP A OD1 1 
ATOM   930  O OD2 . ASP A 1 133 ? 12.738  -0.752  13.443  1.00 23.49 ? 1424 ASP A OD2 1 
ATOM   931  N N   . TYR A 1 134 ? 9.922   -5.330  13.060  1.00 13.50 ? 1425 TYR A N   1 
ATOM   932  C CA  . TYR A 1 134 ? 8.828   -6.182  13.574  1.00 12.79 ? 1425 TYR A CA  1 
ATOM   933  C C   . TYR A 1 134 ? 9.304   -7.611  13.665  1.00 13.68 ? 1425 TYR A C   1 
ATOM   934  O O   . TYR A 1 134 ? 9.107   -8.304  14.709  1.00 12.75 ? 1425 TYR A O   1 
ATOM   935  C CB  . TYR A 1 134 ? 7.576   -6.069  12.686  1.00 12.52 ? 1425 TYR A CB  1 
ATOM   936  C CG  . TYR A 1 134 ? 6.492   -7.012  13.109  1.00 12.56 ? 1425 TYR A CG  1 
ATOM   937  C CD1 . TYR A 1 134 ? 5.702   -6.744  14.210  1.00 13.06 ? 1425 TYR A CD1 1 
ATOM   938  C CD2 . TYR A 1 134 ? 6.317   -8.210  12.459  1.00 13.38 ? 1425 TYR A CD2 1 
ATOM   939  C CE1 . TYR A 1 134 ? 4.690   -7.595  14.577  1.00 14.47 ? 1425 TYR A CE1 1 
ATOM   940  C CE2 . TYR A 1 134 ? 5.335   -9.091  12.840  1.00 14.46 ? 1425 TYR A CE2 1 
ATOM   941  C CZ  . TYR A 1 134 ? 4.523   -8.776  13.905  1.00 14.63 ? 1425 TYR A CZ  1 
ATOM   942  O OH  . TYR A 1 134 ? 3.553   -9.636  14.301  1.00 18.25 ? 1425 TYR A OH  1 
ATOM   943  N N   . LYS A 1 135 ? 9.911   -8.131  12.608  1.00 13.45 ? 1426 LYS A N   1 
ATOM   944  C CA  . LYS A 1 135 ? 10.283  -9.550  12.605  1.00 12.64 ? 1426 LYS A CA  1 
ATOM   945  C C   . LYS A 1 135 ? 11.363  -9.786  13.666  1.00 12.63 ? 1426 LYS A C   1 
ATOM   946  O O   . LYS A 1 135 ? 11.316  -10.832 14.318  1.00 12.66 ? 1426 LYS A O   1 
ATOM   947  C CB  . LYS A 1 135 ? 10.742  -9.997  11.216  1.00 14.30 ? 1426 LYS A CB  1 
ATOM   948  C CG  . LYS A 1 135 ? 9.604   -9.915  10.202  1.00 15.40 ? 1426 LYS A CG  1 
ATOM   949  C CD  . LYS A 1 135 ? 10.057  -10.322 8.806   1.00 16.80 ? 1426 LYS A CD  1 
ATOM   950  C CE  . LYS A 1 135 ? 8.984   -10.146 7.760   1.00 20.85 ? 1426 LYS A CE  1 
ATOM   951  N NZ  . LYS A 1 135 ? 9.635   -10.006 6.437   1.00 24.09 ? 1426 LYS A NZ  1 
ATOM   952  N N   . SER A 1 136 ? 12.268  -8.856  13.852  1.00 13.37 ? 1427 SER A N   1 
ATOM   953  C CA  . SER A 1 136 ? 13.313  -8.981  14.889  1.00 13.65 ? 1427 SER A CA  1 
ATOM   954  C C   . SER A 1 136 ? 12.691  -8.958  16.272  1.00 14.02 ? 1427 SER A C   1 
ATOM   955  O O   . SER A 1 136 ? 13.052  -9.767  17.151  1.00 13.64 ? 1427 SER A O   1 
ATOM   956  C CB  . SER A 1 136 ? 14.283  -7.862  14.707  1.00 16.01 ? 1427 SER A CB  1 
ATOM   957  O OG  . SER A 1 136 ? 15.048  -7.680  15.887  1.00 23.78 ? 1427 SER A OG  1 
ATOM   958  N N   . ALA A 1 137 ? 11.718  -8.100  16.477  1.00 13.56 ? 1428 ALA A N   1 
ATOM   959  C CA  . ALA A 1 137 ? 11.074  -7.928  17.782  1.00 14.11 ? 1428 ALA A CA  1 
ATOM   960  C C   . ALA A 1 137 ? 10.331  -9.208  18.090  1.00 13.57 ? 1428 ALA A C   1 
ATOM   961  O O   . ALA A 1 137 ? 10.343  -9.708  19.235  1.00 14.78 ? 1428 ALA A O   1 
ATOM   962  C CB  . ALA A 1 137 ? 10.133  -6.745  17.730  1.00 15.27 ? 1428 ALA A CB  1 
ATOM   963  N N   . LEU A 1 138 ? 9.682   -9.799  17.093  0.50 14.43 ? 1429 LEU A N   1 
ATOM   964  C CA  . LEU A 1 138 ? 8.910   -11.035 17.292  0.50 15.33 ? 1429 LEU A CA  1 
ATOM   965  C C   . LEU A 1 138 ? 9.847   -12.224 17.512  0.50 14.63 ? 1429 LEU A C   1 
ATOM   966  O O   . LEU A 1 138 ? 9.438   -13.154 18.246  0.50 14.93 ? 1429 LEU A O   1 
ATOM   967  C CB  . LEU A 1 138 ? 7.978   -11.246 16.104  0.50 17.43 ? 1429 LEU A CB  1 
ATOM   968  C CG  . LEU A 1 138 ? 6.698   -11.987 16.457  0.50 17.42 ? 1429 LEU A CG  1 
ATOM   969  C CD1 . LEU A 1 138 ? 5.817   -11.158 17.382  0.50 17.63 ? 1429 LEU A CD1 1 
ATOM   970  C CD2 . LEU A 1 138 ? 5.957   -12.367 15.191  0.50 17.99 ? 1429 LEU A CD2 1 
ATOM   971  N N   . ARG A 1 139 ? 11.030  -12.239 16.872  1.00 13.27 ? 1430 ARG A N   1 
ATOM   972  C CA  . ARG A 1 139 ? 12.016  -13.305 17.163  1.00 13.80 ? 1430 ARG A CA  1 
ATOM   973  C C   . ARG A 1 139 ? 12.529  -13.165 18.610  1.00 12.29 ? 1430 ARG A C   1 
ATOM   974  O O   . ARG A 1 139 ? 12.641  -14.172 19.314  1.00 13.98 ? 1430 ARG A O   1 
ATOM   975  C CB  . ARG A 1 139 ? 13.195  -13.245 16.189  1.00 13.71 ? 1430 ARG A CB  1 
ATOM   976  C CG  . ARG A 1 139 ? 12.858  -13.691 14.782  1.00 14.09 ? 1430 ARG A CG  1 
ATOM   977  C CD  . ARG A 1 139 ? 14.086  -13.840 13.910  1.00 15.16 ? 1430 ARG A CD  1 
ATOM   978  N NE  . ARG A 1 139 ? 14.743  -12.606 13.593  1.00 15.73 ? 1430 ARG A NE  1 
ATOM   979  C CZ  . ARG A 1 139 ? 14.540  -11.828 12.526  1.00 13.98 ? 1430 ARG A CZ  1 
ATOM   980  N NH1 . ARG A 1 139 ? 13.595  -12.109 11.650  1.00 16.39 ? 1430 ARG A NH1 1 
ATOM   981  N NH2 . ARG A 1 139 ? 15.299  -10.774 12.347  1.00 14.70 ? 1430 ARG A NH2 1 
ATOM   982  N N   . PHE A 1 140 ? 12.770  -11.936 19.047  1.00 11.40 ? 1431 PHE A N   1 
ATOM   983  C CA  . PHE A 1 140 ? 13.217  -11.741 20.431  1.00 11.79 ? 1431 PHE A CA  1 
ATOM   984  C C   . PHE A 1 140 ? 12.140  -12.215 21.399  1.00 12.11 ? 1431 PHE A C   1 
ATOM   985  O O   . PHE A 1 140 ? 12.430  -12.893 22.369  1.00 12.79 ? 1431 PHE A O   1 
ATOM   986  C CB  . PHE A 1 140 ? 13.561  -10.287 20.648  1.00 12.88 ? 1431 PHE A CB  1 
ATOM   987  C CG  . PHE A 1 140 ? 14.192  -10.033 21.982  1.00 14.63 ? 1431 PHE A CG  1 
ATOM   988  C CD1 . PHE A 1 140 ? 15.525  -10.365 22.191  1.00 16.97 ? 1431 PHE A CD1 1 
ATOM   989  C CD2 . PHE A 1 140 ? 13.459  -9.517  23.023  1.00 14.82 ? 1431 PHE A CD2 1 
ATOM   990  C CE1 . PHE A 1 140 ? 16.105  -10.156 23.438  1.00 16.54 ? 1431 PHE A CE1 1 
ATOM   991  C CE2 . PHE A 1 140 ? 14.039  -9.324  24.267  1.00 16.62 ? 1431 PHE A CE2 1 
ATOM   992  C CZ  . PHE A 1 140 ? 15.371  -9.600  24.445  1.00 17.48 ? 1431 PHE A CZ  1 
ATOM   993  N N   . HIS A 1 141 ? 10.891  -11.915 21.068  1.00 13.54 ? 1432 HIS A N   1 
ATOM   994  C CA  . HIS A 1 141 ? 9.759   -12.287 21.943  1.00 15.01 ? 1432 HIS A CA  1 
ATOM   995  C C   . HIS A 1 141 ? 9.743   -13.795 22.106  1.00 18.93 ? 1432 HIS A C   1 
ATOM   996  O O   . HIS A 1 141 ? 9.449   -14.259 23.232  1.00 22.11 ? 1432 HIS A O   1 
ATOM   997  C CB  . HIS A 1 141 ? 8.460   -11.766 21.357  1.00 16.57 ? 1432 HIS A CB  1 
ATOM   998  C CG  . HIS A 1 141 ? 7.338   -12.030 22.295  1.00 16.43 ? 1432 HIS A CG  1 
ATOM   999  N ND1 . HIS A 1 141 ? 7.190   -11.305 23.444  1.00 15.82 ? 1432 HIS A ND1 1 
ATOM   1000 C CD2 . HIS A 1 141 ? 6.290   -12.861 22.196  1.00 18.01 ? 1432 HIS A CD2 1 
ATOM   1001 C CE1 . HIS A 1 141 ? 6.140   -11.767 24.111  1.00 17.12 ? 1432 HIS A CE1 1 
ATOM   1002 N NE2 . HIS A 1 141 ? 5.541   -12.698 23.360  1.00 17.35 ? 1432 HIS A NE2 1 
ATOM   1003 N N   . LYS A 1 142 ? 10.007  -14.536 21.043  1.00 18.85 ? 1433 LYS A N   1 
ATOM   1004 C CA  . LYS A 1 142 ? 9.936   -16.010 21.014  1.00 23.36 ? 1433 LYS A CA  1 
ATOM   1005 C C   . LYS A 1 142 ? 11.273  -16.662 21.346  1.00 24.14 ? 1433 LYS A C   1 
ATOM   1006 O O   . LYS A 1 142 ? 11.331  -17.883 21.232  1.00 33.10 ? 1433 LYS A O   1 
ATOM   1007 C CB  . LYS A 1 142 ? 9.471   -16.455 19.624  1.00 29.39 ? 1433 LYS A CB  1 
ATOM   1008 C CG  . LYS A 1 142 ? 8.102   -15.945 19.196  1.00 34.38 ? 1433 LYS A CG  1 
ATOM   1009 C CD  . LYS A 1 142 ? 7.696   -16.496 17.830  1.00 39.10 ? 1433 LYS A CD  1 
ATOM   1010 C CE  . LYS A 1 142 ? 6.704   -15.647 17.060  1.00 42.86 ? 1433 LYS A CE  1 
ATOM   1011 N NZ  . LYS A 1 142 ? 5.685   -15.039 17.950  1.00 46.97 ? 1433 LYS A NZ  1 
ATOM   1012 N N   . ARG A 1 143 ? 12.304  -15.931 21.765  1.00 22.88 ? 1434 ARG A N   1 
ATOM   1013 C CA  . ARG A 1 143 ? 13.699  -16.443 21.894  1.00 22.63 ? 1434 ARG A CA  1 
ATOM   1014 C C   . ARG A 1 143 ? 13.792  -17.597 22.900  1.00 26.18 ? 1434 ARG A C   1 
ATOM   1015 O O   . ARG A 1 143 ? 13.038  -17.558 23.824  1.00 30.66 ? 1434 ARG A O   1 
ATOM   1016 C CB  . ARG A 1 143 ? 14.671  -15.324 22.256  1.00 21.26 ? 1434 ARG A CB  1 
ATOM   1017 C CG  . ARG A 1 143 ? 14.445  -14.766 23.656  1.00 20.38 ? 1434 ARG A CG  1 
ATOM   1018 C CD  . ARG A 1 143 ? 15.179  -13.478 23.823  1.00 20.78 ? 1434 ARG A CD  1 
ATOM   1019 N NE  . ARG A 1 143 ? 15.100  -13.025 25.193  1.00 21.02 ? 1434 ARG A NE  1 
ATOM   1020 C CZ  . ARG A 1 143 ? 14.068  -12.523 25.803  1.00 21.71 ? 1434 ARG A CZ  1 
ATOM   1021 N NH1 . ARG A 1 143 ? 12.929  -12.291 25.178  1.00 19.92 ? 1434 ARG A NH1 1 
ATOM   1022 N NH2 . ARG A 1 143 ? 14.210  -12.121 27.055  1.00 24.08 ? 1434 ARG A NH2 1 
HETATM 1023 N N1  . Y2V B 2 .   ? -7.736  4.966   -10.712 0.51 11.25 ? 1501 Y2V A N1  1 
HETATM 1024 C C4  . Y2V B 2 .   ? -4.485  2.845   -13.669 0.51 9.49  ? 1501 Y2V A C4  1 
HETATM 1025 C C5  . Y2V B 2 .   ? -4.903  2.571   -12.268 0.51 10.37 ? 1501 Y2V A C5  1 
HETATM 1026 C C6  . Y2V B 2 .   ? -7.273  3.397   -12.545 0.51 10.92 ? 1501 Y2V A C6  1 
HETATM 1027 C C7  . Y2V B 2 .   ? -7.584  4.831   -12.176 0.51 11.03 ? 1501 Y2V A C7  1 
HETATM 1028 C C8  . Y2V B 2 .   ? -8.731  5.742   -10.197 0.51 12.01 ? 1501 Y2V A C8  1 
HETATM 1029 C C10 . Y2V B 2 .   ? -9.581  8.201   -8.144  0.51 15.93 ? 1501 Y2V A C10 1 
HETATM 1030 N N   . Y2V B 2 .   ? -6.096  2.950   -11.789 0.51 10.60 ? 1501 Y2V A N   1 
HETATM 1031 C C   . Y2V B 2 .   ? -4.994  4.682   -16.703 0.51 8.88  ? 1501 Y2V A C   1 
HETATM 1032 O O   . Y2V B 2 .   ? -4.079  2.031   -11.549 0.51 10.25 ? 1501 Y2V A O   1 
HETATM 1033 C C1  . Y2V B 2 .   ? -4.449  3.779   -15.661 0.51 9.25  ? 1501 Y2V A C1  1 
HETATM 1034 C C11 . Y2V B 2 .   ? -6.615  4.428   -9.930  0.51 11.22 ? 1501 Y2V A C11 1 
HETATM 1035 C C12 . Y2V B 2 .   ? -6.335  3.004   -10.343 0.51 11.46 ? 1501 Y2V A C12 1 
HETATM 1036 C C2  . Y2V B 2 .   ? -3.357  3.015   -15.568 0.51 9.23  ? 1501 Y2V A C2  1 
HETATM 1037 C C3  . Y2V B 2 .   ? -3.368  2.417   -14.296 0.51 9.72  ? 1501 Y2V A C3  1 
HETATM 1038 C C9  . Y2V B 2 .   ? -9.737  6.716   -8.187  0.51 14.85 ? 1501 Y2V A C9  1 
HETATM 1039 F F   . Y2V B 2 .   ? -8.498  8.567   -7.489  0.51 18.19 ? 1501 Y2V A F   1 
HETATM 1040 F F1  . Y2V B 2 .   ? -9.525  8.741   -9.356  0.51 17.53 ? 1501 Y2V A F1  1 
HETATM 1041 F F2  . Y2V B 2 .   ? -10.589 8.804   -7.537  0.51 16.96 ? 1501 Y2V A F2  1 
HETATM 1042 N N2  . Y2V B 2 .   ? -8.648  6.072   -8.900  0.51 13.50 ? 1501 Y2V A N2  1 
HETATM 1043 O O1  . Y2V B 2 .   ? -9.631  6.159   -10.908 0.51 12.06 ? 1501 Y2V A O1  1 
HETATM 1044 O O2  . Y2V B 2 .   ? -5.186  3.683   -14.502 0.51 8.82  ? 1501 Y2V A O2  1 
HETATM 1045 O O   . HOH C 3 .   ? -15.760 12.061  -12.053 1.00 61.22 ? 1601 HOH A O   1 
HETATM 1046 O O   . HOH C 3 .   ? -17.103 -5.614  -14.752 1.00 45.22 ? 1602 HOH A O   1 
HETATM 1047 O O   . HOH C 3 .   ? 3.548   10.311  -13.805 1.00 30.57 ? 1603 HOH A O   1 
HETATM 1048 O O   . HOH C 3 .   ? -12.265 -0.690  0.411   1.00 40.57 ? 1604 HOH A O   1 
HETATM 1049 O O   . HOH C 3 .   ? 1.820   -8.879  15.830  1.00 29.89 ? 1605 HOH A O   1 
HETATM 1050 O O   . HOH C 3 .   ? -1.893  -14.512 16.374  1.00 33.23 ? 1606 HOH A O   1 
HETATM 1051 O O   . HOH C 3 .   ? 11.060  3.260   7.551   1.00 31.26 ? 1607 HOH A O   1 
HETATM 1052 O O   . HOH C 3 .   ? -8.799  8.978   -12.791 1.00 27.36 ? 1608 HOH A O   1 
HETATM 1053 O O   . HOH C 3 .   ? -10.686 0.065   -21.566 1.00 27.47 ? 1609 HOH A O   1 
HETATM 1054 O O   . HOH C 3 .   ? -3.108  5.892   -20.150 1.00 31.66 ? 1610 HOH A O   1 
HETATM 1055 O O   . HOH C 3 .   ? -13.590 -5.655  -20.657 1.00 29.27 ? 1611 HOH A O   1 
HETATM 1056 O O   . HOH C 3 .   ? -6.816  -6.606  4.333   1.00 36.65 ? 1612 HOH A O   1 
HETATM 1057 O O   . HOH C 3 .   ? -14.075 6.689   -5.850  1.00 39.95 ? 1613 HOH A O   1 
HETATM 1058 O O   . HOH C 3 .   ? -11.059 -5.217  -2.101  1.00 26.30 ? 1614 HOH A O   1 
HETATM 1059 O O   . HOH C 3 .   ? -3.968  -6.954  -17.296 1.00 15.95 ? 1615 HOH A O   1 
HETATM 1060 O O   . HOH C 3 .   ? -16.443 2.955   -7.648  1.00 44.37 ? 1616 HOH A O   1 
HETATM 1061 O O   . HOH C 3 .   ? -7.195  -9.565  -15.288 1.00 36.29 ? 1617 HOH A O   1 
HETATM 1062 O O   . HOH C 3 .   ? 2.320   11.548  10.600  1.00 39.73 ? 1618 HOH A O   1 
HETATM 1063 O O   . HOH C 3 .   ? -8.149  10.739  -5.068  1.00 32.91 ? 1619 HOH A O   1 
HETATM 1064 O O   . HOH C 3 .   ? -3.910  13.700  0.731   1.00 26.62 ? 1620 HOH A O   1 
HETATM 1065 O O   . HOH C 3 .   ? -11.808 4.895   -19.245 1.00 43.82 ? 1621 HOH A O   1 
HETATM 1066 O O   . HOH C 3 .   ? -7.382  -1.069  -7.028  1.00 14.20 ? 1622 HOH A O   1 
HETATM 1067 O O   . HOH C 3 .   ? 1.472   -11.788 9.615   1.00 30.21 ? 1623 HOH A O   1 
HETATM 1068 O O   . HOH C 3 .   ? 15.634  3.362   -2.138  1.00 26.93 ? 1624 HOH A O   1 
HETATM 1069 O O   . HOH C 3 .   ? -12.137 6.885   -10.762 0.51 16.25 ? 1625 HOH A O   1 
HETATM 1070 O O   . HOH C 3 .   ? -1.276  -4.012  -18.435 1.00 14.33 ? 1626 HOH A O   1 
HETATM 1071 O O   . HOH C 3 .   ? 7.215   -1.401  -15.493 1.00 28.80 ? 1627 HOH A O   1 
HETATM 1072 O O   . HOH C 3 .   ? 2.987   -11.902 13.072  1.00 28.21 ? 1628 HOH A O   1 
HETATM 1073 O O   . HOH C 3 .   ? 18.827  -7.201  17.946  1.00 28.50 ? 1629 HOH A O   1 
HETATM 1074 O O   . HOH C 3 .   ? 10.795  -3.097  0.993   1.00 17.99 ? 1630 HOH A O   1 
HETATM 1075 O O   . HOH C 3 .   ? -7.012  0.596   16.238  1.00 16.54 ? 1631 HOH A O   1 
HETATM 1076 O O   . HOH C 3 .   ? -12.364 -1.663  15.055  1.00 26.46 ? 1632 HOH A O   1 
HETATM 1077 O O   . HOH C 3 .   ? 10.258  -8.383  21.618  1.00 15.38 ? 1633 HOH A O   1 
HETATM 1078 O O   . HOH C 3 .   ? 9.141   -9.534  23.865  1.00 15.41 ? 1634 HOH A O   1 
HETATM 1079 O O   . HOH C 3 .   ? -5.357  0.051   -10.290 1.00 13.99 ? 1635 HOH A O   1 
HETATM 1080 O O   . HOH C 3 .   ? 12.666  -5.691  5.330   1.00 19.83 ? 1636 HOH A O   1 
HETATM 1081 O O   . HOH C 3 .   ? -0.105  -8.020  -5.417  1.00 14.81 ? 1637 HOH A O   1 
HETATM 1082 O O   . HOH C 3 .   ? 0.039   18.468  0.401   1.00 19.06 ? 1638 HOH A O   1 
HETATM 1083 O O   . HOH C 3 .   ? 4.900   13.161  1.610   1.00 33.86 ? 1639 HOH A O   1 
HETATM 1084 O O   . HOH C 3 .   ? 2.034   15.657  -9.668  1.00 27.51 ? 1640 HOH A O   1 
HETATM 1085 O O   . HOH C 3 .   ? 5.368   -2.106  -3.709  1.00 16.50 ? 1641 HOH A O   1 
HETATM 1086 O O   . HOH C 3 .   ? -13.997 -8.326  -10.546 1.00 25.86 ? 1642 HOH A O   1 
HETATM 1087 O O   . HOH C 3 .   ? 5.945   7.240   -18.173 1.00 27.94 ? 1643 HOH A O   1 
HETATM 1088 O O   . HOH C 3 .   ? -15.735 -1.623  -7.837  1.00 37.66 ? 1644 HOH A O   1 
HETATM 1089 O O   . HOH C 3 .   ? -3.155  -7.205  -8.790  1.00 15.68 ? 1645 HOH A O   1 
HETATM 1090 O O   . HOH C 3 .   ? 7.353   2.826   -16.954 1.00 27.04 ? 1646 HOH A O   1 
HETATM 1091 O O   . HOH C 3 .   ? -0.334  -8.317  -2.733  1.00 15.09 ? 1647 HOH A O   1 
HETATM 1092 O O   . HOH C 3 .   ? 3.582   17.978  2.467   1.00 37.60 ? 1648 HOH A O   1 
HETATM 1093 O O   . HOH C 3 .   ? 6.232   -2.113  -7.758  1.00 24.74 ? 1649 HOH A O   1 
HETATM 1094 O O   . HOH C 3 .   ? -13.544 -10.548 -6.536  1.00 41.07 ? 1650 HOH A O   1 
HETATM 1095 O O   . HOH C 3 .   ? 7.674   5.943   -12.869 1.00 15.65 ? 1651 HOH A O   1 
HETATM 1096 O O   . HOH C 3 .   ? 14.883  7.334   2.375   1.00 25.52 ? 1652 HOH A O   1 
HETATM 1097 O O   . HOH C 3 .   ? 0.893   -0.820  -24.443 1.00 20.42 ? 1653 HOH A O   1 
HETATM 1098 O O   . HOH C 3 .   ? -5.866  2.032   -5.972  1.00 16.80 ? 1654 HOH A O   1 
HETATM 1099 O O   . HOH C 3 .   ? 3.675   -9.156  3.022   1.00 19.39 ? 1655 HOH A O   1 
HETATM 1100 O O   . HOH C 3 .   ? -15.899 -3.192  -14.658 1.00 24.58 ? 1656 HOH A O   1 
HETATM 1101 O O   . HOH C 3 .   ? 2.510   1.464   17.246  1.00 13.33 ? 1657 HOH A O   1 
HETATM 1102 O O   . HOH C 3 .   ? 13.745  -16.509 18.393  1.00 30.55 ? 1658 HOH A O   1 
HETATM 1103 O O   . HOH C 3 .   ? 2.959   -5.137  -6.296  1.00 13.19 ? 1659 HOH A O   1 
HETATM 1104 O O   . HOH C 3 .   ? 2.559   -0.645  -10.117 1.00 12.23 ? 1660 HOH A O   1 
HETATM 1105 O O   . HOH C 3 .   ? 16.611  -12.203 15.578  1.00 18.49 ? 1661 HOH A O   1 
HETATM 1106 O O   . HOH C 3 .   ? 12.304  8.268   -1.804  1.00 16.80 ? 1662 HOH A O   1 
HETATM 1107 O O   . HOH C 3 .   ? 5.534   10.300  -14.830 1.00 21.19 ? 1663 HOH A O   1 
HETATM 1108 O O   . HOH C 3 .   ? 7.209   5.453   9.480   1.00 24.87 ? 1664 HOH A O   1 
HETATM 1109 O O   . HOH C 3 .   ? 6.061   3.210   16.609  1.00 24.55 ? 1665 HOH A O   1 
HETATM 1110 O O   . HOH C 3 .   ? 15.433  1.494   2.358   1.00 30.40 ? 1666 HOH A O   1 
HETATM 1111 O O   . HOH C 3 .   ? -3.390  -8.336  3.799   1.00 21.11 ? 1667 HOH A O   1 
HETATM 1112 O O   . HOH C 3 .   ? 0.151   -11.033 17.072  0.50 26.46 ? 1668 HOH A O   1 
HETATM 1113 O O   . HOH C 3 .   ? -0.976  13.258  5.157   1.00 26.50 ? 1669 HOH A O   1 
HETATM 1114 O O   . HOH C 3 .   ? 9.566   7.747   -5.351  1.00 18.70 ? 1670 HOH A O   1 
HETATM 1115 O O   . HOH C 3 .   ? -4.729  0.253   -7.587  1.00 17.55 ? 1671 HOH A O   1 
HETATM 1116 O O   . HOH C 3 .   ? 7.163   6.859   -17.137 1.00 33.59 ? 1672 HOH A O   1 
HETATM 1117 O O   . HOH C 3 .   ? -0.954  -14.295 2.480   1.00 40.49 ? 1673 HOH A O   1 
HETATM 1118 O O   . HOH C 3 .   ? 8.933   0.901   -8.491  1.00 21.67 ? 1674 HOH A O   1 
HETATM 1119 O O   . HOH C 3 .   ? -10.893 2.460   10.851  1.00 25.83 ? 1675 HOH A O   1 
HETATM 1120 O O   . HOH C 3 .   ? 10.164  -2.853  16.807  1.00 20.88 ? 1676 HOH A O   1 
HETATM 1121 O O   . HOH C 3 .   ? 15.718  -3.447  6.788   1.00 23.03 ? 1677 HOH A O   1 
HETATM 1122 O O   . HOH C 3 .   ? -1.570  15.669  -2.734  1.00 29.06 ? 1678 HOH A O   1 
HETATM 1123 O O   . HOH C 3 .   ? -9.287  -4.559  4.430   1.00 30.86 ? 1679 HOH A O   1 
HETATM 1124 O O   . HOH C 3 .   ? -11.851 2.288   -19.405 1.00 43.75 ? 1680 HOH A O   1 
HETATM 1125 O O   . HOH C 3 .   ? 11.115  0.681   11.681  1.00 28.96 ? 1681 HOH A O   1 
HETATM 1126 O O   . HOH C 3 .   ? 8.321   -2.281  13.259  1.00 13.25 ? 1682 HOH A O   1 
HETATM 1127 O O   . HOH C 3 .   ? 7.925   -8.643  2.039   1.00 29.84 ? 1683 HOH A O   1 
HETATM 1128 O O   . HOH C 3 .   ? -1.732  13.949  -8.452  1.00 23.58 ? 1684 HOH A O   1 
HETATM 1129 O O   . HOH C 3 .   ? -7.136  13.709  -2.371  1.00 32.11 ? 1685 HOH A O   1 
HETATM 1130 O O   . HOH C 3 .   ? 0.447   17.204  -2.046  1.00 21.86 ? 1686 HOH A O   1 
HETATM 1131 O O   . HOH C 3 .   ? 2.407   13.112  -10.278 1.00 23.27 ? 1687 HOH A O   1 
HETATM 1132 O O   . HOH C 3 .   ? -4.389  -2.803  12.505  1.00 12.93 ? 1688 HOH A O   1 
HETATM 1133 O O   . HOH C 3 .   ? -4.417  -8.515  -0.372  1.00 29.41 ? 1689 HOH A O   1 
HETATM 1134 O O   . HOH C 3 .   ? -1.906  3.333   16.712  1.00 36.18 ? 1690 HOH A O   1 
HETATM 1135 O O   . HOH C 3 .   ? 0.482   8.041   13.997  1.00 40.33 ? 1691 HOH A O   1 
HETATM 1136 O O   . HOH C 3 .   ? 12.910  -3.864  17.262  1.00 49.93 ? 1692 HOH A O   1 
HETATM 1137 O O   . HOH C 3 .   ? 9.724   -12.877 13.202  1.00 20.02 ? 1693 HOH A O   1 
HETATM 1138 O O   . HOH C 3 .   ? 7.341   -4.001  -15.922 1.00 24.93 ? 1694 HOH A O   1 
HETATM 1139 O O   . HOH C 3 .   ? 0.028   19.235  -4.021  1.00 19.83 ? 1695 HOH A O   1 
HETATM 1140 O O   . HOH C 3 .   ? -11.246 -2.965  8.305   1.00 40.29 ? 1696 HOH A O   1 
HETATM 1141 O O   . HOH C 3 .   ? -7.838  -3.876  3.616   1.00 28.26 ? 1697 HOH A O   1 
HETATM 1142 O O   . HOH C 3 .   ? -8.095  2.991   -6.805  0.51 13.44 ? 1698 HOH A O   1 
HETATM 1143 O O   . HOH C 3 .   ? 13.267  1.361   5.704   1.00 21.48 ? 1699 HOH A O   1 
HETATM 1144 O O   . HOH C 3 .   ? 12.602  1.196   -3.342  1.00 23.31 ? 1700 HOH A O   1 
HETATM 1145 O O   . HOH C 3 .   ? 0.234   -6.862  -11.830 1.00 19.70 ? 1701 HOH A O   1 
HETATM 1146 O O   . HOH C 3 .   ? 2.076   -3.323  -17.095 1.00 20.11 ? 1702 HOH A O   1 
HETATM 1147 O O   . HOH C 3 .   ? -3.699  0.409   18.662  1.00 20.99 ? 1703 HOH A O   1 
HETATM 1148 O O   . HOH C 3 .   ? 11.501  -14.041 11.539  1.00 19.81 ? 1704 HOH A O   1 
HETATM 1149 O O   . HOH C 3 .   ? -2.838  7.254   -16.919 1.00 14.53 ? 1705 HOH A O   1 
HETATM 1150 O O   . HOH C 3 .   ? -6.970  -7.734  -8.140  1.00 17.57 ? 1706 HOH A O   1 
HETATM 1151 O O   . HOH C 3 .   ? -0.760  -13.935 -0.883  1.00 28.45 ? 1707 HOH A O   1 
HETATM 1152 O O   . HOH C 3 .   ? 2.385   4.448   -24.519 1.00 48.47 ? 1708 HOH A O   1 
HETATM 1153 O O   . HOH C 3 .   ? -11.165 -1.360  6.173   1.00 34.72 ? 1709 HOH A O   1 
HETATM 1154 O O   . HOH C 3 .   ? 6.290   8.882   -5.291  1.00 22.55 ? 1710 HOH A O   1 
HETATM 1155 O O   . HOH C 3 .   ? 15.716  -10.730 17.619  1.00 15.27 ? 1711 HOH A O   1 
HETATM 1156 O O   . HOH C 3 .   ? 4.157   15.444  -3.639  1.00 28.00 ? 1712 HOH A O   1 
HETATM 1157 O O   . HOH C 3 .   ? 10.685  -0.413  15.569  1.00 21.58 ? 1713 HOH A O   1 
HETATM 1158 O O   . HOH C 3 .   ? -2.298  7.261   8.589   1.00 28.71 ? 1714 HOH A O   1 
HETATM 1159 O O   . HOH C 3 .   ? 9.067   8.352   -13.133 1.00 15.78 ? 1715 HOH A O   1 
HETATM 1160 O O   . HOH C 3 .   ? -6.759  -7.408  7.118   1.00 25.09 ? 1716 HOH A O   1 
HETATM 1161 O O   . HOH C 3 .   ? -18.987 -0.861  -15.926 1.00 25.10 ? 1717 HOH A O   1 
HETATM 1162 O O   . HOH C 3 .   ? -10.655 2.963   15.175  1.00 41.95 ? 1718 HOH A O   1 
HETATM 1163 O O   . HOH C 3 .   ? -6.800  8.039   -17.106 1.00 24.79 ? 1719 HOH A O   1 
HETATM 1164 O O   . HOH C 3 .   ? 9.179   -0.650  -6.121  1.00 20.82 ? 1720 HOH A O   1 
HETATM 1165 O O   . HOH C 3 .   ? 4.105   11.235  8.689   1.00 28.09 ? 1721 HOH A O   1 
HETATM 1166 O O   . HOH C 3 .   ? 11.691  -1.239  19.611  1.00 27.02 ? 1722 HOH A O   1 
HETATM 1167 O O   . HOH C 3 .   ? -6.944  -7.782  0.489   1.00 36.68 ? 1723 HOH A O   1 
HETATM 1168 O O   . HOH C 3 .   ? -3.342  -14.122 -1.671  1.00 27.50 ? 1724 HOH A O   1 
HETATM 1169 O O   . HOH C 3 .   ? -10.303 0.196   -3.661  1.00 17.94 ? 1725 HOH A O   1 
HETATM 1170 O O   . HOH C 3 .   ? 6.942   -3.502  15.450  1.00 12.99 ? 1726 HOH A O   1 
HETATM 1171 O O   . HOH C 3 .   ? 0.774   -7.616  19.498  1.00 23.29 ? 1727 HOH A O   1 
HETATM 1172 O O   . HOH C 3 .   ? 19.496  -7.149  23.075  1.00 35.50 ? 1728 HOH A O   1 
HETATM 1173 O O   . HOH C 3 .   ? -18.302 3.002   -9.579  0.51 20.03 ? 1729 HOH A O   1 
HETATM 1174 O O   . HOH C 3 .   ? 0.413   -2.435  17.257  1.00 15.14 ? 1730 HOH A O   1 
HETATM 1175 O O   . HOH C 3 .   ? -12.197 0.290   -7.307  1.00 19.38 ? 1731 HOH A O   1 
HETATM 1176 O O   . HOH C 3 .   ? 3.527   -8.934  0.207   1.00 16.31 ? 1732 HOH A O   1 
HETATM 1177 O O   . HOH C 3 .   ? -14.013 -0.129  -8.998  0.51 19.75 ? 1733 HOH A O   1 
HETATM 1178 O O   . HOH C 3 .   ? 0.727   -5.203  17.186  1.00 18.87 ? 1734 HOH A O   1 
HETATM 1179 O O   . HOH C 3 .   ? 9.799   -7.218  1.714   1.00 27.58 ? 1735 HOH A O   1 
HETATM 1180 O O   . HOH C 3 .   ? 15.749  -0.611  5.818   1.00 32.30 ? 1736 HOH A O   1 
HETATM 1181 O O   . HOH C 3 .   ? 4.237   1.913   -24.241 0.51 38.25 ? 1737 HOH A O   1 
HETATM 1182 O O   . HOH C 3 .   ? 0.064   16.838  -13.478 1.00 19.90 ? 1738 HOH A O   1 
HETATM 1183 O O   . HOH C 3 .   ? 4.294   0.439   19.979  1.00 19.29 ? 1739 HOH A O   1 
HETATM 1184 O O   . HOH C 3 .   ? -7.079  -8.990  -10.644 1.00 26.57 ? 1740 HOH A O   1 
HETATM 1185 O O   . HOH C 3 .   ? -9.850  3.156   -19.651 1.00 33.38 ? 1741 HOH A O   1 
HETATM 1186 O O   . HOH C 3 .   ? -7.949  8.323   4.396   1.00 32.11 ? 1742 HOH A O   1 
HETATM 1187 O O   . HOH C 3 .   ? -12.052 3.199   1.684   1.00 45.11 ? 1743 HOH A O   1 
HETATM 1188 O O   . HOH C 3 .   ? 6.537   -3.433  -11.375 1.00 23.04 ? 1744 HOH A O   1 
HETATM 1189 O O   . HOH C 3 .   ? -8.899  6.117   5.531   1.00 33.58 ? 1745 HOH A O   1 
HETATM 1190 O O   . HOH C 3 .   ? 4.685   -6.832  -17.467 1.00 28.38 ? 1746 HOH A O   1 
HETATM 1191 O O   . HOH C 3 .   ? -0.478  15.465  -10.150 1.00 29.61 ? 1747 HOH A O   1 
HETATM 1192 O O   . HOH C 3 .   ? -3.647  7.323   10.829  1.00 35.21 ? 1748 HOH A O   1 
HETATM 1193 O O   . HOH C 3 .   ? 9.016   -12.829 26.177  1.00 42.59 ? 1749 HOH A O   1 
HETATM 1194 O O   . HOH C 3 .   ? 6.936   -11.409 4.989   1.00 32.27 ? 1750 HOH A O   1 
HETATM 1195 O O   . HOH C 3 .   ? -2.458  15.035  -6.867  1.00 47.36 ? 1751 HOH A O   1 
HETATM 1196 O O   . HOH C 3 .   ? 0.876   -11.218 5.086   1.00 30.98 ? 1752 HOH A O   1 
HETATM 1197 O O   . HOH C 3 .   ? 1.490   1.601   -25.541 1.00 36.06 ? 1753 HOH A O   1 
HETATM 1198 O O   . HOH C 3 .   ? 16.153  -12.853 19.475  1.00 15.95 ? 1754 HOH A O   1 
HETATM 1199 O O   . HOH C 3 .   ? -2.986  15.902  -4.790  1.00 43.25 ? 1755 HOH A O   1 
HETATM 1200 O O   . HOH C 3 .   ? -9.609  0.529   -6.251  1.00 17.13 ? 1756 HOH A O   1 
HETATM 1201 O O   . HOH C 3 .   ? 3.266   -4.734  -9.022  1.00 14.97 ? 1757 HOH A O   1 
HETATM 1202 O O   . HOH C 3 .   ? 5.186   13.880  -7.202  1.00 26.34 ? 1758 HOH A O   1 
HETATM 1203 O O   . HOH C 3 .   ? 8.963   -14.721 15.081  1.00 26.60 ? 1759 HOH A O   1 
HETATM 1204 O O   . HOH C 3 .   ? 7.983   4.926   -15.336 1.00 22.63 ? 1760 HOH A O   1 
HETATM 1205 O O   . HOH C 3 .   ? -7.353  17.466  -9.164  1.00 29.58 ? 1761 HOH A O   1 
HETATM 1206 O O   . HOH C 3 .   ? -3.617  16.186  -0.375  1.00 27.38 ? 1762 HOH A O   1 
HETATM 1207 O O   . HOH C 3 .   ? -8.724  11.394  -1.744  1.00 39.81 ? 1763 HOH A O   1 
HETATM 1208 O O   . HOH C 3 .   ? 16.045  -15.522 18.848  1.00 36.56 ? 1764 HOH A O   1 
HETATM 1209 O O   . HOH C 3 .   ? -12.942 -9.704  -18.822 1.00 32.68 ? 1765 HOH A O   1 
HETATM 1210 O O   . HOH C 3 .   ? -5.975  16.553  -1.366  1.00 26.86 ? 1766 HOH A O   1 
HETATM 1211 O O   . HOH C 3 .   ? 10.904  4.713   -9.189  1.00 24.98 ? 1767 HOH A O   1 
HETATM 1212 O O   . HOH C 3 .   ? 6.146   -8.605  3.876   1.00 25.90 ? 1768 HOH A O   1 
HETATM 1213 O O   . HOH C 3 .   ? -2.134  -12.742 -2.924  1.00 29.46 ? 1769 HOH A O   1 
HETATM 1214 O O   . HOH C 3 .   ? 0.506   -7.363  -14.534 1.00 27.68 ? 1770 HOH A O   1 
HETATM 1215 O O   . HOH C 3 .   ? -7.474  14.797  -4.636  1.00 52.57 ? 1771 HOH A O   1 
HETATM 1216 O O   . HOH C 3 .   ? 5.353   -4.225  -5.412  1.00 20.31 ? 1772 HOH A O   1 
HETATM 1217 O O   . HOH C 3 .   ? 2.859   -11.559 3.195   1.00 31.22 ? 1773 HOH A O   1 
HETATM 1218 O O   . HOH C 3 .   ? 11.470  -5.217  2.649   1.00 17.96 ? 1774 HOH A O   1 
HETATM 1219 O O   . HOH C 3 .   ? -14.141 -0.654  -5.775  1.00 39.30 ? 1775 HOH A O   1 
HETATM 1220 O O   . HOH C 3 .   ? -5.380  5.134   -20.124 1.00 66.08 ? 1776 HOH A O   1 
HETATM 1221 O O   . HOH C 3 .   ? -0.047  2.001   18.007  1.00 21.88 ? 1777 HOH A O   1 
HETATM 1222 O O   . HOH C 3 .   ? 4.393   3.016   18.704  1.00 27.01 ? 1778 HOH A O   1 
HETATM 1223 O O   . HOH C 3 .   ? 4.578   -2.465  -9.827  1.00 13.09 ? 1779 HOH A O   1 
HETATM 1224 O O   . HOH C 3 .   ? 8.624   -2.040  -12.509 1.00 31.69 ? 1780 HOH A O   1 
HETATM 1225 O O   . HOH C 3 .   ? 8.052   0.409   -16.561 1.00 35.60 ? 1781 HOH A O   1 
HETATM 1226 O O   . HOH C 3 .   ? -15.274 -9.417  -19.726 1.00 36.00 ? 1782 HOH A O   1 
HETATM 1227 O O   . HOH C 3 .   ? -2.709  -9.840  -2.581  1.00 25.25 ? 1783 HOH A O   1 
HETATM 1228 O O   . HOH C 3 .   ? 9.801   4.364   -11.723 1.00 27.81 ? 1784 HOH A O   1 
HETATM 1229 O O   . HOH C 3 .   ? 10.736  -16.661 16.029  1.00 32.47 ? 1785 HOH A O   1 
HETATM 1230 O O   . HOH C 3 .   ? -12.543 5.356   0.406   1.00 36.78 ? 1786 HOH A O   1 
HETATM 1231 O O   . HOH C 3 .   ? -12.795 -0.872  -2.916  1.00 32.97 ? 1787 HOH A O   1 
HETATM 1232 O O   . HOH C 3 .   ? -10.257 -4.715  2.435   1.00 36.04 ? 1788 HOH A O   1 
HETATM 1233 O O   . HOH C 3 .   ? 12.242  -16.414 12.477  1.00 39.08 ? 1789 HOH A O   1 
HETATM 1234 O O   . HOH C 3 .   ? -7.993  11.069  0.470   1.00 42.38 ? 1790 HOH A O   1 
HETATM 1235 O O   . HOH C 3 .   ? 16.162  -16.908 14.430  1.00 40.05 ? 1791 HOH A O   1 
HETATM 1236 O O   . HOH C 3 .   ? -0.856  -0.857  19.519  0.50 11.50 ? 1792 HOH A O   1 
HETATM 1237 O O   . HOH C 3 .   ? 4.941   -13.540 12.177  1.00 23.62 ? 1793 HOH A O   1 
HETATM 1238 O O   . HOH C 3 .   ? 11.436  -1.023  -4.986  1.00 30.05 ? 1794 HOH A O   1 
HETATM 1239 O O   . HOH C 3 .   ? 9.823   -0.154  -10.754 1.00 34.80 ? 1795 HOH A O   1 
HETATM 1240 O O   . HOH C 3 .   ? 7.358   -12.298 11.620  1.00 24.74 ? 1796 HOH A O   1 
# 
